data_9KCL
#
_entry.id   9KCL
#
_cell.length_a   1.00
_cell.length_b   1.00
_cell.length_c   1.00
_cell.angle_alpha   90.00
_cell.angle_beta   90.00
_cell.angle_gamma   90.00
#
_symmetry.space_group_name_H-M   'P 1'
#
loop_
_entity.id
_entity.type
_entity.pdbx_description
1 polymer 'Sodium/potassium-transporting ATPase subunit alpha-1'
2 polymer 'Sodium/potassium-transporting ATPase subunit beta-3'
3 polymer 'Protein NDRG3'
4 non-polymer 'SODIUM ION'
5 non-polymer 'PHOSPHOMETHYLPHOSPHONIC ACID ADENYLATE ESTER'
6 water water
#
loop_
_entity_poly.entity_id
_entity_poly.type
_entity_poly.pdbx_seq_one_letter_code
_entity_poly.pdbx_strand_id
1 'polypeptide(L)'
;VSMDDHKLSLDELHRKYGTDLSRGLTSARAAEILARDGPNALTPPPTTPEWIKFCRQLFGGFSMLLWIGAILCFLAYSIQ
AATEEEPQNDNLYLGVVLSAVVIITGCFSYYQEAKSSKIMESFKNMVPQQALVIRNGEKMSINAEEVVVGDLVEVKGGDR
IPADLRIISANGCKVDNSSLTGESEPQTRSPDFTNENPLETRNIAFFSTNCVEGTARGIVVYTGDRTVMGRIATLASGLE
GGQTPIAAEIEHFIHIITGVAVFLGVSFFILSLILEYTWLEAVIFLIGIIVANVPEGLLATVTVCLTLTAKRMARKNCLV
KNLEAVETLGSTSTICSDKTGTLTQNRMTVAHMWFDNQIHEADTTENQSGVSFDKTSATWLALSRIAGLCNRAVFQANQE
NLPILKRAVAGDASESALLKCIELCCGSVKEMRERYAKIVEIPFNSTNKYQLSIHKNPNTSEPQHLLVMKGAPERILDRC
SSILLHGKEQPLDEELKDAFQNAYLELGGLGERVLGFCHLFLPDEQFPEGFQFDTDDVNFPIDNLCFVGLISMIDPPRAA
VPDAVGKCRSAGIKVIMVTGDHPITAKAIAKGVGIISEGNETVEDIAARLNIPVSQVNPRDAKACVVHGSDLKDMTSEQL
DDILKYHTEIVFARTSPQQKLIIVEGCQRQGAIVAVTGDGVNDSPALKKADIGVAMGIAGSDVSKQAADMILLDDNFASI
VTGVEEGRLIFDNLKKSIAYTLTSNIPEITPFLIFIIANIPLPLGTVTILCIDLGTDMVPAISLAYEQAESDIMKRQPRN
PKTDKLVNERLISMAYGQIGMIQALGGFFTYFVILAENGFLPIHLLGLRVDWDDRWINDVEDSYGQQWTYEQRKIVEFTC
HTAFFVSIVVVQWADLVICKTRRNSVFQQGMKNKILIFGLFEETALAAFLSYCPGMGVALRMYPLKPTWWFCAFPYSLLI
FVYDKVRKLIIRRRPGGWVEKETYY
;
A
2 'polypeptide(L)'
;MTKNEKKSLNQSLAEWKLFIYNPTTGEFLGRTAKSWGLILLFYLVFYGFLAALFSFTMWVMLQTLNDEVPKYRDQIPSPG
LMVFPKPVTALEYTFSRSDPTSYAGYIEDLKKFLKPYTLEEQKNLTVCPDGALFEQKGPVYVACQFPISLLQACSGMNDP
DFGYSQGNPCILVKMNRIIGLKPEGVPRIDCVSKNEDIPNVAVYPHNGMIDLKYFPYYGKKLHVGYLQPLVAVQVSFAPN
NTGKEVTVECKIDGSANLKSQDDRDKFLGRVMFKITARA
;
B
3 'polypeptide(L)'
;CQEHDIETTHGVVHVTIRGLPKGNRPVILTYHDIGLNHKSCFNAFFNFEDMQEITQHFAVCHVDAPGQQEGAPSFPTGYQ
YPTMDELAEMLPPVLTHLSLKSIIGIGVGAGAYILSRFALNHPELVEGLVLINVDPCAKGWIDWAASKLSGLTTNVVDII
LAHHFGQEELQANLDLIQTYRMHIAQDINQDNLQLFLNSYNGRRDLEIERPILGQNDNKSKTLKCSTLLVVGDNSPAVEA
VVECNSRLNPINTTLLKMADCGGLPQVVQPGKLTEAFKYFLQGMGYIPSASMTRLARS
;
N
#
loop_
_chem_comp.id
_chem_comp.type
_chem_comp.name
_chem_comp.formula
ACP non-polymer 'PHOSPHOMETHYLPHOSPHONIC ACID ADENYLATE ESTER' 'C11 H18 N5 O12 P3'
NA non-polymer 'SODIUM ION' 'Na 1'
#
# COMPACT_ATOMS: atom_id res chain seq x y z
N VAL A 1 29.93 -41.52 4.40
CA VAL A 1 30.59 -40.49 5.17
C VAL A 1 29.87 -40.28 6.51
N SER A 2 30.58 -40.51 7.61
CA SER A 2 30.03 -40.30 8.94
C SER A 2 30.72 -39.16 9.67
N MET A 3 32.03 -39.28 9.91
CA MET A 3 32.89 -38.20 10.39
C MET A 3 32.20 -37.36 11.48
N ASP A 4 31.89 -38.01 12.59
CA ASP A 4 31.20 -37.34 13.69
C ASP A 4 31.86 -37.70 15.03
N ASP A 5 31.42 -37.01 16.07
CA ASP A 5 31.97 -37.16 17.43
C ASP A 5 31.02 -37.95 18.33
N HIS A 6 30.28 -38.89 17.77
CA HIS A 6 29.31 -39.65 18.56
C HIS A 6 30.00 -40.48 19.64
N LYS A 7 30.82 -41.46 19.23
CA LYS A 7 31.48 -42.34 20.18
C LYS A 7 32.66 -41.69 20.89
N LEU A 8 33.10 -40.53 20.42
CA LEU A 8 34.19 -39.81 21.07
C LEU A 8 33.69 -39.24 22.40
N SER A 9 34.32 -39.67 23.50
CA SER A 9 33.83 -39.31 24.82
C SER A 9 34.08 -37.83 25.11
N LEU A 10 33.65 -37.40 26.31
CA LEU A 10 33.65 -35.99 26.67
C LEU A 10 35.05 -35.42 26.81
N ASP A 11 36.04 -36.22 27.22
CA ASP A 11 37.37 -35.67 27.47
C ASP A 11 38.00 -35.16 26.19
N GLU A 12 37.81 -35.87 25.07
CA GLU A 12 38.41 -35.44 23.82
C GLU A 12 37.75 -34.17 23.27
N LEU A 13 36.47 -33.94 23.59
CA LEU A 13 35.81 -32.72 23.18
C LEU A 13 36.52 -31.50 23.75
N HIS A 14 36.93 -31.58 25.02
CA HIS A 14 37.74 -30.52 25.61
C HIS A 14 39.08 -30.37 24.91
N ARG A 15 39.55 -31.42 24.24
CA ARG A 15 40.81 -31.39 23.51
C ARG A 15 40.62 -31.16 22.02
N LYS A 16 39.66 -31.84 21.39
CA LYS A 16 39.46 -31.73 19.95
C LYS A 16 39.02 -30.32 19.55
N TYR A 17 38.39 -29.58 20.47
CA TYR A 17 37.92 -28.24 20.18
C TYR A 17 38.47 -27.17 21.11
N GLY A 18 39.18 -27.54 22.17
CA GLY A 18 39.76 -26.56 23.06
C GLY A 18 38.75 -25.70 23.81
N THR A 19 37.65 -26.31 24.24
CA THR A 19 36.61 -25.62 25.01
C THR A 19 36.31 -26.42 26.26
N ASP A 20 36.27 -25.75 27.41
CA ASP A 20 35.91 -26.42 28.64
C ASP A 20 34.40 -26.54 28.73
N LEU A 21 33.91 -27.72 29.09
CA LEU A 21 32.48 -28.02 28.98
C LEU A 21 31.73 -27.60 30.24
N SER A 22 31.99 -26.38 30.71
CA SER A 22 31.16 -25.76 31.74
C SER A 22 30.92 -24.27 31.53
N ARG A 23 31.71 -23.60 30.71
CA ARG A 23 31.55 -22.17 30.48
C ARG A 23 31.70 -21.76 29.02
N GLY A 24 32.05 -22.67 28.13
CA GLY A 24 32.19 -22.33 26.72
C GLY A 24 33.40 -21.47 26.43
N LEU A 25 33.79 -21.41 25.17
CA LEU A 25 34.96 -20.63 24.80
C LEU A 25 34.69 -19.14 24.97
N THR A 26 35.77 -18.36 25.06
CA THR A 26 35.67 -16.93 25.27
C THR A 26 35.23 -16.23 23.99
N SER A 27 34.83 -14.97 24.15
CA SER A 27 34.32 -14.19 23.03
C SER A 27 35.40 -13.99 21.96
N ALA A 28 36.63 -13.70 22.38
CA ALA A 28 37.71 -13.49 21.42
C ALA A 28 37.99 -14.75 20.62
N ARG A 29 38.04 -15.90 21.30
CA ARG A 29 38.26 -17.17 20.60
C ARG A 29 37.10 -17.46 19.65
N ALA A 30 35.87 -17.18 20.08
CA ALA A 30 34.72 -17.39 19.21
C ALA A 30 34.82 -16.54 17.95
N ALA A 31 35.18 -15.26 18.10
CA ALA A 31 35.30 -14.39 16.95
C ALA A 31 36.43 -14.85 16.03
N GLU A 32 37.55 -15.28 16.61
CA GLU A 32 38.66 -15.75 15.79
C GLU A 32 38.27 -16.99 14.97
N ILE A 33 37.55 -17.94 15.59
CA ILE A 33 37.13 -19.12 14.86
C ILE A 33 36.09 -18.75 13.82
N LEU A 34 35.22 -17.78 14.13
CA LEU A 34 34.22 -17.33 13.16
C LEU A 34 34.87 -16.70 11.94
N ALA A 35 35.97 -15.96 12.14
CA ALA A 35 36.61 -15.24 11.05
C ALA A 35 37.18 -16.17 9.99
N ARG A 36 37.54 -17.41 10.34
CA ARG A 36 38.19 -18.32 9.41
C ARG A 36 37.27 -19.41 8.88
N ASP A 37 36.02 -19.46 9.33
CA ASP A 37 35.06 -20.46 8.88
C ASP A 37 33.83 -19.86 8.20
N GLY A 38 33.43 -18.66 8.61
CA GLY A 38 32.27 -18.02 8.05
C GLY A 38 31.06 -18.16 8.94
N PRO A 39 29.97 -17.48 8.59
CA PRO A 39 28.75 -17.59 9.39
C PRO A 39 28.23 -19.01 9.43
N ASN A 40 27.58 -19.35 10.55
CA ASN A 40 27.08 -20.72 10.73
C ASN A 40 26.03 -21.06 9.68
N ALA A 41 25.00 -20.23 9.54
CA ALA A 41 23.91 -20.51 8.63
C ALA A 41 24.18 -19.87 7.28
N LEU A 42 25.16 -20.43 6.58
CA LEU A 42 25.49 -19.91 5.25
C LEU A 42 24.53 -20.47 4.21
N THR A 43 24.60 -21.79 3.97
CA THR A 43 23.76 -22.55 3.02
C THR A 43 23.38 -21.71 1.81
N PRO A 44 24.33 -21.23 1.02
CA PRO A 44 24.01 -20.25 -0.02
C PRO A 44 23.52 -20.93 -1.28
N PRO A 45 22.37 -20.51 -1.80
CA PRO A 45 21.89 -21.03 -3.09
C PRO A 45 22.36 -20.14 -4.23
N PRO A 46 22.26 -20.60 -5.47
CA PRO A 46 22.62 -19.77 -6.62
C PRO A 46 21.54 -18.74 -6.93
N THR A 47 21.81 -17.91 -7.93
CA THR A 47 20.89 -16.85 -8.32
C THR A 47 20.93 -16.65 -9.82
N THR A 48 19.86 -16.07 -10.34
CA THR A 48 19.79 -15.74 -11.76
C THR A 48 20.74 -14.57 -12.05
N PRO A 49 21.51 -14.63 -13.15
CA PRO A 49 22.56 -13.64 -13.38
C PRO A 49 22.09 -12.19 -13.51
N GLU A 50 20.78 -11.96 -13.38
CA GLU A 50 20.18 -10.64 -13.31
C GLU A 50 20.16 -9.94 -14.67
N TRP A 51 20.82 -10.51 -15.66
CA TRP A 51 20.61 -10.07 -17.04
C TRP A 51 19.70 -11.01 -17.81
N ILE A 52 19.57 -12.26 -17.38
CA ILE A 52 18.51 -13.11 -17.88
C ILE A 52 17.15 -12.58 -17.43
N LYS A 53 17.09 -12.01 -16.22
CA LYS A 53 15.83 -11.44 -15.73
C LYS A 53 15.42 -10.22 -16.52
N PHE A 54 16.35 -9.53 -17.16
CA PHE A 54 16.06 -8.40 -18.03
C PHE A 54 15.80 -8.81 -19.46
N CYS A 55 16.53 -9.81 -19.96
CA CYS A 55 16.26 -10.34 -21.29
C CYS A 55 14.92 -11.05 -21.36
N ARG A 56 14.47 -11.66 -20.27
CA ARG A 56 13.14 -12.27 -20.26
C ARG A 56 12.05 -11.21 -20.29
N GLN A 57 12.28 -10.06 -19.64
CA GLN A 57 11.32 -8.97 -19.72
C GLN A 57 11.31 -8.33 -21.10
N LEU A 58 12.48 -8.19 -21.73
CA LEU A 58 12.53 -7.63 -23.08
C LEU A 58 11.85 -8.56 -24.09
N PHE A 59 12.36 -9.80 -24.20
CA PHE A 59 11.85 -10.76 -25.18
C PHE A 59 10.96 -11.76 -24.44
N GLY A 60 9.70 -11.38 -24.26
CA GLY A 60 8.78 -12.25 -23.56
C GLY A 60 7.38 -11.69 -23.44
N GLY A 61 6.39 -12.54 -23.67
CA GLY A 61 5.00 -12.12 -23.61
C GLY A 61 4.55 -11.61 -24.95
N PHE A 62 3.94 -10.42 -24.96
CA PHE A 62 3.53 -9.76 -26.19
C PHE A 62 4.55 -8.75 -26.69
N SER A 63 5.72 -8.66 -26.06
CA SER A 63 6.81 -7.88 -26.62
C SER A 63 7.38 -8.54 -27.86
N MET A 64 7.17 -9.85 -28.02
CA MET A 64 7.61 -10.52 -29.23
C MET A 64 6.83 -10.02 -30.45
N LEU A 65 5.57 -9.61 -30.26
CA LEU A 65 4.83 -9.01 -31.36
C LEU A 65 5.47 -7.71 -31.83
N LEU A 66 5.89 -6.87 -30.88
CA LEU A 66 6.55 -5.63 -31.26
C LEU A 66 7.92 -5.88 -31.87
N TRP A 67 8.64 -6.89 -31.39
CA TRP A 67 9.91 -7.25 -32.04
C TRP A 67 9.67 -7.72 -33.48
N ILE A 68 8.62 -8.51 -33.69
CA ILE A 68 8.28 -8.96 -35.04
C ILE A 68 7.92 -7.77 -35.92
N GLY A 69 7.15 -6.82 -35.38
CA GLY A 69 6.81 -5.64 -36.15
C GLY A 69 8.04 -4.82 -36.53
N ALA A 70 8.97 -4.66 -35.60
CA ALA A 70 10.21 -3.95 -35.90
C ALA A 70 11.02 -4.68 -36.96
N ILE A 71 11.09 -6.01 -36.88
CA ILE A 71 11.82 -6.77 -37.89
C ILE A 71 11.16 -6.61 -39.26
N LEU A 72 9.83 -6.62 -39.30
CA LEU A 72 9.13 -6.43 -40.56
C LEU A 72 9.39 -5.04 -41.13
N CYS A 73 9.38 -4.01 -40.28
CA CYS A 73 9.66 -2.66 -40.76
C CYS A 73 11.08 -2.55 -41.29
N PHE A 74 12.04 -3.18 -40.62
CA PHE A 74 13.42 -3.16 -41.09
C PHE A 74 13.57 -3.91 -42.41
N LEU A 75 12.89 -5.05 -42.57
CA LEU A 75 12.92 -5.77 -43.83
C LEU A 75 12.30 -4.96 -44.96
N ALA A 76 11.17 -4.29 -44.67
CA ALA A 76 10.53 -3.45 -45.67
C ALA A 76 11.45 -2.31 -46.10
N TYR A 77 12.10 -1.66 -45.13
CA TYR A 77 13.02 -0.59 -45.50
C TYR A 77 14.24 -1.12 -46.23
N SER A 78 14.68 -2.34 -45.93
CA SER A 78 15.81 -2.91 -46.64
C SER A 78 15.46 -3.18 -48.10
N ILE A 79 14.32 -3.83 -48.35
CA ILE A 79 13.94 -4.07 -49.73
C ILE A 79 13.65 -2.76 -50.44
N GLN A 80 13.15 -1.75 -49.72
CA GLN A 80 12.88 -0.46 -50.33
C GLN A 80 14.18 0.22 -50.75
N ALA A 81 15.15 0.31 -49.84
CA ALA A 81 16.43 0.93 -50.18
C ALA A 81 17.22 0.12 -51.20
N ALA A 82 16.92 -1.18 -51.33
CA ALA A 82 17.55 -1.97 -52.38
C ALA A 82 16.93 -1.67 -53.75
N THR A 83 15.62 -1.85 -53.86
CA THR A 83 14.95 -1.69 -55.16
C THR A 83 14.99 -0.25 -55.64
N GLU A 84 14.57 0.69 -54.79
CA GLU A 84 14.41 2.09 -55.18
C GLU A 84 15.53 2.93 -54.60
N GLU A 85 16.11 3.80 -55.42
CA GLU A 85 17.12 4.74 -54.96
C GLU A 85 16.45 5.89 -54.22
N GLU A 86 17.14 6.40 -53.20
CA GLU A 86 16.66 7.48 -52.35
C GLU A 86 15.29 7.15 -51.79
N PRO A 87 15.19 6.21 -50.86
CA PRO A 87 13.88 5.81 -50.33
C PRO A 87 13.39 6.77 -49.26
N GLN A 88 12.11 6.60 -48.90
CA GLN A 88 11.54 7.36 -47.80
C GLN A 88 12.01 6.76 -46.48
N ASN A 89 12.55 7.61 -45.60
CA ASN A 89 12.98 7.18 -44.27
C ASN A 89 11.77 7.18 -43.33
N ASP A 90 10.86 6.24 -43.60
CA ASP A 90 9.66 6.09 -42.79
C ASP A 90 9.60 4.72 -42.11
N ASN A 91 9.83 3.64 -42.86
CA ASN A 91 9.87 2.32 -42.24
C ASN A 91 11.01 2.19 -41.24
N LEU A 92 12.15 2.83 -41.54
CA LEU A 92 13.27 2.79 -40.60
C LEU A 92 12.89 3.45 -39.27
N TYR A 93 12.30 4.63 -39.34
CA TYR A 93 11.88 5.31 -38.11
C TYR A 93 10.78 4.55 -37.39
N LEU A 94 9.88 3.92 -38.14
CA LEU A 94 8.84 3.11 -37.52
C LEU A 94 9.43 1.92 -36.77
N GLY A 95 10.40 1.25 -37.37
CA GLY A 95 11.06 0.15 -36.68
C GLY A 95 11.81 0.62 -35.44
N VAL A 96 12.48 1.76 -35.54
CA VAL A 96 13.18 2.31 -34.39
C VAL A 96 12.20 2.64 -33.26
N VAL A 97 11.04 3.19 -33.62
CA VAL A 97 10.03 3.51 -32.61
C VAL A 97 9.50 2.25 -31.94
N LEU A 98 9.23 1.22 -32.72
CA LEU A 98 8.75 -0.03 -32.12
C LEU A 98 9.80 -0.63 -31.19
N SER A 99 11.07 -0.60 -31.60
CA SER A 99 12.14 -1.11 -30.75
C SER A 99 12.25 -0.31 -29.46
N ALA A 100 12.15 1.02 -29.55
CA ALA A 100 12.17 1.84 -28.34
C ALA A 100 11.00 1.50 -27.43
N VAL A 101 9.83 1.20 -28.02
CA VAL A 101 8.67 0.85 -27.21
C VAL A 101 8.92 -0.44 -26.43
N VAL A 102 9.45 -1.47 -27.09
CA VAL A 102 9.73 -2.71 -26.35
C VAL A 102 10.78 -2.47 -25.28
N ILE A 103 11.81 -1.68 -25.60
CA ILE A 103 12.87 -1.45 -24.62
C ILE A 103 12.32 -0.75 -23.38
N ILE A 104 11.50 0.28 -23.58
CA ILE A 104 10.98 1.03 -22.44
C ILE A 104 9.99 0.17 -21.64
N THR A 105 9.16 -0.62 -22.33
CA THR A 105 8.26 -1.51 -21.62
C THR A 105 9.02 -2.53 -20.78
N GLY A 106 10.08 -3.10 -21.33
CA GLY A 106 10.89 -4.03 -20.58
C GLY A 106 11.56 -3.38 -19.39
N CYS A 107 12.04 -2.14 -19.56
CA CYS A 107 12.65 -1.43 -18.45
C CYS A 107 11.64 -1.17 -17.33
N PHE A 108 10.41 -0.80 -17.68
CA PHE A 108 9.38 -0.62 -16.66
C PHE A 108 9.06 -1.93 -15.94
N SER A 109 8.94 -3.02 -16.70
CA SER A 109 8.69 -4.30 -16.07
C SER A 109 9.81 -4.67 -15.12
N TYR A 110 11.06 -4.42 -15.51
CA TYR A 110 12.19 -4.77 -14.66
C TYR A 110 12.23 -3.91 -13.41
N TYR A 111 12.13 -2.59 -13.56
CA TYR A 111 12.02 -1.74 -12.37
C TYR A 111 10.58 -1.58 -11.94
N GLN A 112 9.84 -2.67 -11.98
CA GLN A 112 8.63 -2.84 -11.19
C GLN A 112 8.70 -4.18 -10.48
N GLU A 113 9.42 -5.14 -11.08
CA GLU A 113 9.57 -6.45 -10.45
C GLU A 113 10.72 -6.47 -9.47
N ALA A 114 11.85 -5.82 -9.81
CA ALA A 114 12.95 -5.71 -8.86
C ALA A 114 12.82 -4.48 -7.98
N LYS A 115 11.63 -4.26 -7.49
CA LYS A 115 11.25 -3.43 -6.36
C LYS A 115 10.36 -4.20 -5.41
N SER A 116 9.42 -4.97 -5.96
CA SER A 116 8.67 -5.94 -5.17
C SER A 116 9.59 -7.02 -4.63
N SER A 117 10.56 -7.46 -5.44
CA SER A 117 11.52 -8.44 -4.95
C SER A 117 12.32 -7.89 -3.76
N LYS A 118 12.73 -6.63 -3.81
CA LYS A 118 13.43 -6.00 -2.70
C LYS A 118 12.55 -5.86 -1.46
N ILE A 119 11.30 -5.41 -1.63
CA ILE A 119 10.40 -5.30 -0.49
C ILE A 119 10.18 -6.66 0.14
N MET A 120 9.93 -7.69 -0.67
CA MET A 120 9.64 -9.01 -0.14
C MET A 120 10.86 -9.68 0.46
N GLU A 121 12.06 -9.35 0.00
CA GLU A 121 13.28 -9.87 0.62
C GLU A 121 13.66 -9.11 1.88
N SER A 122 13.16 -7.88 2.04
CA SER A 122 13.41 -7.16 3.28
C SER A 122 12.79 -7.85 4.48
N PHE A 123 11.68 -8.57 4.29
CA PHE A 123 10.98 -9.14 5.42
C PHE A 123 11.76 -10.28 6.06
N LYS A 124 12.50 -11.03 5.26
CA LYS A 124 13.21 -12.19 5.78
C LYS A 124 14.31 -11.81 6.77
N ASN A 125 14.72 -10.54 6.80
CA ASN A 125 15.74 -10.06 7.72
C ASN A 125 15.15 -9.38 8.95
N MET A 126 13.82 -9.34 9.08
CA MET A 126 13.22 -8.66 10.22
C MET A 126 13.33 -9.47 11.50
N VAL A 127 13.24 -10.79 11.40
CA VAL A 127 13.32 -11.66 12.59
C VAL A 127 14.48 -12.62 12.38
N PRO A 128 15.71 -12.23 12.71
CA PRO A 128 16.84 -13.15 12.57
C PRO A 128 16.67 -14.38 13.45
N GLN A 129 17.07 -15.53 12.92
CA GLN A 129 17.10 -16.76 13.71
C GLN A 129 18.26 -16.68 14.69
N GLN A 130 17.95 -16.72 15.98
CA GLN A 130 18.97 -16.55 17.01
C GLN A 130 19.36 -17.89 17.62
N ALA A 131 20.34 -17.82 18.52
CA ALA A 131 20.86 -18.99 19.20
C ALA A 131 21.34 -18.57 20.59
N LEU A 132 21.23 -19.49 21.54
CA LEU A 132 21.70 -19.26 22.90
C LEU A 132 23.02 -19.99 23.09
N VAL A 133 24.08 -19.24 23.35
CA VAL A 133 25.41 -19.79 23.53
C VAL A 133 25.93 -19.41 24.91
N ILE A 134 26.89 -20.18 25.40
CA ILE A 134 27.52 -19.90 26.69
C ILE A 134 28.95 -19.44 26.43
N ARG A 135 29.14 -18.12 26.32
CA ARG A 135 30.45 -17.54 26.11
C ARG A 135 30.82 -16.68 27.31
N ASN A 136 32.06 -16.81 27.77
CA ASN A 136 32.59 -16.04 28.90
C ASN A 136 31.73 -16.26 30.15
N GLY A 137 31.47 -17.53 30.45
CA GLY A 137 30.72 -17.89 31.65
C GLY A 137 29.22 -17.78 31.60
N GLU A 138 28.70 -16.64 31.17
CA GLU A 138 27.25 -16.41 31.12
C GLU A 138 26.70 -16.72 29.73
N LYS A 139 25.38 -16.77 29.66
CA LYS A 139 24.68 -17.08 28.42
C LYS A 139 24.36 -15.78 27.69
N MET A 140 24.77 -15.68 26.43
CA MET A 140 24.49 -14.54 25.59
C MET A 140 23.79 -15.01 24.32
N SER A 141 22.61 -14.46 24.05
CA SER A 141 21.85 -14.82 22.86
C SER A 141 22.38 -14.04 21.67
N ILE A 142 22.80 -14.77 20.62
CA ILE A 142 23.38 -14.16 19.44
C ILE A 142 22.66 -14.69 18.21
N ASN A 143 22.86 -13.99 17.09
CA ASN A 143 22.36 -14.47 15.82
C ASN A 143 22.97 -15.83 15.51
N ALA A 144 22.16 -16.73 14.94
CA ALA A 144 22.65 -18.07 14.66
C ALA A 144 23.84 -18.05 13.72
N GLU A 145 24.00 -16.97 12.95
CA GLU A 145 25.15 -16.86 12.06
C GLU A 145 26.45 -16.76 12.85
N GLU A 146 26.43 -16.05 13.97
CA GLU A 146 27.63 -15.89 14.79
C GLU A 146 28.08 -17.18 15.47
N VAL A 147 27.22 -18.20 15.51
CA VAL A 147 27.60 -19.48 16.11
C VAL A 147 28.73 -20.10 15.31
N VAL A 148 29.68 -20.71 15.99
CA VAL A 148 30.86 -21.28 15.35
C VAL A 148 31.13 -22.67 15.89
N VAL A 149 31.97 -23.41 15.17
CA VAL A 149 32.29 -24.79 15.53
C VAL A 149 33.06 -24.81 16.83
N GLY A 150 32.45 -25.39 17.87
CA GLY A 150 33.14 -25.61 19.13
C GLY A 150 32.60 -24.85 20.33
N ASP A 151 31.58 -24.01 20.19
CA ASP A 151 31.06 -23.28 21.34
C ASP A 151 29.86 -24.02 21.95
N LEU A 152 29.55 -23.68 23.19
CA LEU A 152 28.52 -24.37 23.95
C LEU A 152 27.17 -23.72 23.69
N VAL A 153 26.19 -24.53 23.29
CA VAL A 153 24.89 -24.05 22.88
C VAL A 153 23.81 -24.75 23.71
N GLU A 154 22.90 -23.96 24.27
CA GLU A 154 21.75 -24.48 25.01
C GLU A 154 20.52 -24.46 24.12
N VAL A 155 19.79 -25.57 24.13
CA VAL A 155 18.52 -25.69 23.41
C VAL A 155 17.46 -26.17 24.38
N LYS A 156 16.21 -25.82 24.10
CA LYS A 156 15.09 -26.13 24.97
C LYS A 156 13.89 -26.44 24.11
N GLY A 157 12.71 -26.50 24.72
CA GLY A 157 11.51 -26.81 23.99
C GLY A 157 11.15 -25.70 23.02
N GLY A 158 10.78 -26.10 21.80
CA GLY A 158 10.47 -25.13 20.77
C GLY A 158 11.65 -24.27 20.38
N ASP A 159 12.80 -24.89 20.17
CA ASP A 159 14.03 -24.20 19.81
C ASP A 159 14.63 -24.86 18.59
N ARG A 160 14.73 -24.12 17.49
CA ARG A 160 15.44 -24.63 16.33
C ARG A 160 16.93 -24.75 16.66
N ILE A 161 17.51 -25.88 16.30
CA ILE A 161 18.90 -26.18 16.68
C ILE A 161 19.83 -25.38 15.78
N PRO A 162 20.75 -24.59 16.36
CA PRO A 162 21.59 -23.72 15.53
C PRO A 162 22.49 -24.44 14.56
N ALA A 163 23.02 -25.61 14.94
CA ALA A 163 23.96 -26.36 14.11
C ALA A 163 24.06 -27.77 14.67
N ASP A 164 24.92 -28.58 14.06
CA ASP A 164 25.15 -29.92 14.58
C ASP A 164 25.82 -29.86 15.94
N LEU A 165 25.18 -30.48 16.93
CA LEU A 165 25.63 -30.42 18.32
C LEU A 165 26.06 -31.80 18.77
N ARG A 166 27.19 -31.86 19.47
CA ARG A 166 27.55 -33.04 20.25
C ARG A 166 27.02 -32.83 21.67
N ILE A 167 25.97 -33.56 22.03
CA ILE A 167 25.27 -33.28 23.28
C ILE A 167 26.11 -33.73 24.47
N ILE A 168 26.29 -32.83 25.44
CA ILE A 168 27.06 -33.13 26.64
C ILE A 168 26.22 -33.06 27.90
N SER A 169 25.05 -32.44 27.85
CA SER A 169 24.18 -32.32 29.01
C SER A 169 22.75 -32.20 28.51
N ALA A 170 21.86 -33.05 29.02
CA ALA A 170 20.49 -33.06 28.55
C ALA A 170 19.60 -33.67 29.61
N ASN A 171 18.42 -33.06 29.82
CA ASN A 171 17.37 -33.66 30.62
C ASN A 171 16.07 -33.57 29.82
N GLY A 172 15.87 -34.56 28.95
CA GLY A 172 14.60 -34.76 28.29
C GLY A 172 14.43 -34.18 26.91
N CYS A 173 15.49 -33.71 26.26
CA CYS A 173 15.32 -33.12 24.93
C CYS A 173 14.89 -34.19 23.94
N LYS A 174 13.86 -33.89 23.17
CA LYS A 174 13.36 -34.75 22.11
C LYS A 174 13.32 -33.89 20.85
N VAL A 175 14.17 -34.20 19.90
CA VAL A 175 14.26 -33.41 18.67
C VAL A 175 13.28 -33.94 17.64
N ASP A 176 12.85 -33.06 16.74
CA ASP A 176 11.97 -33.43 15.64
C ASP A 176 12.82 -33.56 14.39
N ASN A 177 13.27 -34.78 14.10
CA ASN A 177 14.17 -35.04 12.98
C ASN A 177 13.43 -35.37 11.69
N SER A 178 12.21 -34.88 11.53
CA SER A 178 11.45 -35.16 10.32
C SER A 178 12.14 -34.58 9.08
N SER A 179 12.94 -33.53 9.26
CA SER A 179 13.61 -32.90 8.13
C SER A 179 14.58 -33.83 7.43
N LEU A 180 15.18 -34.78 8.15
CA LEU A 180 16.08 -35.75 7.55
C LEU A 180 15.56 -37.18 7.63
N THR A 181 15.21 -37.65 8.82
CA THR A 181 14.78 -39.04 8.99
C THR A 181 13.37 -39.29 8.47
N GLY A 182 12.64 -38.26 8.12
CA GLY A 182 11.27 -38.44 7.63
C GLY A 182 10.22 -38.59 8.70
N GLU A 183 10.44 -39.51 9.65
CA GLU A 183 9.50 -39.67 10.76
C GLU A 183 9.48 -38.43 11.63
N SER A 184 8.27 -37.97 11.96
CA SER A 184 8.10 -36.78 12.78
C SER A 184 7.96 -37.08 14.26
N GLU A 185 8.00 -38.34 14.66
CA GLU A 185 7.87 -38.67 16.07
C GLU A 185 9.14 -38.28 16.82
N PRO A 186 9.03 -37.55 17.93
CA PRO A 186 10.24 -37.05 18.60
C PRO A 186 11.13 -38.19 19.08
N GLN A 187 12.44 -37.97 18.98
CA GLN A 187 13.44 -38.93 19.41
C GLN A 187 14.23 -38.33 20.57
N THR A 188 14.35 -39.08 21.66
CA THR A 188 15.03 -38.58 22.84
C THR A 188 16.53 -38.39 22.56
N ARG A 189 17.14 -37.47 23.30
CA ARG A 189 18.54 -37.12 23.12
C ARG A 189 19.22 -37.14 24.49
N SER A 190 20.36 -37.81 24.56
CA SER A 190 21.09 -38.01 25.80
C SER A 190 22.58 -37.83 25.55
N PRO A 191 23.36 -37.46 26.58
CA PRO A 191 24.78 -37.17 26.37
C PRO A 191 25.66 -38.40 26.16
N ASP A 192 25.09 -39.58 25.95
CA ASP A 192 25.86 -40.81 25.85
C ASP A 192 25.80 -41.38 24.45
N PHE A 193 26.81 -42.21 24.14
CA PHE A 193 26.89 -42.85 22.83
C PHE A 193 25.97 -44.06 22.78
N THR A 194 25.14 -44.13 21.74
CA THR A 194 24.09 -45.13 21.65
C THR A 194 24.07 -45.93 20.36
N ASN A 195 24.54 -45.38 19.25
CA ASN A 195 24.51 -46.11 17.99
C ASN A 195 25.71 -45.69 17.14
N GLU A 196 26.17 -46.63 16.31
CA GLU A 196 27.36 -46.39 15.50
C GLU A 196 27.12 -45.28 14.47
N ASN A 197 26.01 -45.35 13.77
CA ASN A 197 25.71 -44.37 12.73
C ASN A 197 25.44 -43.01 13.37
N PRO A 198 26.06 -41.92 12.89
CA PRO A 198 25.75 -40.60 13.46
C PRO A 198 24.29 -40.23 13.39
N LEU A 199 23.60 -40.63 12.32
CA LEU A 199 22.20 -40.30 12.14
C LEU A 199 21.28 -41.05 13.10
N GLU A 200 21.81 -42.04 13.83
CA GLU A 200 20.98 -42.86 14.70
C GLU A 200 21.38 -42.82 16.18
N THR A 201 22.52 -42.23 16.52
CA THR A 201 22.91 -42.16 17.92
C THR A 201 22.09 -41.09 18.65
N ARG A 202 22.30 -40.98 19.95
CA ARG A 202 21.52 -40.10 20.81
C ARG A 202 22.30 -38.90 21.32
N ASN A 203 23.61 -38.86 21.12
CA ASN A 203 24.41 -37.77 21.64
C ASN A 203 24.63 -36.65 20.63
N ILE A 204 24.00 -36.73 19.46
CA ILE A 204 24.14 -35.70 18.44
C ILE A 204 22.75 -35.23 18.03
N ALA A 205 22.58 -33.91 17.97
CA ALA A 205 21.35 -33.29 17.48
C ALA A 205 21.69 -32.49 16.23
N PHE A 206 20.86 -32.61 15.20
CA PHE A 206 21.26 -32.14 13.88
C PHE A 206 20.71 -30.75 13.58
N PHE A 207 21.39 -30.08 12.65
CA PHE A 207 21.05 -28.72 12.26
C PHE A 207 19.69 -28.67 11.59
N SER A 208 19.00 -27.53 11.77
CA SER A 208 17.69 -27.20 11.21
C SER A 208 16.55 -27.97 11.85
N THR A 209 16.81 -28.94 12.72
CA THR A 209 15.77 -29.58 13.50
C THR A 209 15.51 -28.76 14.76
N ASN A 210 14.52 -29.16 15.55
CA ASN A 210 14.21 -28.43 16.78
C ASN A 210 13.86 -29.40 17.89
N CYS A 211 14.36 -29.10 19.09
CA CYS A 211 14.02 -29.89 20.28
C CYS A 211 12.63 -29.44 20.76
N VAL A 212 11.72 -30.40 20.92
CA VAL A 212 10.33 -30.08 21.20
C VAL A 212 9.92 -30.33 22.65
N GLU A 213 10.76 -30.97 23.45
CA GLU A 213 10.47 -31.18 24.86
C GLU A 213 11.77 -31.05 25.63
N GLY A 214 11.73 -30.38 26.77
CA GLY A 214 12.89 -30.32 27.66
C GLY A 214 14.05 -29.55 27.06
N THR A 215 15.17 -29.59 27.77
CA THR A 215 16.35 -28.82 27.42
C THR A 215 17.56 -29.72 27.27
N ALA A 216 18.59 -29.19 26.60
CA ALA A 216 19.82 -29.93 26.36
C ALA A 216 20.95 -28.94 26.12
N ARG A 217 22.17 -29.47 26.09
CA ARG A 217 23.37 -28.68 25.90
C ARG A 217 24.34 -29.44 25.01
N GLY A 218 24.97 -28.76 24.08
CA GLY A 218 25.86 -29.42 23.14
C GLY A 218 26.99 -28.53 22.69
N ILE A 219 27.94 -29.13 21.99
CA ILE A 219 29.09 -28.45 21.42
C ILE A 219 28.94 -28.44 19.91
N VAL A 220 28.93 -27.26 19.31
CA VAL A 220 28.77 -27.16 17.86
C VAL A 220 29.98 -27.79 17.18
N VAL A 221 29.72 -28.67 16.22
CA VAL A 221 30.82 -29.39 15.56
C VAL A 221 30.82 -29.11 14.07
N TYR A 222 29.67 -28.78 13.49
CA TYR A 222 29.55 -28.54 12.06
C TYR A 222 28.67 -27.33 11.80
N THR A 223 29.06 -26.51 10.84
CA THR A 223 28.29 -25.34 10.44
C THR A 223 27.72 -25.55 9.04
N GLY A 224 27.00 -24.53 8.56
CA GLY A 224 26.03 -24.65 7.48
C GLY A 224 26.36 -25.56 6.31
N ASP A 225 27.41 -25.25 5.56
CA ASP A 225 27.76 -26.08 4.42
C ASP A 225 28.33 -27.43 4.81
N ARG A 226 28.82 -27.57 6.05
CA ARG A 226 29.38 -28.81 6.53
C ARG A 226 28.39 -29.64 7.32
N THR A 227 27.21 -29.12 7.61
CA THR A 227 26.22 -29.84 8.39
C THR A 227 25.75 -31.08 7.62
N VAL A 228 25.06 -31.96 8.32
CA VAL A 228 24.45 -33.11 7.66
C VAL A 228 23.36 -32.65 6.71
N MET A 229 22.66 -31.55 7.04
CA MET A 229 21.67 -30.97 6.15
C MET A 229 22.29 -30.16 5.02
N GLY A 230 23.40 -29.46 5.29
CA GLY A 230 24.10 -28.77 4.22
C GLY A 230 24.82 -29.69 3.28
N ARG A 231 25.12 -30.92 3.71
CA ARG A 231 25.72 -31.92 2.85
C ARG A 231 24.71 -32.61 1.94
N ILE A 232 23.42 -32.46 2.23
CA ILE A 232 22.36 -33.06 1.42
C ILE A 232 21.57 -31.96 0.73
N ALA A 233 21.24 -32.20 -0.54
CA ALA A 233 20.45 -31.25 -1.32
C ALA A 233 19.23 -31.94 -1.93
N GLY A 242 -1.93 -24.67 -5.91
CA GLY A 242 -1.13 -23.68 -5.21
C GLY A 242 -1.27 -22.28 -5.78
N GLN A 243 -2.51 -21.85 -5.97
CA GLN A 243 -2.81 -20.53 -6.52
C GLN A 243 -3.92 -19.89 -5.71
N THR A 244 -3.68 -18.67 -5.24
CA THR A 244 -4.66 -17.97 -4.43
C THR A 244 -5.88 -17.59 -5.28
N PRO A 245 -7.04 -17.42 -4.65
CA PRO A 245 -8.24 -17.04 -5.43
C PRO A 245 -8.09 -15.73 -6.17
N ILE A 246 -7.39 -14.74 -5.61
CA ILE A 246 -7.17 -13.49 -6.32
C ILE A 246 -6.32 -13.72 -7.55
N ALA A 247 -5.27 -14.52 -7.42
CA ALA A 247 -4.40 -14.80 -8.55
C ALA A 247 -5.14 -15.53 -9.66
N ALA A 248 -5.94 -16.53 -9.30
CA ALA A 248 -6.72 -17.26 -10.30
C ALA A 248 -7.75 -16.35 -10.97
N GLU A 249 -8.43 -15.51 -10.21
CA GLU A 249 -9.41 -14.61 -10.79
C GLU A 249 -8.76 -13.62 -11.75
N ILE A 250 -7.63 -13.04 -11.37
CA ILE A 250 -6.95 -12.09 -12.24
C ILE A 250 -6.38 -12.79 -13.47
N GLU A 251 -5.89 -14.03 -13.32
CA GLU A 251 -5.43 -14.78 -14.49
C GLU A 251 -6.56 -15.04 -15.47
N HIS A 252 -7.72 -15.44 -14.97
CA HIS A 252 -8.86 -15.69 -15.84
C HIS A 252 -9.31 -14.40 -16.54
N PHE A 253 -9.35 -13.29 -15.80
CA PHE A 253 -9.72 -12.01 -16.39
C PHE A 253 -8.73 -11.58 -17.45
N ILE A 254 -7.43 -11.78 -17.20
CA ILE A 254 -6.40 -11.43 -18.18
C ILE A 254 -6.56 -12.26 -19.44
N HIS A 255 -6.85 -13.56 -19.28
CA HIS A 255 -7.06 -14.40 -20.45
C HIS A 255 -8.26 -13.94 -21.27
N ILE A 256 -9.36 -13.61 -20.60
CA ILE A 256 -10.56 -13.15 -21.32
C ILE A 256 -10.29 -11.85 -22.05
N ILE A 257 -9.65 -10.88 -21.37
CA ILE A 257 -9.39 -9.60 -22.01
C ILE A 257 -8.35 -9.73 -23.11
N THR A 258 -7.42 -10.68 -22.99
CA THR A 258 -6.47 -10.94 -24.07
C THR A 258 -7.18 -11.50 -25.29
N GLY A 259 -8.13 -12.42 -25.09
CA GLY A 259 -8.93 -12.89 -26.21
C GLY A 259 -9.72 -11.77 -26.88
N VAL A 260 -10.32 -10.89 -26.07
CA VAL A 260 -11.03 -9.74 -26.62
C VAL A 260 -10.08 -8.86 -27.42
N ALA A 261 -8.87 -8.64 -26.91
CA ALA A 261 -7.89 -7.82 -27.62
C ALA A 261 -7.51 -8.44 -28.96
N VAL A 262 -7.29 -9.76 -28.98
CA VAL A 262 -6.93 -10.41 -30.23
C VAL A 262 -8.07 -10.34 -31.23
N PHE A 263 -9.31 -10.49 -30.76
CA PHE A 263 -10.46 -10.36 -31.66
C PHE A 263 -10.53 -8.95 -32.25
N LEU A 264 -10.36 -7.93 -31.42
CA LEU A 264 -10.38 -6.56 -31.90
C LEU A 264 -9.25 -6.31 -32.89
N GLY A 265 -8.07 -6.84 -32.61
CA GLY A 265 -6.96 -6.68 -33.53
C GLY A 265 -7.22 -7.31 -34.87
N VAL A 266 -7.78 -8.52 -34.89
CA VAL A 266 -8.09 -9.18 -36.15
C VAL A 266 -9.14 -8.40 -36.94
N SER A 267 -10.20 -7.96 -36.26
CA SER A 267 -11.25 -7.23 -36.97
C SER A 267 -10.74 -5.90 -37.51
N PHE A 268 -9.92 -5.19 -36.74
CA PHE A 268 -9.35 -3.94 -37.22
C PHE A 268 -8.37 -4.16 -38.36
N PHE A 269 -7.60 -5.25 -38.32
CA PHE A 269 -6.71 -5.57 -39.42
C PHE A 269 -7.48 -5.79 -40.71
N ILE A 270 -8.57 -6.56 -40.64
CA ILE A 270 -9.37 -6.81 -41.83
C ILE A 270 -10.00 -5.52 -42.33
N LEU A 271 -10.54 -4.71 -41.42
CA LEU A 271 -11.17 -3.45 -41.82
C LEU A 271 -10.17 -2.50 -42.46
N SER A 272 -8.96 -2.42 -41.91
CA SER A 272 -7.93 -1.56 -42.48
C SER A 272 -7.50 -2.04 -43.86
N LEU A 273 -7.39 -3.36 -44.04
CA LEU A 273 -7.13 -3.88 -45.38
C LEU A 273 -8.25 -3.50 -46.34
N ILE A 274 -9.49 -3.45 -45.86
CA ILE A 274 -10.59 -3.01 -46.70
C ILE A 274 -10.46 -1.54 -47.05
N LEU A 275 -9.91 -0.72 -46.15
CA LEU A 275 -9.75 0.71 -46.37
C LEU A 275 -8.45 1.05 -47.09
N GLU A 276 -7.91 0.14 -47.89
CA GLU A 276 -6.76 0.41 -48.76
C GLU A 276 -5.50 0.72 -47.95
N TYR A 277 -5.26 -0.08 -46.91
CA TYR A 277 -4.00 -0.03 -46.17
C TYR A 277 -2.97 -0.91 -46.88
N THR A 278 -1.73 -0.47 -46.86
CA THR A 278 -0.65 -1.34 -47.30
C THR A 278 -0.52 -2.49 -46.30
N TRP A 279 0.00 -3.62 -46.78
CA TRP A 279 0.11 -4.78 -45.92
C TRP A 279 1.03 -4.51 -44.73
N LEU A 280 2.15 -3.82 -44.97
CA LEU A 280 3.02 -3.46 -43.86
C LEU A 280 2.36 -2.47 -42.90
N GLU A 281 1.42 -1.68 -43.38
CA GLU A 281 0.69 -0.77 -42.50
C GLU A 281 -0.38 -1.50 -41.69
N ALA A 282 -1.13 -2.39 -42.34
CA ALA A 282 -2.18 -3.13 -41.66
C ALA A 282 -1.62 -4.10 -40.64
N VAL A 283 -0.49 -4.74 -40.95
CA VAL A 283 0.12 -5.67 -40.00
C VAL A 283 0.59 -4.94 -38.75
N ILE A 284 1.25 -3.80 -38.93
CA ILE A 284 1.68 -3.01 -37.77
C ILE A 284 0.48 -2.49 -36.99
N PHE A 285 -0.59 -2.10 -37.69
CA PHE A 285 -1.80 -1.67 -37.00
C PHE A 285 -2.38 -2.80 -36.15
N LEU A 286 -2.40 -4.02 -36.70
CA LEU A 286 -2.86 -5.18 -35.95
C LEU A 286 -2.00 -5.42 -34.70
N ILE A 287 -0.68 -5.48 -34.88
CA ILE A 287 0.20 -5.77 -33.74
C ILE A 287 0.28 -4.63 -32.75
N GLY A 288 -0.16 -3.43 -33.12
CA GLY A 288 -0.19 -2.34 -32.18
C GLY A 288 -1.50 -2.28 -31.42
N ILE A 289 -2.61 -2.52 -32.13
CA ILE A 289 -3.92 -2.51 -31.49
C ILE A 289 -4.17 -3.77 -30.68
N ILE A 290 -3.36 -4.82 -30.87
CA ILE A 290 -3.40 -5.96 -29.96
C ILE A 290 -2.56 -5.70 -28.71
N VAL A 291 -1.34 -5.18 -28.91
CA VAL A 291 -0.44 -4.93 -27.78
C VAL A 291 -1.04 -3.88 -26.85
N ALA A 292 -1.59 -2.81 -27.40
CA ALA A 292 -2.14 -1.75 -26.57
C ALA A 292 -3.40 -2.16 -25.83
N ASN A 293 -3.99 -3.29 -26.17
CA ASN A 293 -5.25 -3.73 -25.57
C ASN A 293 -5.10 -4.86 -24.57
N VAL A 294 -4.07 -5.70 -24.69
CA VAL A 294 -3.86 -6.74 -23.68
C VAL A 294 -3.40 -6.09 -22.39
N PRO A 295 -3.75 -6.63 -21.22
CA PRO A 295 -3.41 -5.98 -19.94
C PRO A 295 -2.01 -6.36 -19.47
N GLU A 296 -1.01 -5.85 -20.18
CA GLU A 296 0.38 -6.09 -19.79
C GLU A 296 0.69 -5.36 -18.50
N GLY A 297 1.39 -6.04 -17.60
CA GLY A 297 1.75 -5.45 -16.33
C GLY A 297 0.66 -5.47 -15.28
N LEU A 298 -0.45 -6.18 -15.52
CA LEU A 298 -1.49 -6.27 -14.51
C LEU A 298 -1.07 -7.17 -13.36
N LEU A 299 -0.40 -8.29 -13.67
CA LEU A 299 0.12 -9.13 -12.60
C LEU A 299 1.21 -8.41 -11.83
N ALA A 300 2.04 -7.62 -12.51
CA ALA A 300 3.03 -6.81 -11.83
C ALA A 300 2.36 -5.78 -10.92
N THR A 301 1.27 -5.18 -11.37
CA THR A 301 0.57 -4.20 -10.56
C THR A 301 -0.03 -4.82 -9.30
N VAL A 302 -0.63 -6.00 -9.43
CA VAL A 302 -1.20 -6.64 -8.24
C VAL A 302 -0.10 -7.13 -7.32
N THR A 303 1.04 -7.55 -7.86
CA THR A 303 2.17 -7.90 -7.01
C THR A 303 2.67 -6.68 -6.25
N VAL A 304 2.72 -5.52 -6.91
CA VAL A 304 3.12 -4.29 -6.26
C VAL A 304 2.14 -3.94 -5.15
N CYS A 305 0.85 -4.08 -5.41
CA CYS A 305 -0.16 -3.79 -4.39
C CYS A 305 0.01 -4.71 -3.18
N LEU A 306 0.17 -6.02 -3.42
CA LEU A 306 0.32 -6.96 -2.33
C LEU A 306 1.58 -6.69 -1.52
N THR A 307 2.70 -6.43 -2.20
CA THR A 307 3.95 -6.19 -1.48
C THR A 307 3.92 -4.87 -0.74
N LEU A 308 3.28 -3.85 -1.30
CA LEU A 308 3.14 -2.57 -0.60
C LEU A 308 2.30 -2.73 0.66
N THR A 309 1.19 -3.47 0.58
CA THR A 309 0.38 -3.66 1.77
C THR A 309 1.09 -4.53 2.80
N ALA A 310 1.87 -5.52 2.35
CA ALA A 310 2.66 -6.31 3.28
C ALA A 310 3.71 -5.46 3.97
N LYS A 311 4.33 -4.54 3.23
CA LYS A 311 5.30 -3.63 3.82
C LYS A 311 4.64 -2.68 4.82
N ARG A 312 3.45 -2.19 4.50
CA ARG A 312 2.81 -1.21 5.38
C ARG A 312 2.30 -1.84 6.66
N MET A 313 1.85 -3.09 6.61
CA MET A 313 1.41 -3.76 7.84
C MET A 313 2.58 -4.20 8.69
N ALA A 314 3.72 -4.51 8.06
CA ALA A 314 4.93 -4.82 8.83
C ALA A 314 5.41 -3.61 9.61
N ARG A 315 5.12 -2.41 9.13
CA ARG A 315 5.37 -1.19 9.91
C ARG A 315 4.45 -1.09 11.11
N LYS A 316 3.33 -1.81 11.09
CA LYS A 316 2.38 -1.86 12.19
C LYS A 316 2.51 -3.15 12.98
N ASN A 317 3.69 -3.79 12.94
CA ASN A 317 4.01 -4.97 13.74
C ASN A 317 3.14 -6.18 13.37
N CYS A 318 3.08 -6.45 12.07
CA CYS A 318 2.41 -7.65 11.55
C CYS A 318 3.27 -8.15 10.39
N LEU A 319 4.08 -9.17 10.64
CA LEU A 319 5.05 -9.65 9.67
C LEU A 319 4.50 -10.90 8.98
N VAL A 320 4.08 -10.73 7.72
CA VAL A 320 3.56 -11.85 6.95
C VAL A 320 4.72 -12.62 6.32
N LYS A 321 4.59 -13.94 6.29
CA LYS A 321 5.63 -14.79 5.74
C LYS A 321 5.44 -15.08 4.25
N ASN A 322 4.31 -14.69 3.68
CA ASN A 322 4.05 -14.86 2.25
C ASN A 322 2.97 -13.87 1.85
N LEU A 323 2.81 -13.67 0.54
CA LEU A 323 1.80 -12.75 0.05
C LEU A 323 0.40 -13.36 0.04
N GLU A 324 0.29 -14.68 0.21
CA GLU A 324 -1.02 -15.28 0.37
C GLU A 324 -1.64 -14.96 1.73
N ALA A 325 -0.81 -14.70 2.74
CA ALA A 325 -1.33 -14.27 4.03
C ALA A 325 -1.93 -12.88 3.95
N VAL A 326 -1.44 -12.03 3.05
CA VAL A 326 -1.95 -10.67 2.94
C VAL A 326 -3.41 -10.67 2.51
N GLU A 327 -3.75 -11.49 1.51
CA GLU A 327 -5.12 -11.54 1.04
C GLU A 327 -6.04 -12.32 1.96
N THR A 328 -5.51 -13.31 2.67
CA THR A 328 -6.32 -14.06 3.62
C THR A 328 -6.59 -13.26 4.89
N LEU A 329 -5.64 -12.44 5.32
CA LEU A 329 -5.81 -11.61 6.50
C LEU A 329 -6.89 -10.55 6.31
N GLY A 330 -7.29 -10.27 5.08
CA GLY A 330 -8.40 -9.37 4.83
C GLY A 330 -9.76 -10.01 4.82
N SER A 331 -9.83 -11.35 4.79
CA SER A 331 -11.07 -12.09 4.79
C SER A 331 -11.39 -12.69 6.14
N THR A 332 -10.71 -12.27 7.20
CA THR A 332 -10.87 -12.88 8.51
C THR A 332 -12.28 -12.67 9.04
N SER A 333 -12.86 -13.72 9.61
CA SER A 333 -14.16 -13.64 10.25
C SER A 333 -14.17 -14.22 11.65
N THR A 334 -13.03 -14.68 12.17
CA THR A 334 -12.93 -15.19 13.53
C THR A 334 -11.47 -15.05 13.97
N ILE A 335 -11.27 -14.67 15.23
CA ILE A 335 -9.95 -14.54 15.82
C ILE A 335 -9.95 -15.26 17.16
N CYS A 336 -9.30 -16.42 17.21
CA CYS A 336 -9.15 -17.16 18.47
C CYS A 336 -7.85 -16.70 19.12
N SER A 337 -7.96 -15.93 20.19
CA SER A 337 -6.82 -15.29 20.82
C SER A 337 -6.61 -15.84 22.22
N ASP A 338 -5.40 -15.62 22.74
CA ASP A 338 -5.01 -16.05 24.07
C ASP A 338 -4.99 -14.86 25.02
N LYS A 339 -5.43 -15.08 26.25
CA LYS A 339 -5.50 -13.98 27.21
C LYS A 339 -4.13 -13.39 27.52
N THR A 340 -3.25 -14.18 28.12
CA THR A 340 -2.01 -13.65 28.68
C THR A 340 -1.00 -13.38 27.58
N GLY A 341 -0.48 -12.16 27.57
CA GLY A 341 0.48 -11.75 26.55
C GLY A 341 -0.13 -11.07 25.35
N THR A 342 -1.19 -11.66 24.79
CA THR A 342 -1.83 -11.11 23.61
C THR A 342 -2.87 -10.07 23.99
N LEU A 343 -3.85 -10.47 24.81
CA LEU A 343 -4.90 -9.55 25.25
C LEU A 343 -4.55 -8.80 26.52
N THR A 344 -3.52 -9.22 27.25
CA THR A 344 -3.06 -8.55 28.45
C THR A 344 -1.57 -8.29 28.33
N GLN A 345 -1.10 -7.28 29.07
CA GLN A 345 0.26 -6.77 28.91
C GLN A 345 1.33 -7.77 29.33
N ASN A 346 0.97 -8.82 30.07
CA ASN A 346 1.93 -9.80 30.56
C ASN A 346 2.99 -9.14 31.45
N ARG A 347 2.60 -8.07 32.13
CA ARG A 347 3.42 -7.39 33.13
C ARG A 347 2.62 -7.41 34.42
N MET A 348 2.85 -8.42 35.26
CA MET A 348 2.04 -8.67 36.43
C MET A 348 2.69 -8.12 37.69
N THR A 349 1.85 -7.66 38.61
CA THR A 349 2.30 -7.19 39.91
C THR A 349 1.42 -7.80 40.98
N VAL A 350 2.03 -8.37 42.01
CA VAL A 350 1.27 -9.00 43.09
C VAL A 350 0.49 -7.93 43.85
N ALA A 351 -0.80 -8.17 44.04
CA ALA A 351 -1.67 -7.18 44.68
C ALA A 351 -2.51 -7.72 45.82
N HIS A 352 -2.70 -9.04 45.93
CA HIS A 352 -3.49 -9.60 47.02
C HIS A 352 -2.92 -10.96 47.40
N MET A 353 -3.17 -11.34 48.65
CA MET A 353 -2.81 -12.67 49.14
C MET A 353 -3.99 -13.22 49.93
N TRP A 354 -4.04 -14.54 50.03
CA TRP A 354 -5.04 -15.20 50.85
C TRP A 354 -4.39 -16.47 51.41
N PHE A 355 -3.90 -16.39 52.64
CA PHE A 355 -3.32 -17.55 53.32
C PHE A 355 -4.17 -18.01 54.50
N ASP A 356 -4.52 -17.10 55.41
CA ASP A 356 -5.50 -17.40 56.44
C ASP A 356 -6.89 -17.23 55.83
N ASN A 357 -7.92 -17.24 56.66
CA ASN A 357 -9.27 -17.01 56.15
C ASN A 357 -9.54 -15.52 56.03
N GLN A 358 -8.64 -14.81 55.34
CA GLN A 358 -8.79 -13.38 55.12
C GLN A 358 -7.98 -12.99 53.90
N ILE A 359 -8.49 -12.02 53.15
CA ILE A 359 -7.81 -11.51 51.96
C ILE A 359 -6.87 -10.39 52.39
N HIS A 360 -5.58 -10.59 52.20
CA HIS A 360 -4.56 -9.63 52.62
C HIS A 360 -4.04 -8.88 51.41
N GLU A 361 -3.93 -7.56 51.55
CA GLU A 361 -3.50 -6.70 50.46
C GLU A 361 -1.98 -6.62 50.41
N ALA A 362 -1.47 -6.16 49.26
CA ALA A 362 -0.05 -5.91 49.07
C ALA A 362 0.12 -4.64 48.27
N ASP A 363 1.26 -3.98 48.46
CA ASP A 363 1.53 -2.72 47.77
C ASP A 363 3.03 -2.52 47.61
N THR A 364 3.38 -1.59 46.73
CA THR A 364 4.75 -1.20 46.43
C THR A 364 5.28 -0.26 47.50
N THR A 365 6.39 0.43 47.21
CA THR A 365 6.96 1.44 48.11
C THR A 365 7.37 0.81 49.44
N GLU A 366 8.48 0.07 49.37
CA GLU A 366 9.01 -0.81 50.41
C GLU A 366 8.75 -0.34 51.84
N ASN A 367 8.94 0.96 52.10
CA ASN A 367 8.68 1.51 53.42
C ASN A 367 7.26 1.18 53.89
N GLN A 368 7.07 1.24 55.21
CA GLN A 368 5.83 0.93 55.91
C GLN A 368 5.29 -0.46 55.56
N SER A 369 6.11 -1.32 54.96
CA SER A 369 5.77 -2.70 54.58
C SER A 369 4.77 -2.73 53.44
N GLY A 370 4.28 -1.56 53.04
CA GLY A 370 3.47 -1.39 51.85
C GLY A 370 2.03 -1.00 52.12
N VAL A 371 1.33 -1.71 52.99
CA VAL A 371 0.08 -1.17 53.54
C VAL A 371 0.05 -1.27 55.06
N SER A 372 -0.09 -2.49 55.58
CA SER A 372 -0.15 -2.68 57.02
C SER A 372 0.39 -4.01 57.53
N PHE A 373 0.90 -4.90 56.69
CA PHE A 373 1.18 -6.27 57.11
C PHE A 373 2.65 -6.61 56.90
N ASP A 374 3.13 -7.57 57.69
CA ASP A 374 4.56 -7.88 57.76
C ASP A 374 4.72 -9.37 58.02
N LYS A 375 5.94 -9.76 58.40
CA LYS A 375 6.33 -11.16 58.61
C LYS A 375 5.86 -11.72 59.93
N THR A 376 4.81 -11.15 60.54
CA THR A 376 4.36 -11.61 61.85
C THR A 376 3.87 -13.06 61.79
N SER A 377 3.19 -13.43 60.69
CA SER A 377 2.51 -14.72 60.62
C SER A 377 3.41 -15.78 60.00
N ALA A 378 3.52 -16.93 60.69
CA ALA A 378 4.27 -18.05 60.15
C ALA A 378 3.63 -18.58 58.88
N THR A 379 2.31 -18.40 58.71
CA THR A 379 1.69 -18.76 57.45
C THR A 379 2.23 -17.91 56.32
N TRP A 380 2.40 -16.61 56.55
CA TRP A 380 3.01 -15.75 55.54
C TRP A 380 4.47 -16.12 55.31
N LEU A 381 5.18 -16.50 56.38
CA LEU A 381 6.56 -16.96 56.21
C LEU A 381 6.63 -18.16 55.29
N ALA A 382 5.77 -19.16 55.53
CA ALA A 382 5.76 -20.35 54.69
C ALA A 382 5.35 -20.04 53.26
N LEU A 383 4.34 -19.18 53.09
CA LEU A 383 3.89 -18.83 51.75
C LEU A 383 4.99 -18.11 50.96
N SER A 384 5.68 -17.16 51.62
CA SER A 384 6.78 -16.48 50.97
C SER A 384 7.92 -17.43 50.65
N ARG A 385 8.19 -18.38 51.54
CA ARG A 385 9.22 -19.39 51.25
C ARG A 385 8.84 -20.21 50.02
N ILE A 386 7.59 -20.62 49.92
CA ILE A 386 7.14 -21.40 48.76
C ILE A 386 7.27 -20.57 47.48
N ALA A 387 6.83 -19.32 47.53
CA ALA A 387 6.90 -18.46 46.35
C ALA A 387 8.34 -18.24 45.91
N GLY A 388 9.24 -18.02 46.87
CA GLY A 388 10.65 -17.83 46.51
C GLY A 388 11.30 -19.10 45.99
N LEU A 389 11.00 -20.24 46.62
CA LEU A 389 11.68 -21.47 46.25
C LEU A 389 11.22 -22.00 44.89
N CYS A 390 9.91 -22.00 44.64
CA CYS A 390 9.42 -22.62 43.41
C CYS A 390 9.71 -21.76 42.19
N ASN A 391 9.98 -20.47 42.36
CA ASN A 391 10.32 -19.62 41.23
C ASN A 391 11.60 -20.09 40.55
N ARG A 392 11.61 -20.04 39.22
CA ARG A 392 12.83 -20.18 38.44
C ARG A 392 13.41 -18.84 38.03
N ALA A 393 12.70 -17.74 38.30
CA ALA A 393 13.12 -16.43 37.86
C ALA A 393 14.26 -15.90 38.72
N VAL A 394 15.19 -15.20 38.08
CA VAL A 394 16.35 -14.62 38.75
C VAL A 394 16.52 -13.19 38.25
N PHE A 395 16.85 -12.28 39.18
CA PHE A 395 17.18 -10.92 38.79
C PHE A 395 18.43 -10.91 37.92
N GLN A 396 18.42 -10.09 36.88
CA GLN A 396 19.62 -9.90 36.09
C GLN A 396 20.63 -9.09 36.91
N ALA A 397 21.87 -9.58 36.97
CA ALA A 397 22.87 -9.03 37.90
C ALA A 397 23.34 -7.69 37.39
N ASN A 398 22.48 -6.69 37.58
CA ASN A 398 22.75 -5.31 37.17
C ASN A 398 21.63 -4.44 37.73
N GLN A 399 21.81 -3.12 37.59
CA GLN A 399 20.82 -2.14 38.05
C GLN A 399 20.52 -2.31 39.53
N GLU A 400 21.57 -2.54 40.33
CA GLU A 400 21.37 -2.76 41.76
C GLU A 400 20.80 -1.52 42.43
N ASN A 401 21.26 -0.33 42.04
CA ASN A 401 20.72 0.91 42.59
C ASN A 401 19.27 1.12 42.22
N LEU A 402 18.80 0.49 41.15
CA LEU A 402 17.41 0.66 40.73
C LEU A 402 16.46 0.02 41.73
N PRO A 403 15.22 0.48 41.80
CA PRO A 403 14.26 -0.12 42.73
C PRO A 403 14.00 -1.58 42.39
N ILE A 404 13.61 -2.34 43.41
CA ILE A 404 13.40 -3.77 43.23
C ILE A 404 12.35 -4.05 42.17
N LEU A 405 11.23 -3.33 42.24
CA LEU A 405 10.19 -3.51 41.23
C LEU A 405 10.64 -3.03 39.86
N LYS A 406 11.41 -1.94 39.83
CA LYS A 406 11.92 -1.38 38.57
C LYS A 406 13.24 -2.07 38.18
N ARG A 407 13.15 -3.39 38.01
CA ARG A 407 14.33 -4.19 37.69
C ARG A 407 14.10 -5.01 36.44
N ALA A 408 15.06 -5.86 36.09
CA ALA A 408 14.96 -6.75 34.94
C ALA A 408 15.09 -8.18 35.44
N VAL A 409 14.08 -9.01 35.14
CA VAL A 409 14.02 -10.39 35.59
C VAL A 409 13.89 -11.30 34.39
N ALA A 410 14.59 -12.44 34.43
CA ALA A 410 14.52 -13.44 33.37
C ALA A 410 13.64 -14.59 33.85
N GLY A 411 12.48 -14.74 33.21
CA GLY A 411 11.56 -15.82 33.56
C GLY A 411 10.14 -15.44 33.19
N ASP A 412 9.22 -16.30 33.65
CA ASP A 412 7.80 -16.05 33.43
C ASP A 412 7.37 -14.77 34.12
N ALA A 413 6.34 -14.13 33.56
CA ALA A 413 5.83 -12.90 34.14
C ALA A 413 5.24 -13.13 35.53
N SER A 414 4.54 -14.25 35.73
CA SER A 414 4.02 -14.57 37.05
C SER A 414 5.17 -14.84 38.03
N GLU A 415 6.16 -15.62 37.59
CA GLU A 415 7.32 -15.88 38.43
C GLU A 415 8.11 -14.61 38.70
N SER A 416 8.22 -13.72 37.71
CA SER A 416 8.89 -12.45 37.92
C SER A 416 8.15 -11.60 38.95
N ALA A 417 6.81 -11.56 38.86
CA ALA A 417 6.04 -10.80 39.83
C ALA A 417 6.21 -11.38 41.23
N LEU A 418 6.17 -12.70 41.35
CA LEU A 418 6.38 -13.34 42.65
C LEU A 418 7.77 -13.03 43.20
N LEU A 419 8.79 -13.11 42.35
CA LEU A 419 10.14 -12.82 42.79
C LEU A 419 10.28 -11.39 43.27
N LYS A 420 9.73 -10.43 42.52
CA LYS A 420 9.79 -9.04 42.93
C LYS A 420 9.04 -8.81 44.25
N CYS A 421 7.87 -9.44 44.39
CA CYS A 421 7.12 -9.30 45.63
C CYS A 421 7.88 -9.87 46.82
N ILE A 422 8.49 -11.04 46.66
CA ILE A 422 9.22 -11.65 47.76
C ILE A 422 10.47 -10.84 48.08
N GLU A 423 11.13 -10.28 47.06
CA GLU A 423 12.30 -9.45 47.31
C GLU A 423 11.91 -8.16 48.03
N LEU A 424 10.74 -7.61 47.73
CA LEU A 424 10.32 -6.38 48.40
C LEU A 424 9.88 -6.66 49.84
N CYS A 425 9.14 -7.74 50.06
CA CYS A 425 8.62 -8.02 51.39
C CYS A 425 9.67 -8.68 52.28
N CYS A 426 10.13 -9.87 51.89
CA CYS A 426 11.16 -10.57 52.64
C CYS A 426 12.56 -10.06 52.28
N GLY A 427 12.93 -10.21 51.01
CA GLY A 427 14.26 -9.86 50.56
C GLY A 427 15.20 -11.06 50.56
N SER A 428 16.28 -10.94 49.79
CA SER A 428 17.34 -11.95 49.74
C SER A 428 16.81 -13.29 49.24
N VAL A 429 16.10 -13.25 48.10
CA VAL A 429 15.56 -14.47 47.51
C VAL A 429 16.69 -15.40 47.07
N LYS A 430 17.80 -14.83 46.59
CA LYS A 430 18.92 -15.65 46.16
C LYS A 430 19.50 -16.44 47.33
N GLU A 431 19.69 -15.77 48.48
CA GLU A 431 20.19 -16.47 49.65
C GLU A 431 19.17 -17.46 50.20
N MET A 432 17.88 -17.12 50.10
CA MET A 432 16.84 -18.07 50.52
C MET A 432 16.91 -19.35 49.68
N ARG A 433 17.13 -19.21 48.37
CA ARG A 433 17.31 -20.38 47.52
C ARG A 433 18.62 -21.10 47.83
N GLU A 434 19.66 -20.35 48.22
CA GLU A 434 20.92 -20.97 48.62
C GLU A 434 20.72 -21.87 49.83
N ARG A 435 19.94 -21.41 50.81
CA ARG A 435 19.73 -22.22 52.01
C ARG A 435 19.00 -23.51 51.68
N TYR A 436 18.00 -23.47 50.81
CA TYR A 436 17.22 -24.64 50.42
C TYR A 436 17.69 -25.09 49.04
N ALA A 437 18.66 -26.01 49.02
CA ALA A 437 19.17 -26.51 47.76
C ALA A 437 18.11 -27.32 47.03
N LYS A 438 18.02 -27.13 45.71
CA LYS A 438 17.00 -27.78 44.90
C LYS A 438 17.48 -29.17 44.50
N ILE A 439 16.84 -30.20 45.07
CA ILE A 439 17.20 -31.57 44.72
C ILE A 439 16.73 -31.92 43.32
N VAL A 440 15.42 -31.88 43.11
CA VAL A 440 14.83 -32.16 41.81
C VAL A 440 13.81 -31.08 41.48
N GLU A 441 13.60 -30.87 40.18
CA GLU A 441 12.71 -29.83 39.69
C GLU A 441 11.80 -30.40 38.61
N ILE A 442 10.51 -30.14 38.74
CA ILE A 442 9.54 -30.44 37.69
C ILE A 442 9.10 -29.12 37.07
N PRO A 443 9.51 -28.82 35.84
CA PRO A 443 9.18 -27.52 35.25
C PRO A 443 7.68 -27.36 35.04
N PHE A 444 7.24 -26.11 35.03
CA PHE A 444 5.84 -25.82 34.73
C PHE A 444 5.50 -26.27 33.33
N ASN A 445 4.36 -26.94 33.19
CA ASN A 445 3.88 -27.41 31.90
C ASN A 445 2.41 -27.05 31.76
N SER A 446 2.02 -26.62 30.56
CA SER A 446 0.64 -26.23 30.33
C SER A 446 -0.33 -27.40 30.48
N THR A 447 0.15 -28.62 30.28
CA THR A 447 -0.70 -29.79 30.47
C THR A 447 -0.90 -30.11 31.95
N ASN A 448 0.14 -29.91 32.76
CA ASN A 448 0.07 -30.19 34.19
C ASN A 448 -0.50 -29.02 34.97
N LYS A 449 -0.19 -27.79 34.56
CA LYS A 449 -0.66 -26.56 35.20
C LYS A 449 -0.14 -26.41 36.63
N TYR A 450 1.03 -26.97 36.92
CA TYR A 450 1.66 -26.77 38.22
C TYR A 450 3.16 -26.96 38.08
N GLN A 451 3.89 -26.44 39.07
CA GLN A 451 5.34 -26.57 39.15
C GLN A 451 5.71 -27.19 40.49
N LEU A 452 6.53 -28.24 40.45
CA LEU A 452 6.88 -29.00 41.65
C LEU A 452 8.39 -28.97 41.85
N SER A 453 8.81 -28.90 43.11
CA SER A 453 10.22 -28.89 43.46
C SER A 453 10.40 -29.47 44.86
N ILE A 454 11.58 -30.05 45.08
CA ILE A 454 11.94 -30.63 46.38
C ILE A 454 13.25 -29.98 46.83
N HIS A 455 13.26 -29.49 48.06
CA HIS A 455 14.40 -28.73 48.57
C HIS A 455 14.86 -29.32 49.90
N LYS A 456 16.11 -28.98 50.26
CA LYS A 456 16.72 -29.42 51.50
C LYS A 456 16.54 -28.34 52.56
N ASN A 457 15.92 -28.71 53.68
CA ASN A 457 15.60 -27.74 54.72
C ASN A 457 16.63 -27.82 55.84
N PRO A 458 17.40 -26.77 56.09
CA PRO A 458 18.34 -26.79 57.23
C PRO A 458 17.67 -26.48 58.56
N ASN A 459 16.33 -26.58 58.59
CA ASN A 459 15.57 -26.23 59.79
C ASN A 459 15.89 -27.22 60.92
N THR A 460 15.32 -26.94 62.10
CA THR A 460 15.55 -27.77 63.28
C THR A 460 14.58 -28.95 63.34
N SER A 461 13.28 -28.69 63.24
CA SER A 461 12.25 -29.72 63.23
C SER A 461 11.99 -30.25 61.83
N GLU A 462 12.94 -30.09 60.91
CA GLU A 462 12.72 -30.49 59.53
C GLU A 462 12.74 -32.02 59.41
N PRO A 463 11.92 -32.59 58.53
CA PRO A 463 12.01 -34.02 58.25
C PRO A 463 13.03 -34.32 57.14
N GLN A 464 13.90 -33.36 56.86
CA GLN A 464 15.04 -33.42 55.95
C GLN A 464 14.64 -33.30 54.48
N HIS A 465 13.35 -33.25 54.16
CA HIS A 465 12.92 -33.08 52.78
C HIS A 465 11.68 -32.21 52.73
N LEU A 466 11.73 -31.15 51.93
CA LEU A 466 10.65 -30.18 51.79
C LEU A 466 10.12 -30.22 50.38
N LEU A 467 8.80 -30.35 50.24
CA LEU A 467 8.12 -30.37 48.95
C LEU A 467 7.44 -29.04 48.73
N VAL A 468 7.68 -28.42 47.57
CA VAL A 468 7.17 -27.10 47.25
C VAL A 468 6.32 -27.22 45.98
N MET A 469 5.12 -26.64 46.01
CA MET A 469 4.18 -26.77 44.90
C MET A 469 3.49 -25.43 44.66
N LYS A 470 3.33 -25.07 43.39
CA LYS A 470 2.52 -23.94 42.99
C LYS A 470 1.86 -24.26 41.66
N GLY A 471 0.73 -23.62 41.41
CA GLY A 471 0.02 -23.89 40.16
C GLY A 471 -1.40 -23.36 40.23
N ALA A 472 -2.27 -24.01 39.46
CA ALA A 472 -3.66 -23.62 39.41
C ALA A 472 -4.30 -23.80 40.78
N PRO A 473 -5.06 -22.82 41.28
CA PRO A 473 -5.60 -22.93 42.64
C PRO A 473 -6.50 -24.12 42.85
N GLU A 474 -7.27 -24.53 41.83
CA GLU A 474 -8.18 -25.65 41.99
C GLU A 474 -7.52 -26.98 41.69
N ARG A 475 -6.50 -27.01 40.84
CA ARG A 475 -5.75 -28.24 40.61
C ARG A 475 -4.80 -28.55 41.76
N ILE A 476 -4.48 -27.55 42.57
CA ILE A 476 -3.66 -27.77 43.77
C ILE A 476 -4.52 -28.22 44.94
N LEU A 477 -5.74 -27.70 45.05
CA LEU A 477 -6.61 -28.07 46.16
C LEU A 477 -7.17 -29.48 46.01
N ASP A 478 -7.12 -30.05 44.82
CA ASP A 478 -7.57 -31.43 44.62
C ASP A 478 -6.58 -32.45 45.16
N ARG A 479 -5.37 -32.02 45.52
CA ARG A 479 -4.36 -32.91 46.10
C ARG A 479 -3.88 -32.42 47.45
N CYS A 480 -4.66 -31.57 48.12
CA CYS A 480 -4.32 -31.05 49.43
C CYS A 480 -5.29 -31.61 50.46
N SER A 481 -4.75 -32.18 51.54
CA SER A 481 -5.56 -32.75 52.61
C SER A 481 -5.65 -31.86 53.84
N SER A 482 -4.71 -30.93 54.01
CA SER A 482 -4.69 -30.06 55.18
C SER A 482 -4.47 -28.62 54.74
N ILE A 483 -4.99 -27.70 55.54
CA ILE A 483 -4.85 -26.27 55.30
C ILE A 483 -4.10 -25.67 56.49
N LEU A 484 -3.01 -24.97 56.21
CA LEU A 484 -2.15 -24.43 57.25
C LEU A 484 -2.71 -23.08 57.70
N LEU A 485 -3.18 -23.00 58.93
CA LEU A 485 -3.76 -21.79 59.49
C LEU A 485 -2.97 -21.38 60.73
N HIS A 486 -2.39 -20.19 60.70
CA HIS A 486 -1.61 -19.64 61.81
C HIS A 486 -0.48 -20.59 62.20
N GLY A 487 0.07 -21.30 61.22
CA GLY A 487 1.13 -22.25 61.45
C GLY A 487 0.68 -23.61 61.94
N LYS A 488 -0.61 -23.81 62.14
CA LYS A 488 -1.16 -25.07 62.64
C LYS A 488 -1.90 -25.77 61.51
N GLU A 489 -1.48 -26.99 61.19
CA GLU A 489 -2.11 -27.75 60.13
C GLU A 489 -3.48 -28.24 60.60
N GLN A 490 -4.53 -27.80 59.92
CA GLN A 490 -5.88 -28.25 60.20
C GLN A 490 -6.41 -29.06 59.03
N PRO A 491 -7.26 -30.06 59.28
CA PRO A 491 -7.82 -30.85 58.18
C PRO A 491 -8.62 -29.97 57.22
N LEU A 492 -8.48 -30.25 55.93
CA LEU A 492 -9.20 -29.48 54.93
C LEU A 492 -10.67 -29.88 54.93
N ASP A 493 -11.55 -28.92 55.21
CA ASP A 493 -12.95 -29.20 55.43
C ASP A 493 -13.79 -28.21 54.63
N GLU A 494 -15.11 -28.44 54.65
CA GLU A 494 -16.02 -27.56 53.92
C GLU A 494 -16.15 -26.18 54.56
N GLU A 495 -15.61 -26.00 55.76
CA GLU A 495 -15.55 -24.66 56.35
C GLU A 495 -14.47 -23.81 55.71
N LEU A 496 -13.37 -24.44 55.28
CA LEU A 496 -12.27 -23.73 54.63
C LEU A 496 -12.37 -23.74 53.11
N LYS A 497 -12.94 -24.80 52.53
CA LYS A 497 -12.97 -24.91 51.07
C LYS A 497 -13.92 -23.90 50.45
N ASP A 498 -15.09 -23.70 51.06
CA ASP A 498 -16.01 -22.69 50.54
C ASP A 498 -15.43 -21.29 50.72
N ALA A 499 -14.69 -21.06 51.81
CA ALA A 499 -14.00 -19.78 51.97
C ALA A 499 -12.95 -19.60 50.89
N PHE A 500 -12.23 -20.68 50.54
CA PHE A 500 -11.28 -20.62 49.45
C PHE A 500 -11.95 -20.24 48.14
N GLN A 501 -13.10 -20.85 47.86
CA GLN A 501 -13.81 -20.55 46.62
C GLN A 501 -14.36 -19.13 46.61
N ASN A 502 -14.80 -18.63 47.77
CA ASN A 502 -15.22 -17.24 47.85
C ASN A 502 -14.05 -16.29 47.62
N ALA A 503 -12.88 -16.63 48.18
CA ALA A 503 -11.69 -15.82 47.94
C ALA A 503 -11.31 -15.82 46.46
N TYR A 504 -11.42 -16.99 45.82
CA TYR A 504 -11.15 -17.06 44.38
C TYR A 504 -12.15 -16.22 43.59
N LEU A 505 -13.42 -16.27 43.99
CA LEU A 505 -14.44 -15.49 43.30
C LEU A 505 -14.20 -13.98 43.46
N GLU A 506 -13.66 -13.56 44.59
CA GLU A 506 -13.42 -12.14 44.82
C GLU A 506 -12.13 -11.66 44.16
N LEU A 507 -11.03 -12.39 44.35
CA LEU A 507 -9.78 -12.03 43.70
C LEU A 507 -9.87 -12.20 42.20
N GLY A 508 -10.44 -13.33 41.75
CA GLY A 508 -10.58 -13.57 40.32
C GLY A 508 -11.62 -12.70 39.65
N GLY A 509 -12.59 -12.19 40.40
CA GLY A 509 -13.60 -11.32 39.83
C GLY A 509 -13.11 -9.93 39.49
N LEU A 510 -11.90 -9.58 39.90
CA LEU A 510 -11.27 -8.32 39.56
C LEU A 510 -10.34 -8.43 38.36
N GLY A 511 -10.37 -9.55 37.65
CA GLY A 511 -9.42 -9.79 36.59
C GLY A 511 -8.00 -9.99 37.07
N GLU A 512 -7.83 -10.68 38.19
CA GLU A 512 -6.52 -10.91 38.77
C GLU A 512 -6.17 -12.39 38.65
N ARG A 513 -5.01 -12.66 38.07
CA ARG A 513 -4.53 -14.04 37.95
C ARG A 513 -4.14 -14.56 39.33
N VAL A 514 -4.67 -15.72 39.71
CA VAL A 514 -4.46 -16.28 41.03
C VAL A 514 -3.69 -17.59 40.90
N LEU A 515 -2.69 -17.78 41.78
CA LEU A 515 -1.91 -19.00 41.85
C LEU A 515 -2.08 -19.63 43.23
N GLY A 516 -2.10 -20.95 43.27
CA GLY A 516 -2.25 -21.68 44.51
C GLY A 516 -0.94 -22.30 44.95
N PHE A 517 -0.64 -22.17 46.24
CA PHE A 517 0.62 -22.62 46.80
C PHE A 517 0.37 -23.63 47.91
N CYS A 518 1.16 -24.70 47.94
CA CYS A 518 1.03 -25.70 48.98
C CYS A 518 2.36 -26.42 49.13
N HIS A 519 2.56 -27.04 50.30
CA HIS A 519 3.80 -27.72 50.61
C HIS A 519 3.49 -29.03 51.32
N LEU A 520 4.54 -29.80 51.59
CA LEU A 520 4.43 -31.01 52.41
C LEU A 520 5.81 -31.39 52.88
N PHE A 521 6.01 -31.43 54.20
CA PHE A 521 7.28 -31.91 54.76
C PHE A 521 7.36 -33.42 54.57
N LEU A 522 8.19 -33.85 53.63
CA LEU A 522 8.30 -35.27 53.34
C LEU A 522 8.85 -36.01 54.56
N PRO A 523 8.17 -37.05 55.05
CA PRO A 523 8.63 -37.74 56.25
C PRO A 523 10.01 -38.35 56.06
N ASP A 524 10.81 -38.31 57.12
CA ASP A 524 12.19 -38.78 57.04
C ASP A 524 12.29 -40.30 57.02
N GLU A 525 11.42 -40.98 57.77
CA GLU A 525 11.46 -42.44 57.78
C GLU A 525 11.08 -43.05 56.43
N GLN A 526 10.34 -42.32 55.61
CA GLN A 526 10.02 -42.77 54.26
C GLN A 526 11.00 -42.22 53.23
N PHE A 527 11.57 -41.04 53.47
CA PHE A 527 12.50 -40.39 52.55
C PHE A 527 13.78 -40.04 53.30
N PRO A 528 14.75 -40.96 53.37
CA PRO A 528 16.02 -40.64 54.04
C PRO A 528 16.86 -39.63 53.28
N GLU A 529 18.08 -39.39 53.78
CA GLU A 529 18.96 -38.39 53.16
C GLU A 529 19.27 -38.76 51.71
N GLY A 530 19.58 -40.02 51.45
CA GLY A 530 19.97 -40.43 50.11
C GLY A 530 18.87 -41.15 49.35
N PHE A 531 17.63 -40.69 49.51
CA PHE A 531 16.51 -41.31 48.82
C PHE A 531 16.54 -40.96 47.33
N GLN A 532 16.02 -41.88 46.51
CA GLN A 532 16.03 -41.71 45.07
C GLN A 532 14.95 -40.73 44.64
N PHE A 533 15.36 -39.66 43.97
CA PHE A 533 14.45 -38.65 43.43
C PHE A 533 14.69 -38.56 41.93
N ASP A 534 13.80 -39.16 41.15
CA ASP A 534 13.90 -39.17 39.70
C ASP A 534 12.70 -38.46 39.10
N THR A 535 12.95 -37.60 38.11
CA THR A 535 11.86 -36.85 37.48
C THR A 535 10.88 -37.78 36.79
N ASP A 536 11.37 -38.78 36.08
CA ASP A 536 10.51 -39.77 35.45
C ASP A 536 10.06 -40.79 36.49
N ASP A 537 8.78 -41.15 36.43
CA ASP A 537 8.17 -42.08 37.38
C ASP A 537 8.37 -41.59 38.83
N VAL A 538 7.74 -40.44 39.09
CA VAL A 538 7.87 -39.80 40.40
C VAL A 538 7.38 -40.75 41.50
N ASN A 539 8.07 -40.70 42.64
CA ASN A 539 7.72 -41.52 43.79
C ASN A 539 7.32 -40.72 45.02
N PHE A 540 7.50 -39.40 45.00
CA PHE A 540 7.10 -38.58 46.14
C PHE A 540 5.58 -38.47 46.21
N PRO A 541 5.03 -38.27 47.41
CA PRO A 541 3.56 -38.22 47.53
C PRO A 541 2.97 -36.93 47.02
N ILE A 542 2.74 -36.86 45.71
CA ILE A 542 2.17 -35.65 45.11
C ILE A 542 0.78 -35.38 45.69
N ASP A 543 0.00 -36.44 45.94
CA ASP A 543 -1.29 -36.28 46.56
C ASP A 543 -1.13 -35.99 48.06
N ASN A 544 -2.21 -35.48 48.66
CA ASN A 544 -2.29 -35.24 50.10
C ASN A 544 -1.20 -34.28 50.57
N LEU A 545 -1.27 -33.05 50.08
CA LEU A 545 -0.35 -31.99 50.46
C LEU A 545 -0.99 -31.10 51.53
N CYS A 546 -0.28 -30.04 51.89
CA CYS A 546 -0.74 -29.06 52.87
C CYS A 546 -0.89 -27.71 52.19
N PHE A 547 -2.13 -27.28 51.98
CA PHE A 547 -2.39 -25.98 51.37
C PHE A 547 -1.92 -24.86 52.29
N VAL A 548 -1.36 -23.81 51.70
CA VAL A 548 -0.81 -22.70 52.47
C VAL A 548 -1.59 -21.43 52.18
N GLY A 549 -1.67 -21.03 50.92
CA GLY A 549 -2.39 -19.82 50.59
C GLY A 549 -2.38 -19.56 49.09
N LEU A 550 -3.06 -18.47 48.72
CA LEU A 550 -3.17 -18.00 47.35
C LEU A 550 -2.48 -16.66 47.18
N ILE A 551 -2.03 -16.39 45.97
CA ILE A 551 -1.46 -15.09 45.62
C ILE A 551 -2.06 -14.66 44.28
N SER A 552 -2.59 -13.45 44.23
CA SER A 552 -3.22 -12.92 43.03
C SER A 552 -2.44 -11.71 42.55
N MET A 553 -2.17 -11.67 41.25
CA MET A 553 -1.42 -10.59 40.64
C MET A 553 -2.20 -10.01 39.48
N ILE A 554 -2.20 -8.68 39.37
CA ILE A 554 -2.96 -8.02 38.32
C ILE A 554 -2.18 -8.10 37.02
N ASP A 555 -2.89 -8.35 35.92
CA ASP A 555 -2.30 -8.36 34.58
C ASP A 555 -3.17 -7.46 33.73
N PRO A 556 -2.82 -6.19 33.61
CA PRO A 556 -3.72 -5.24 32.95
C PRO A 556 -3.86 -5.54 31.48
N PRO A 557 -5.03 -5.28 30.89
CA PRO A 557 -5.15 -5.41 29.43
C PRO A 557 -4.27 -4.41 28.73
N ARG A 558 -3.87 -4.75 27.51
CA ARG A 558 -3.08 -3.84 26.71
C ARG A 558 -3.90 -2.60 26.36
N ALA A 559 -3.20 -1.48 26.20
CA ALA A 559 -3.88 -0.19 26.09
C ALA A 559 -4.77 -0.13 24.85
N ALA A 560 -4.33 -0.71 23.75
CA ALA A 560 -5.03 -0.62 22.48
C ALA A 560 -5.99 -1.77 22.22
N VAL A 561 -6.16 -2.67 23.19
CA VAL A 561 -6.94 -3.89 22.98
C VAL A 561 -8.45 -3.63 23.07
N PRO A 562 -8.95 -2.85 24.03
CA PRO A 562 -10.40 -2.55 24.00
C PRO A 562 -10.86 -1.90 22.71
N ASP A 563 -10.09 -0.96 22.16
CA ASP A 563 -10.45 -0.35 20.89
C ASP A 563 -10.41 -1.37 19.76
N ALA A 564 -9.44 -2.28 19.78
CA ALA A 564 -9.35 -3.31 18.75
C ALA A 564 -10.55 -4.24 18.79
N VAL A 565 -10.98 -4.62 19.99
CA VAL A 565 -12.17 -5.47 20.10
C VAL A 565 -13.41 -4.71 19.65
N GLY A 566 -13.46 -3.41 19.93
CA GLY A 566 -14.54 -2.60 19.39
C GLY A 566 -14.56 -2.57 17.87
N LYS A 567 -13.39 -2.47 17.25
CA LYS A 567 -13.31 -2.51 15.79
C LYS A 567 -13.75 -3.86 15.26
N CYS A 568 -13.35 -4.94 15.92
CA CYS A 568 -13.76 -6.27 15.51
C CYS A 568 -15.27 -6.43 15.61
N ARG A 569 -15.89 -5.85 16.64
CA ARG A 569 -17.34 -5.90 16.74
C ARG A 569 -18.00 -5.04 15.67
N SER A 570 -17.40 -3.91 15.32
CA SER A 570 -17.94 -3.08 14.24
C SER A 570 -17.93 -3.84 12.93
N ALA A 571 -16.84 -4.54 12.64
CA ALA A 571 -16.80 -5.46 11.50
C ALA A 571 -17.52 -6.75 11.91
N GLY A 572 -17.46 -7.77 11.06
CA GLY A 572 -18.15 -9.00 11.38
C GLY A 572 -17.25 -10.06 12.00
N ILE A 573 -16.11 -9.63 12.52
CA ILE A 573 -15.12 -10.55 13.06
C ILE A 573 -15.56 -10.99 14.45
N LYS A 574 -15.60 -12.30 14.67
CA LYS A 574 -16.03 -12.90 15.93
C LYS A 574 -14.78 -13.24 16.73
N VAL A 575 -14.56 -12.52 17.82
CA VAL A 575 -13.38 -12.74 18.66
C VAL A 575 -13.71 -13.80 19.70
N ILE A 576 -12.85 -14.81 19.79
CA ILE A 576 -12.96 -15.88 20.78
C ILE A 576 -11.71 -15.86 21.63
N MET A 577 -11.89 -15.88 22.95
CA MET A 577 -10.77 -15.93 23.88
C MET A 577 -10.54 -17.36 24.30
N VAL A 578 -9.40 -17.92 23.89
CA VAL A 578 -8.99 -19.26 24.29
C VAL A 578 -7.86 -19.11 25.30
N THR A 579 -8.10 -19.52 26.53
CA THR A 579 -7.14 -19.33 27.60
C THR A 579 -7.10 -20.58 28.48
N GLY A 580 -5.99 -20.72 29.19
CA GLY A 580 -5.85 -21.76 30.19
C GLY A 580 -6.11 -21.29 31.60
N ASP A 581 -6.47 -20.02 31.79
CA ASP A 581 -6.73 -19.47 33.11
C ASP A 581 -8.13 -19.83 33.56
N HIS A 582 -8.42 -19.53 34.82
CA HIS A 582 -9.68 -19.96 35.43
C HIS A 582 -10.85 -19.26 34.75
N PRO A 583 -12.03 -19.89 34.73
CA PRO A 583 -13.21 -19.23 34.16
C PRO A 583 -13.54 -17.90 34.81
N ILE A 584 -13.28 -17.74 36.11
CA ILE A 584 -13.55 -16.47 36.77
C ILE A 584 -12.66 -15.38 36.22
N THR A 585 -11.34 -15.64 36.18
CA THR A 585 -10.41 -14.65 35.67
C THR A 585 -10.61 -14.39 34.18
N ALA A 586 -10.86 -15.46 33.42
CA ALA A 586 -11.09 -15.30 31.99
C ALA A 586 -12.35 -14.48 31.72
N LYS A 587 -13.42 -14.75 32.46
CA LYS A 587 -14.65 -13.99 32.28
C LYS A 587 -14.47 -12.52 32.67
N ALA A 588 -13.76 -12.27 33.77
CA ALA A 588 -13.51 -10.89 34.17
C ALA A 588 -12.68 -10.15 33.12
N ILE A 589 -11.65 -10.79 32.59
CA ILE A 589 -10.81 -10.14 31.58
C ILE A 589 -11.62 -9.91 30.31
N ALA A 590 -12.43 -10.88 29.91
CA ALA A 590 -13.24 -10.75 28.70
C ALA A 590 -14.23 -9.60 28.83
N LYS A 591 -14.85 -9.46 30.00
CA LYS A 591 -15.72 -8.31 30.22
C LYS A 591 -14.93 -7.01 30.24
N GLY A 592 -13.71 -7.03 30.80
CA GLY A 592 -12.92 -5.81 30.88
C GLY A 592 -12.47 -5.29 29.53
N VAL A 593 -12.04 -6.18 28.63
CA VAL A 593 -11.59 -5.74 27.32
C VAL A 593 -12.73 -5.59 26.32
N GLY A 594 -13.94 -5.98 26.68
CA GLY A 594 -15.08 -5.86 25.80
C GLY A 594 -15.37 -7.06 24.94
N ILE A 595 -14.77 -8.21 25.21
CA ILE A 595 -15.11 -9.41 24.46
C ILE A 595 -16.52 -9.87 24.80
N ILE A 596 -16.90 -9.75 26.07
CA ILE A 596 -18.28 -9.95 26.50
C ILE A 596 -18.84 -8.57 26.82
N SER A 597 -19.51 -7.97 25.84
CA SER A 597 -19.95 -6.59 25.97
C SER A 597 -21.10 -6.48 26.97
N GLU A 598 -21.31 -5.26 27.47
CA GLU A 598 -22.37 -5.03 28.43
C GLU A 598 -23.73 -5.35 27.83
N GLY A 599 -24.54 -6.07 28.59
CA GLY A 599 -25.84 -6.49 28.11
C GLY A 599 -25.89 -7.99 27.87
N ASN A 600 -24.81 -8.55 27.33
CA ASN A 600 -24.74 -9.99 27.11
C ASN A 600 -24.55 -10.70 28.45
N GLU A 601 -25.23 -11.83 28.61
CA GLU A 601 -25.26 -12.54 29.87
C GLU A 601 -24.97 -14.01 29.65
N THR A 602 -24.25 -14.59 30.59
CA THR A 602 -23.99 -16.02 30.61
C THR A 602 -25.18 -16.74 31.24
N VAL A 603 -25.23 -18.06 31.06
CA VAL A 603 -26.30 -18.84 31.68
C VAL A 603 -26.24 -18.71 33.19
N GLU A 604 -25.04 -18.78 33.76
CA GLU A 604 -24.88 -18.57 35.20
C GLU A 604 -25.19 -17.13 35.61
N ASP A 605 -25.19 -16.18 34.67
CA ASP A 605 -25.56 -14.81 35.00
C ASP A 605 -27.07 -14.61 35.00
N ILE A 606 -27.77 -15.23 34.04
CA ILE A 606 -29.23 -15.13 34.03
C ILE A 606 -29.88 -16.10 35.00
N ALA A 607 -29.13 -17.07 35.53
CA ALA A 607 -29.62 -17.86 36.65
C ALA A 607 -29.48 -17.13 37.97
N ALA A 608 -28.73 -16.04 38.02
CA ALA A 608 -28.56 -15.25 39.22
C ALA A 608 -29.30 -13.93 39.18
N ARG A 609 -29.48 -13.34 38.00
CA ARG A 609 -30.30 -12.13 37.90
C ARG A 609 -31.73 -12.40 38.34
N LEU A 610 -32.30 -13.52 37.90
CA LEU A 610 -33.55 -14.04 38.42
C LEU A 610 -33.24 -15.39 39.07
N ASN A 611 -33.61 -15.53 40.34
CA ASN A 611 -33.09 -16.64 41.14
C ASN A 611 -33.73 -17.96 40.75
N ILE A 612 -33.20 -18.60 39.71
CA ILE A 612 -33.61 -19.94 39.32
C ILE A 612 -32.34 -20.78 39.12
N PRO A 613 -32.45 -22.09 39.27
CA PRO A 613 -31.27 -22.94 39.04
C PRO A 613 -30.86 -22.93 37.58
N VAL A 614 -29.60 -23.34 37.36
CA VAL A 614 -29.03 -23.32 36.01
C VAL A 614 -29.83 -24.23 35.08
N SER A 615 -30.29 -25.37 35.60
CA SER A 615 -30.98 -26.34 34.76
C SER A 615 -32.30 -25.82 34.21
N GLN A 616 -32.89 -24.79 34.82
CA GLN A 616 -34.13 -24.21 34.33
C GLN A 616 -33.90 -23.06 33.37
N VAL A 617 -32.65 -22.69 33.11
CA VAL A 617 -32.35 -21.54 32.28
C VAL A 617 -32.50 -21.92 30.81
N ASN A 618 -33.21 -21.08 30.06
CA ASN A 618 -33.34 -21.29 28.62
C ASN A 618 -32.00 -20.96 27.96
N PRO A 619 -31.37 -21.90 27.27
CA PRO A 619 -30.04 -21.61 26.69
C PRO A 619 -30.05 -20.52 25.64
N ARG A 620 -31.15 -20.34 24.91
CA ARG A 620 -31.17 -19.35 23.85
C ARG A 620 -31.27 -17.92 24.38
N ASP A 621 -31.52 -17.74 25.66
CA ASP A 621 -31.56 -16.40 26.25
C ASP A 621 -30.17 -15.84 26.51
N ALA A 622 -29.12 -16.66 26.40
CA ALA A 622 -27.76 -16.26 26.66
C ALA A 622 -26.98 -16.28 25.35
N LYS A 623 -26.36 -15.14 25.01
CA LYS A 623 -25.51 -15.06 23.84
C LYS A 623 -24.03 -15.06 24.17
N ALA A 624 -23.66 -15.08 25.45
CA ALA A 624 -22.28 -15.16 25.88
C ALA A 624 -22.11 -16.36 26.79
N CYS A 625 -21.02 -17.09 26.61
CA CYS A 625 -20.75 -18.29 27.40
C CYS A 625 -19.28 -18.34 27.77
N VAL A 626 -19.00 -19.06 28.86
CA VAL A 626 -17.65 -19.38 29.28
C VAL A 626 -17.57 -20.90 29.34
N VAL A 627 -16.80 -21.50 28.43
CA VAL A 627 -16.74 -22.95 28.28
C VAL A 627 -15.48 -23.45 28.96
N HIS A 628 -15.64 -24.31 29.97
CA HIS A 628 -14.49 -24.90 30.63
C HIS A 628 -13.79 -25.88 29.70
N GLY A 629 -12.47 -26.03 29.90
CA GLY A 629 -11.71 -26.94 29.07
C GLY A 629 -12.10 -28.39 29.26
N SER A 630 -12.37 -28.81 30.50
CA SER A 630 -12.78 -30.17 30.75
C SER A 630 -14.13 -30.49 30.12
N ASP A 631 -15.06 -29.52 30.13
CA ASP A 631 -16.35 -29.70 29.49
C ASP A 631 -16.25 -29.75 27.97
N LEU A 632 -15.08 -29.43 27.40
CA LEU A 632 -14.87 -29.52 25.97
C LEU A 632 -14.33 -30.88 25.54
N LYS A 633 -13.68 -31.61 26.45
CA LYS A 633 -13.12 -32.92 26.10
C LYS A 633 -14.21 -33.92 25.78
N ASP A 634 -15.32 -33.90 26.53
CA ASP A 634 -16.40 -34.85 26.34
C ASP A 634 -17.43 -34.39 25.32
N MET A 635 -17.33 -33.17 24.81
CA MET A 635 -18.24 -32.70 23.79
C MET A 635 -18.03 -33.46 22.49
N THR A 636 -19.13 -33.79 21.85
CA THR A 636 -19.09 -34.39 20.52
C THR A 636 -18.84 -33.30 19.48
N SER A 637 -18.58 -33.72 18.24
CA SER A 637 -18.35 -32.75 17.17
C SER A 637 -19.57 -31.87 16.95
N GLU A 638 -20.76 -32.47 16.98
CA GLU A 638 -21.99 -31.71 16.79
C GLU A 638 -22.33 -30.85 18.00
N GLN A 639 -21.82 -31.20 19.19
CA GLN A 639 -22.10 -30.43 20.38
C GLN A 639 -21.30 -29.14 20.44
N LEU A 640 -20.08 -29.14 19.91
CA LEU A 640 -19.31 -27.92 19.79
C LEU A 640 -19.95 -26.94 18.81
N ASP A 641 -20.65 -27.46 17.79
CA ASP A 641 -21.28 -26.60 16.80
C ASP A 641 -22.41 -25.78 17.42
N ASP A 642 -23.12 -26.35 18.39
CA ASP A 642 -24.16 -25.59 19.09
C ASP A 642 -23.56 -24.44 19.89
N ILE A 643 -22.36 -24.62 20.43
CA ILE A 643 -21.70 -23.56 21.17
C ILE A 643 -21.35 -22.40 20.24
N LEU A 644 -20.73 -22.71 19.10
CA LEU A 644 -20.22 -21.67 18.22
C LEU A 644 -21.31 -21.03 17.37
N LYS A 645 -22.39 -21.75 17.09
CA LYS A 645 -23.43 -21.19 16.23
C LYS A 645 -24.36 -20.26 16.98
N TYR A 646 -24.69 -20.59 18.23
CA TYR A 646 -25.69 -19.85 18.98
C TYR A 646 -25.11 -18.77 19.86
N HIS A 647 -23.87 -18.92 20.32
CA HIS A 647 -23.24 -17.94 21.19
C HIS A 647 -22.37 -17.00 20.37
N THR A 648 -22.59 -15.70 20.51
CA THR A 648 -21.85 -14.69 19.77
C THR A 648 -20.59 -14.22 20.47
N GLU A 649 -20.39 -14.60 21.74
CA GLU A 649 -19.22 -14.19 22.51
C GLU A 649 -18.81 -15.36 23.39
N ILE A 650 -17.74 -16.04 23.00
CA ILE A 650 -17.35 -17.31 23.61
C ILE A 650 -15.99 -17.17 24.27
N VAL A 651 -15.89 -17.68 25.49
CA VAL A 651 -14.63 -17.75 26.21
C VAL A 651 -14.37 -19.21 26.55
N PHE A 652 -13.20 -19.72 26.17
CA PHE A 652 -12.78 -21.08 26.48
C PHE A 652 -11.73 -20.97 27.59
N ALA A 653 -12.09 -21.39 28.79
CA ALA A 653 -11.24 -21.27 29.96
C ALA A 653 -10.72 -22.64 30.39
N ARG A 654 -9.53 -22.64 30.97
CA ARG A 654 -8.84 -23.87 31.35
C ARG A 654 -8.70 -24.83 30.17
N THR A 655 -8.36 -24.28 29.01
CA THR A 655 -8.23 -25.04 27.78
C THR A 655 -6.76 -25.32 27.50
N SER A 656 -6.43 -26.59 27.29
CA SER A 656 -5.06 -26.97 26.99
C SER A 656 -4.66 -26.47 25.61
N PRO A 657 -3.37 -26.31 25.35
CA PRO A 657 -2.93 -25.92 24.01
C PRO A 657 -3.27 -26.94 22.94
N GLN A 658 -3.57 -28.18 23.31
CA GLN A 658 -3.93 -29.22 22.36
C GLN A 658 -5.43 -29.26 22.05
N GLN A 659 -6.22 -28.39 22.67
CA GLN A 659 -7.63 -28.23 22.32
C GLN A 659 -7.87 -27.04 21.42
N LYS A 660 -6.85 -26.22 21.19
CA LYS A 660 -6.97 -25.16 20.19
C LYS A 660 -7.28 -25.72 18.82
N LEU A 661 -6.75 -26.90 18.50
CA LEU A 661 -7.07 -27.54 17.23
C LEU A 661 -8.54 -27.88 17.14
N ILE A 662 -9.11 -28.41 18.22
CA ILE A 662 -10.54 -28.71 18.24
C ILE A 662 -11.34 -27.44 18.03
N ILE A 663 -10.97 -26.36 18.71
CA ILE A 663 -11.71 -25.11 18.60
C ILE A 663 -11.61 -24.56 17.18
N VAL A 664 -10.43 -24.59 16.59
CA VAL A 664 -10.23 -24.04 15.26
C VAL A 664 -11.00 -24.84 14.22
N GLU A 665 -10.97 -26.17 14.34
CA GLU A 665 -11.74 -27.01 13.42
C GLU A 665 -13.24 -26.76 13.57
N GLY A 666 -13.71 -26.60 14.80
CA GLY A 666 -15.12 -26.29 15.01
C GLY A 666 -15.51 -24.93 14.44
N CYS A 667 -14.60 -23.97 14.50
CA CYS A 667 -14.88 -22.65 13.91
C CYS A 667 -14.86 -22.72 12.39
N GLN A 668 -13.97 -23.53 11.82
CA GLN A 668 -13.87 -23.65 10.37
C GLN A 668 -14.99 -24.50 9.76
N ARG A 669 -15.61 -25.38 10.55
CA ARG A 669 -16.80 -26.06 10.08
C ARG A 669 -17.99 -25.13 9.94
N GLN A 670 -17.89 -23.91 10.48
CA GLN A 670 -18.91 -22.89 10.33
C GLN A 670 -18.71 -22.04 9.09
N GLY A 671 -17.75 -22.40 8.24
CA GLY A 671 -17.43 -21.59 7.07
C GLY A 671 -16.79 -20.26 7.40
N ALA A 672 -15.88 -20.24 8.37
CA ALA A 672 -15.19 -19.03 8.80
C ALA A 672 -13.75 -19.05 8.32
N ILE A 673 -13.09 -17.90 8.45
CA ILE A 673 -11.67 -17.75 8.14
C ILE A 673 -10.99 -17.44 9.45
N VAL A 674 -10.44 -18.46 10.10
CA VAL A 674 -10.00 -18.37 11.48
C VAL A 674 -8.55 -17.90 11.52
N ALA A 675 -8.29 -16.88 12.33
CA ALA A 675 -6.93 -16.48 12.70
C ALA A 675 -6.70 -16.90 14.13
N VAL A 676 -5.64 -17.67 14.36
CA VAL A 676 -5.39 -18.24 15.68
C VAL A 676 -4.02 -17.75 16.17
N THR A 677 -3.87 -17.71 17.48
CA THR A 677 -2.68 -17.20 18.14
C THR A 677 -1.98 -18.34 18.86
N GLY A 678 -0.67 -18.44 18.69
CA GLY A 678 0.09 -19.47 19.36
C GLY A 678 1.52 -19.04 19.60
N ASP A 679 2.10 -19.52 20.69
CA ASP A 679 3.50 -19.23 21.02
C ASP A 679 4.20 -20.45 21.61
N GLY A 680 3.80 -21.65 21.21
CA GLY A 680 4.39 -22.84 21.79
C GLY A 680 4.47 -23.97 20.77
N VAL A 681 5.14 -25.05 21.20
CA VAL A 681 5.25 -26.23 20.35
C VAL A 681 3.91 -26.93 20.21
N ASN A 682 3.11 -26.95 21.28
CA ASN A 682 1.82 -27.63 21.24
C ASN A 682 0.79 -26.88 20.39
N ASP A 683 0.99 -25.58 20.17
CA ASP A 683 0.08 -24.80 19.35
C ASP A 683 0.29 -25.00 17.86
N SER A 684 1.33 -25.72 17.46
CA SER A 684 1.68 -25.82 16.05
C SER A 684 0.58 -26.43 15.19
N PRO A 685 -0.06 -27.54 15.57
CA PRO A 685 -1.16 -28.05 14.73
C PRO A 685 -2.29 -27.04 14.53
N ALA A 686 -2.61 -26.24 15.55
CA ALA A 686 -3.64 -25.22 15.38
C ALA A 686 -3.16 -24.10 14.46
N LEU A 687 -1.90 -23.70 14.60
CA LEU A 687 -1.35 -22.65 13.74
C LEU A 687 -1.31 -23.07 12.28
N LYS A 688 -1.24 -24.37 12.00
CA LYS A 688 -1.22 -24.87 10.63
C LYS A 688 -2.60 -25.22 10.11
N LYS A 689 -3.53 -25.60 10.98
CA LYS A 689 -4.90 -25.85 10.55
C LYS A 689 -5.67 -24.54 10.33
N ALA A 690 -5.38 -23.52 11.13
CA ALA A 690 -6.07 -22.25 10.99
C ALA A 690 -5.72 -21.59 9.67
N ASP A 691 -6.66 -20.78 9.16
CA ASP A 691 -6.44 -20.10 7.89
C ASP A 691 -5.33 -19.08 8.00
N ILE A 692 -5.16 -18.45 9.16
CA ILE A 692 -4.03 -17.58 9.45
C ILE A 692 -3.46 -18.00 10.79
N GLY A 693 -2.18 -18.40 10.81
CA GLY A 693 -1.50 -18.74 12.03
C GLY A 693 -0.63 -17.59 12.47
N VAL A 694 -0.92 -17.06 13.66
CA VAL A 694 -0.24 -15.88 14.19
C VAL A 694 0.67 -16.31 15.33
N ALA A 695 1.94 -15.97 15.24
CA ALA A 695 2.92 -16.31 16.25
C ALA A 695 3.40 -15.05 16.96
N MET A 696 3.67 -15.18 18.25
CA MET A 696 4.17 -14.07 19.04
C MET A 696 5.66 -13.89 18.73
N GLY A 697 6.03 -12.70 18.24
CA GLY A 697 7.41 -12.47 17.87
C GLY A 697 8.35 -12.30 19.03
N ILE A 698 7.83 -11.90 20.20
CA ILE A 698 8.66 -11.61 21.36
C ILE A 698 8.91 -12.90 22.15
N ALA A 699 7.83 -13.56 22.57
CA ALA A 699 7.95 -14.74 23.42
C ALA A 699 7.35 -15.97 22.74
N GLY A 700 7.67 -16.17 21.46
CA GLY A 700 7.17 -17.31 20.71
C GLY A 700 8.30 -18.27 20.38
N SER A 701 7.97 -19.55 20.34
CA SER A 701 8.96 -20.57 20.02
C SER A 701 9.29 -20.53 18.53
N ASP A 702 10.48 -21.03 18.19
CA ASP A 702 10.85 -21.16 16.79
C ASP A 702 9.90 -22.10 16.05
N VAL A 703 9.40 -23.13 16.74
CA VAL A 703 8.47 -24.06 16.12
C VAL A 703 7.18 -23.35 15.72
N SER A 704 6.64 -22.52 16.61
CA SER A 704 5.43 -21.77 16.29
C SER A 704 5.67 -20.78 15.16
N LYS A 705 6.82 -20.10 15.18
CA LYS A 705 7.12 -19.16 14.10
C LYS A 705 7.32 -19.88 12.77
N GLN A 706 7.70 -21.15 12.80
CA GLN A 706 7.73 -21.93 11.57
C GLN A 706 6.33 -22.31 11.13
N ALA A 707 5.47 -22.68 12.07
CA ALA A 707 4.12 -23.11 11.72
C ALA A 707 3.23 -21.94 11.32
N ALA A 708 3.52 -20.74 11.82
CA ALA A 708 2.64 -19.60 11.63
C ALA A 708 2.73 -19.06 10.21
N ASP A 709 1.64 -18.38 9.81
CA ASP A 709 1.61 -17.63 8.56
C ASP A 709 1.91 -16.15 8.75
N MET A 710 2.05 -15.70 9.99
CA MET A 710 2.24 -14.30 10.31
C MET A 710 2.83 -14.20 11.71
N ILE A 711 3.68 -13.22 11.94
CA ILE A 711 4.39 -13.05 13.20
C ILE A 711 4.02 -11.70 13.79
N LEU A 712 3.60 -11.69 15.06
CA LEU A 712 3.29 -10.47 15.78
C LEU A 712 4.57 -9.94 16.41
N LEU A 713 5.10 -8.85 15.86
CA LEU A 713 6.36 -8.30 16.35
C LEU A 713 6.26 -7.71 17.75
N ASP A 714 5.05 -7.53 18.28
CA ASP A 714 4.88 -6.98 19.62
C ASP A 714 3.95 -7.80 20.50
N ASP A 715 3.48 -8.95 20.05
CA ASP A 715 2.57 -9.81 20.83
C ASP A 715 1.31 -9.07 21.26
N ASN A 716 0.80 -8.20 20.39
CA ASN A 716 -0.34 -7.35 20.72
C ASN A 716 -1.53 -7.77 19.88
N PHE A 717 -2.66 -8.02 20.54
CA PHE A 717 -3.87 -8.39 19.83
C PHE A 717 -4.31 -7.28 18.89
N ALA A 718 -4.15 -6.02 19.31
CA ALA A 718 -4.55 -4.89 18.48
C ALA A 718 -3.80 -4.87 17.17
N SER A 719 -2.58 -5.40 17.14
CA SER A 719 -1.83 -5.48 15.90
C SER A 719 -2.46 -6.45 14.92
N ILE A 720 -3.09 -7.52 15.41
CA ILE A 720 -3.81 -8.43 14.52
C ILE A 720 -4.94 -7.69 13.82
N VAL A 721 -5.69 -6.89 14.58
CA VAL A 721 -6.82 -6.17 14.01
C VAL A 721 -6.33 -5.08 13.05
N THR A 722 -5.20 -4.44 13.38
CA THR A 722 -4.64 -3.45 12.47
C THR A 722 -4.19 -4.11 11.17
N GLY A 723 -3.60 -5.31 11.26
CA GLY A 723 -3.22 -6.03 10.06
C GLY A 723 -4.42 -6.48 9.24
N VAL A 724 -5.51 -6.87 9.92
CA VAL A 724 -6.73 -7.23 9.21
C VAL A 724 -7.28 -6.01 8.48
N GLU A 725 -7.27 -4.86 9.13
CA GLU A 725 -7.74 -3.64 8.48
C GLU A 725 -6.86 -3.27 7.29
N GLU A 726 -5.54 -3.43 7.43
CA GLU A 726 -4.64 -3.14 6.33
C GLU A 726 -4.86 -4.09 5.17
N GLY A 727 -5.09 -5.38 5.45
CA GLY A 727 -5.35 -6.34 4.39
C GLY A 727 -6.72 -6.26 3.79
N ARG A 728 -7.66 -5.60 4.47
CA ARG A 728 -8.96 -5.31 3.86
C ARG A 728 -8.83 -4.31 2.72
N LEU A 729 -7.85 -3.40 2.82
CA LEU A 729 -7.59 -2.44 1.76
C LEU A 729 -6.74 -3.07 0.66
N ILE A 730 -7.18 -4.23 0.16
CA ILE A 730 -6.45 -4.91 -0.91
C ILE A 730 -7.32 -5.20 -2.12
N PHE A 731 -8.64 -5.29 -1.97
CA PHE A 731 -9.53 -5.54 -3.09
C PHE A 731 -10.07 -4.24 -3.68
N ASP A 732 -10.32 -3.23 -2.85
CA ASP A 732 -10.72 -1.93 -3.35
C ASP A 732 -9.58 -1.24 -4.08
N ASN A 733 -8.35 -1.48 -3.68
CA ASN A 733 -7.18 -0.98 -4.40
C ASN A 733 -6.80 -1.84 -5.59
N LEU A 734 -7.33 -3.07 -5.67
CA LEU A 734 -7.06 -3.94 -6.81
C LEU A 734 -8.03 -3.69 -7.95
N LYS A 735 -9.30 -3.47 -7.63
CA LYS A 735 -10.25 -3.12 -8.69
C LYS A 735 -9.97 -1.72 -9.24
N LYS A 736 -9.42 -0.82 -8.42
CA LYS A 736 -8.96 0.46 -8.94
C LYS A 736 -7.88 0.28 -9.99
N SER A 737 -6.92 -0.58 -9.73
CA SER A 737 -5.84 -0.80 -10.68
C SER A 737 -6.35 -1.48 -11.94
N ILE A 738 -7.29 -2.41 -11.79
CA ILE A 738 -7.88 -3.06 -12.96
C ILE A 738 -8.61 -2.04 -13.83
N ALA A 739 -9.41 -1.17 -13.19
CA ALA A 739 -10.13 -0.16 -13.94
C ALA A 739 -9.18 0.81 -14.63
N TYR A 740 -8.11 1.23 -13.94
CA TYR A 740 -7.16 2.14 -14.56
C TYR A 740 -6.41 1.48 -15.70
N THR A 741 -6.16 0.17 -15.60
CA THR A 741 -5.55 -0.54 -16.72
C THR A 741 -6.49 -0.60 -17.91
N LEU A 742 -7.80 -0.70 -17.66
CA LEU A 742 -8.77 -0.84 -18.74
C LEU A 742 -9.25 0.48 -19.32
N THR A 743 -9.04 1.61 -18.63
CA THR A 743 -9.61 2.87 -19.10
C THR A 743 -8.99 3.38 -20.38
N SER A 744 -7.77 2.99 -20.71
CA SER A 744 -7.07 3.56 -21.85
C SER A 744 -7.31 2.81 -23.15
N ASN A 745 -8.19 1.80 -23.16
CA ASN A 745 -8.41 1.02 -24.36
C ASN A 745 -9.44 1.63 -25.29
N ILE A 746 -10.36 2.45 -24.77
CA ILE A 746 -11.37 3.10 -25.61
C ILE A 746 -10.76 4.29 -26.34
N PRO A 747 -9.93 5.13 -25.70
CA PRO A 747 -9.26 6.20 -26.46
C PRO A 747 -8.37 5.70 -27.57
N GLU A 748 -7.98 4.42 -27.58
CA GLU A 748 -7.11 3.87 -28.59
C GLU A 748 -7.86 3.18 -29.73
N ILE A 749 -9.07 2.69 -29.48
CA ILE A 749 -9.83 2.01 -30.52
C ILE A 749 -10.95 2.86 -31.09
N THR A 750 -11.38 3.91 -30.41
CA THR A 750 -12.44 4.75 -30.95
C THR A 750 -12.01 5.62 -32.13
N PRO A 751 -10.76 6.12 -32.20
CA PRO A 751 -10.36 6.88 -33.39
C PRO A 751 -10.55 6.13 -34.70
N PHE A 752 -10.23 4.83 -34.75
CA PHE A 752 -10.40 4.09 -36.00
C PHE A 752 -11.87 3.84 -36.31
N LEU A 753 -12.67 3.59 -35.29
CA LEU A 753 -14.10 3.38 -35.52
C LEU A 753 -14.75 4.65 -36.05
N ILE A 754 -14.42 5.81 -35.47
CA ILE A 754 -14.98 7.06 -35.95
C ILE A 754 -14.43 7.41 -37.33
N PHE A 755 -13.14 7.13 -37.56
CA PHE A 755 -12.56 7.16 -38.89
C PHE A 755 -13.47 6.47 -39.90
N ILE A 756 -13.76 5.19 -39.66
CA ILE A 756 -14.57 4.41 -40.59
C ILE A 756 -15.98 4.99 -40.73
N ILE A 757 -16.61 5.32 -39.60
CA ILE A 757 -18.03 5.66 -39.62
C ILE A 757 -18.25 7.06 -40.19
N ALA A 758 -17.60 8.06 -39.60
CA ALA A 758 -17.81 9.45 -40.01
C ALA A 758 -16.96 9.87 -41.19
N ASN A 759 -16.02 9.02 -41.63
CA ASN A 759 -15.15 9.34 -42.77
C ASN A 759 -14.42 10.66 -42.57
N ILE A 760 -13.86 10.83 -41.37
CA ILE A 760 -13.03 11.99 -41.07
C ILE A 760 -11.57 11.55 -41.18
N PRO A 761 -10.63 12.48 -41.35
CA PRO A 761 -9.21 12.10 -41.29
C PRO A 761 -8.89 11.43 -39.96
N LEU A 762 -7.93 10.50 -40.01
CA LEU A 762 -7.66 9.62 -38.88
C LEU A 762 -7.22 10.41 -37.65
N PRO A 763 -7.93 10.31 -36.52
CA PRO A 763 -7.52 11.08 -35.34
C PRO A 763 -6.27 10.55 -34.66
N LEU A 764 -6.03 9.25 -34.70
CA LEU A 764 -4.92 8.64 -33.99
C LEU A 764 -4.35 7.50 -34.83
N GLY A 765 -3.03 7.53 -35.03
CA GLY A 765 -2.36 6.48 -35.78
C GLY A 765 -1.76 5.43 -34.88
N THR A 766 -1.26 4.36 -35.49
CA THR A 766 -0.72 3.26 -34.70
C THR A 766 0.77 3.41 -34.43
N VAL A 767 1.17 4.61 -34.03
CA VAL A 767 2.44 4.84 -33.36
C VAL A 767 2.09 5.55 -32.06
N THR A 768 1.04 6.35 -32.13
CA THR A 768 0.54 7.05 -30.97
C THR A 768 -0.44 6.21 -30.17
N ILE A 769 -0.97 5.14 -30.75
CA ILE A 769 -1.67 4.13 -29.97
C ILE A 769 -0.70 3.45 -29.01
N LEU A 770 0.50 3.13 -29.50
CA LEU A 770 1.54 2.57 -28.64
C LEU A 770 2.13 3.61 -27.71
N CYS A 771 2.22 4.87 -28.14
CA CYS A 771 2.69 5.92 -27.26
C CYS A 771 1.71 6.20 -26.12
N ILE A 772 0.40 6.11 -26.38
CA ILE A 772 -0.58 6.23 -25.30
C ILE A 772 -0.42 5.08 -24.31
N ASP A 773 -0.27 3.87 -24.83
CA ASP A 773 -0.11 2.70 -23.97
C ASP A 773 1.17 2.76 -23.16
N LEU A 774 2.23 3.38 -23.70
CA LEU A 774 3.48 3.54 -22.98
C LEU A 774 3.41 4.62 -21.91
N GLY A 775 2.82 5.77 -22.23
CA GLY A 775 2.71 6.84 -21.25
C GLY A 775 1.80 6.49 -20.10
N THR A 776 0.63 5.93 -20.40
CA THR A 776 -0.33 5.53 -19.38
C THR A 776 -0.16 4.06 -19.02
N ASP A 777 1.04 3.73 -18.55
CA ASP A 777 1.39 2.36 -18.18
C ASP A 777 1.68 2.20 -16.71
N MET A 778 2.32 3.19 -16.08
CA MET A 778 2.63 3.16 -14.67
C MET A 778 1.57 3.84 -13.81
N VAL A 779 0.49 4.34 -14.42
CA VAL A 779 -0.53 5.06 -13.65
C VAL A 779 -1.19 4.20 -12.59
N PRO A 780 -1.56 2.94 -12.83
CA PRO A 780 -2.11 2.14 -11.71
C PRO A 780 -1.13 1.92 -10.57
N ALA A 781 0.13 1.66 -10.90
CA ALA A 781 1.14 1.47 -9.85
C ALA A 781 1.32 2.73 -9.03
N ILE A 782 1.43 3.88 -9.68
CA ILE A 782 1.56 5.13 -8.93
C ILE A 782 0.29 5.41 -8.14
N SER A 783 -0.87 5.03 -8.67
CA SER A 783 -2.12 5.21 -7.95
C SER A 783 -2.11 4.46 -6.63
N LEU A 784 -1.79 3.17 -6.67
CA LEU A 784 -1.76 2.42 -5.42
C LEU A 784 -0.54 2.75 -4.57
N ALA A 785 0.46 3.42 -5.13
CA ALA A 785 1.55 3.92 -4.31
C ALA A 785 1.13 5.16 -3.52
N TYR A 786 0.28 5.99 -4.12
CA TYR A 786 -0.23 7.19 -3.46
C TYR A 786 -1.55 6.97 -2.74
N GLU A 787 -2.09 5.76 -2.73
CA GLU A 787 -3.34 5.49 -2.05
C GLU A 787 -3.17 5.66 -0.55
N GLN A 788 -4.01 6.50 0.05
CA GLN A 788 -3.86 6.81 1.47
C GLN A 788 -4.55 5.78 2.35
N ALA A 789 -5.88 5.71 2.30
CA ALA A 789 -6.68 4.83 3.15
C ALA A 789 -8.13 4.91 2.71
N GLU A 790 -9.01 4.26 3.45
CA GLU A 790 -10.45 4.40 3.33
C GLU A 790 -11.02 4.83 4.69
N SER A 791 -12.34 4.91 4.79
CA SER A 791 -13.01 5.38 6.00
C SER A 791 -13.82 4.28 6.69
N ASP A 792 -14.76 3.66 5.98
CA ASP A 792 -15.63 2.66 6.57
C ASP A 792 -15.10 1.25 6.40
N ILE A 793 -13.78 1.08 6.25
CA ILE A 793 -13.23 -0.23 5.96
C ILE A 793 -13.49 -1.20 7.11
N MET A 794 -13.45 -0.71 8.34
CA MET A 794 -13.68 -1.54 9.51
C MET A 794 -15.13 -1.53 9.97
N LYS A 795 -16.01 -0.86 9.22
CA LYS A 795 -17.45 -0.91 9.44
C LYS A 795 -18.14 -1.75 8.37
N ARG A 796 -17.41 -2.71 7.81
CA ARG A 796 -17.85 -3.50 6.68
C ARG A 796 -17.71 -4.97 7.01
N GLN A 797 -18.73 -5.75 6.67
CA GLN A 797 -18.72 -7.17 6.99
C GLN A 797 -17.60 -7.87 6.23
N PRO A 798 -17.07 -8.97 6.76
CA PRO A 798 -15.94 -9.63 6.12
C PRO A 798 -16.27 -10.10 4.71
N ARG A 799 -15.27 -10.05 3.84
CA ARG A 799 -15.43 -10.53 2.48
C ARG A 799 -15.71 -12.02 2.48
N ASN A 800 -16.52 -12.45 1.50
CA ASN A 800 -16.74 -13.87 1.30
C ASN A 800 -15.86 -14.31 0.13
N PRO A 801 -14.63 -14.76 0.39
CA PRO A 801 -13.68 -14.96 -0.71
C PRO A 801 -14.13 -15.99 -1.73
N LYS A 802 -15.00 -16.93 -1.35
CA LYS A 802 -15.45 -17.94 -2.29
C LYS A 802 -16.49 -17.38 -3.25
N THR A 803 -17.38 -16.50 -2.77
CA THR A 803 -18.50 -16.03 -3.58
C THR A 803 -18.51 -14.51 -3.70
N ASP A 804 -17.35 -13.88 -3.66
CA ASP A 804 -17.23 -12.44 -3.91
C ASP A 804 -16.13 -12.22 -4.92
N LYS A 805 -16.49 -11.66 -6.07
CA LYS A 805 -15.59 -11.54 -7.21
C LYS A 805 -14.94 -10.16 -7.25
N LEU A 806 -13.66 -10.13 -7.56
CA LEU A 806 -12.93 -8.88 -7.69
C LEU A 806 -13.41 -8.09 -8.90
N VAL A 807 -13.80 -8.78 -9.97
CA VAL A 807 -14.24 -8.17 -11.21
C VAL A 807 -15.71 -8.51 -11.41
N ASN A 808 -16.55 -7.49 -11.55
CA ASN A 808 -17.97 -7.66 -11.83
C ASN A 808 -18.33 -6.88 -13.08
N GLU A 809 -19.60 -6.97 -13.46
CA GLU A 809 -20.07 -6.29 -14.66
C GLU A 809 -20.08 -4.78 -14.51
N ARG A 810 -20.07 -4.27 -13.27
CA ARG A 810 -20.09 -2.83 -13.07
C ARG A 810 -18.70 -2.22 -13.20
N LEU A 811 -17.66 -2.96 -12.84
CA LEU A 811 -16.29 -2.48 -13.03
C LEU A 811 -15.96 -2.41 -14.52
N ILE A 812 -16.32 -3.44 -15.28
CA ILE A 812 -16.08 -3.44 -16.71
C ILE A 812 -16.92 -2.37 -17.39
N SER A 813 -18.19 -2.26 -17.04
CA SER A 813 -19.03 -1.19 -17.58
C SER A 813 -18.52 0.18 -17.20
N MET A 814 -17.83 0.30 -16.07
CA MET A 814 -17.24 1.58 -15.70
C MET A 814 -16.04 1.89 -16.60
N ALA A 815 -15.02 1.04 -16.56
CA ALA A 815 -13.80 1.31 -17.31
C ALA A 815 -14.08 1.41 -18.81
N TYR A 816 -14.71 0.39 -19.38
CA TYR A 816 -15.03 0.35 -20.81
C TYR A 816 -16.38 1.03 -21.06
N GLY A 817 -16.41 2.34 -20.89
CA GLY A 817 -17.63 3.02 -21.24
C GLY A 817 -18.10 4.19 -20.41
N GLN A 818 -17.39 4.52 -19.35
CA GLN A 818 -17.73 5.76 -18.66
C GLN A 818 -16.52 6.64 -18.44
N ILE A 819 -15.36 6.06 -18.18
CA ILE A 819 -14.13 6.82 -18.06
C ILE A 819 -13.38 6.84 -19.38
N GLY A 820 -13.30 5.68 -20.05
CA GLY A 820 -12.66 5.63 -21.35
C GLY A 820 -13.35 6.51 -22.38
N MET A 821 -14.68 6.57 -22.35
CA MET A 821 -15.41 7.40 -23.29
C MET A 821 -15.15 8.88 -23.05
N ILE A 822 -15.08 9.29 -21.78
CA ILE A 822 -14.75 10.68 -21.46
C ILE A 822 -13.37 11.03 -21.99
N GLN A 823 -12.39 10.14 -21.77
CA GLN A 823 -11.04 10.41 -22.24
C GLN A 823 -11.00 10.46 -23.76
N ALA A 824 -11.73 9.56 -24.42
CA ALA A 824 -11.77 9.56 -25.89
C ALA A 824 -12.36 10.86 -26.42
N LEU A 825 -13.43 11.34 -25.79
CA LEU A 825 -14.02 12.60 -26.24
C LEU A 825 -13.09 13.78 -26.00
N GLY A 826 -12.29 13.74 -24.93
CA GLY A 826 -11.30 14.79 -24.75
C GLY A 826 -10.25 14.81 -25.84
N GLY A 827 -9.74 13.62 -26.19
CA GLY A 827 -8.79 13.54 -27.28
C GLY A 827 -9.39 13.98 -28.60
N PHE A 828 -10.64 13.61 -28.86
CA PHE A 828 -11.32 14.06 -30.07
C PHE A 828 -11.48 15.56 -30.10
N PHE A 829 -11.75 16.17 -28.94
CA PHE A 829 -11.82 17.62 -28.89
C PHE A 829 -10.48 18.26 -29.25
N THR A 830 -9.39 17.72 -28.73
CA THR A 830 -8.07 18.26 -29.07
C THR A 830 -7.81 18.15 -30.56
N TYR A 831 -8.13 16.99 -31.15
CA TYR A 831 -7.95 16.79 -32.58
C TYR A 831 -8.78 17.78 -33.39
N PHE A 832 -10.05 17.97 -33.01
CA PHE A 832 -10.93 18.88 -33.72
C PHE A 832 -10.44 20.30 -33.65
N VAL A 833 -9.93 20.72 -32.49
CA VAL A 833 -9.45 22.09 -32.37
C VAL A 833 -8.19 22.30 -33.20
N ILE A 834 -7.25 21.35 -33.15
CA ILE A 834 -6.04 21.51 -33.95
C ILE A 834 -6.40 21.61 -35.43
N LEU A 835 -7.34 20.78 -35.89
CA LEU A 835 -7.73 20.85 -37.29
C LEU A 835 -8.46 22.15 -37.62
N ALA A 836 -9.31 22.63 -36.71
CA ALA A 836 -10.13 23.81 -37.00
C ALA A 836 -9.31 25.09 -36.97
N GLU A 837 -8.23 25.14 -36.19
CA GLU A 837 -7.40 26.32 -36.16
C GLU A 837 -6.43 26.40 -37.32
N ASN A 838 -6.37 25.37 -38.17
CA ASN A 838 -5.60 25.40 -39.40
C ASN A 838 -6.48 25.57 -40.63
N GLY A 839 -7.80 25.61 -40.47
CA GLY A 839 -8.69 25.89 -41.58
C GLY A 839 -9.83 24.92 -41.76
N PHE A 840 -9.71 23.70 -41.25
CA PHE A 840 -10.69 22.64 -41.48
C PHE A 840 -11.65 22.57 -40.30
N LEU A 841 -12.80 23.20 -40.45
CA LEU A 841 -13.79 23.25 -39.39
C LEU A 841 -14.47 21.89 -39.23
N PRO A 842 -15.01 21.61 -38.04
CA PRO A 842 -15.52 20.26 -37.77
C PRO A 842 -16.59 19.78 -38.73
N ILE A 843 -17.46 20.66 -39.22
CA ILE A 843 -18.50 20.25 -40.15
C ILE A 843 -17.90 19.93 -41.53
N HIS A 844 -16.75 20.50 -41.85
CA HIS A 844 -16.10 20.25 -43.14
C HIS A 844 -15.43 18.89 -43.18
N LEU A 845 -15.01 18.36 -42.03
CA LEU A 845 -14.24 17.13 -41.98
C LEU A 845 -15.08 15.89 -42.24
N LEU A 846 -16.39 15.96 -42.10
CA LEU A 846 -17.24 14.79 -42.28
C LEU A 846 -17.29 14.39 -43.74
N GLY A 847 -16.88 13.17 -44.05
CA GLY A 847 -16.82 12.71 -45.41
C GLY A 847 -15.55 13.06 -46.14
N LEU A 848 -14.56 13.61 -45.45
CA LEU A 848 -13.31 14.07 -46.05
C LEU A 848 -12.23 13.01 -46.05
N ARG A 849 -12.54 11.79 -45.60
CA ARG A 849 -11.52 10.77 -45.45
C ARG A 849 -10.93 10.34 -46.79
N VAL A 850 -11.71 10.39 -47.86
CA VAL A 850 -11.25 9.85 -49.14
C VAL A 850 -10.47 10.90 -49.94
N ASP A 851 -10.88 12.17 -49.90
CA ASP A 851 -10.07 13.22 -50.51
C ASP A 851 -8.77 13.42 -49.75
N TRP A 852 -8.85 13.55 -48.42
CA TRP A 852 -7.70 13.33 -47.56
C TRP A 852 -7.19 11.93 -47.85
N ASP A 853 -5.93 11.64 -47.53
CA ASP A 853 -5.34 10.31 -47.71
C ASP A 853 -5.19 9.91 -49.18
N ASP A 854 -5.61 10.75 -50.12
CA ASP A 854 -5.39 10.52 -51.55
C ASP A 854 -4.16 11.31 -51.98
N ARG A 855 -3.07 10.60 -52.30
CA ARG A 855 -1.81 11.27 -52.59
C ARG A 855 -1.84 12.02 -53.91
N TRP A 856 -2.82 11.76 -54.76
CA TRP A 856 -2.90 12.37 -56.07
C TRP A 856 -3.91 13.50 -56.13
N ILE A 857 -4.53 13.85 -55.00
CA ILE A 857 -5.40 15.00 -54.90
C ILE A 857 -4.67 16.02 -54.03
N ASN A 858 -4.04 16.99 -54.67
CA ASN A 858 -3.18 17.96 -54.02
C ASN A 858 -3.76 19.36 -54.11
N ASP A 859 -5.09 19.46 -54.13
CA ASP A 859 -5.78 20.74 -54.05
C ASP A 859 -7.03 20.60 -53.18
N VAL A 860 -6.89 19.93 -52.04
CA VAL A 860 -8.01 19.73 -51.14
C VAL A 860 -8.31 21.05 -50.44
N GLU A 861 -9.57 21.48 -50.53
CA GLU A 861 -9.98 22.79 -50.06
C GLU A 861 -10.50 22.73 -48.64
N ASP A 862 -10.16 23.73 -47.83
CA ASP A 862 -10.63 23.80 -46.47
C ASP A 862 -11.85 24.72 -46.37
N SER A 863 -12.25 25.05 -45.14
CA SER A 863 -13.42 25.87 -44.92
C SER A 863 -13.22 27.34 -45.26
N TYR A 864 -11.98 27.74 -45.54
CA TYR A 864 -11.67 29.14 -45.82
C TYR A 864 -11.33 29.40 -47.27
N GLY A 865 -11.33 28.37 -48.11
CA GLY A 865 -11.08 28.52 -49.53
C GLY A 865 -9.69 28.09 -49.96
N GLN A 866 -8.75 27.93 -49.03
CA GLN A 866 -7.39 27.55 -49.38
C GLN A 866 -7.35 26.11 -49.89
N GLN A 867 -6.22 25.74 -50.49
CA GLN A 867 -6.06 24.41 -51.08
C GLN A 867 -4.73 23.82 -50.67
N TRP A 868 -4.76 22.55 -50.27
CA TRP A 868 -3.65 21.89 -49.58
C TRP A 868 -3.14 20.72 -50.39
N THR A 869 -1.82 20.60 -50.51
CA THR A 869 -1.23 19.41 -51.10
C THR A 869 -1.27 18.27 -50.09
N TYR A 870 -0.88 17.08 -50.54
CA TYR A 870 -0.97 15.90 -49.70
C TYR A 870 -0.07 16.01 -48.48
N GLU A 871 1.14 16.52 -48.66
CA GLU A 871 2.07 16.62 -47.54
C GLU A 871 1.65 17.70 -46.55
N GLN A 872 1.08 18.79 -47.05
CA GLN A 872 0.60 19.84 -46.16
C GLN A 872 -0.54 19.33 -45.28
N ARG A 873 -1.44 18.51 -45.83
CA ARG A 873 -2.47 17.87 -45.02
C ARG A 873 -1.85 16.93 -44.00
N LYS A 874 -0.85 16.15 -44.41
CA LYS A 874 -0.33 15.10 -43.56
C LYS A 874 0.49 15.63 -42.41
N ILE A 875 1.12 16.79 -42.56
CA ILE A 875 1.82 17.39 -41.42
C ILE A 875 0.82 17.77 -40.33
N VAL A 876 -0.32 18.36 -40.72
CA VAL A 876 -1.36 18.68 -39.76
C VAL A 876 -1.94 17.41 -39.15
N GLU A 877 -2.09 16.35 -39.95
CA GLU A 877 -2.60 15.09 -39.41
C GLU A 877 -1.64 14.50 -38.38
N PHE A 878 -0.33 14.54 -38.65
CA PHE A 878 0.66 14.07 -37.69
C PHE A 878 0.60 14.89 -36.41
N THR A 879 0.44 16.21 -36.54
CA THR A 879 0.27 17.05 -35.36
C THR A 879 -0.96 16.65 -34.56
N CYS A 880 -2.07 16.37 -35.25
CA CYS A 880 -3.29 15.93 -34.56
C CYS A 880 -3.09 14.60 -33.85
N HIS A 881 -2.39 13.67 -34.48
CA HIS A 881 -2.12 12.38 -33.85
C HIS A 881 -1.32 12.56 -32.57
N THR A 882 -0.23 13.31 -32.65
CA THR A 882 0.62 13.51 -31.46
C THR A 882 -0.13 14.27 -30.38
N ALA A 883 -0.96 15.25 -30.76
CA ALA A 883 -1.75 15.98 -29.78
C ALA A 883 -2.78 15.08 -29.11
N PHE A 884 -3.42 14.19 -29.87
CA PHE A 884 -4.34 13.22 -29.28
C PHE A 884 -3.63 12.39 -28.22
N PHE A 885 -2.45 11.85 -28.56
CA PHE A 885 -1.71 11.02 -27.62
C PHE A 885 -1.30 11.81 -26.37
N VAL A 886 -0.77 13.02 -26.58
CA VAL A 886 -0.34 13.83 -25.45
C VAL A 886 -1.52 14.18 -24.55
N SER A 887 -2.66 14.54 -25.16
CA SER A 887 -3.83 14.90 -24.38
C SER A 887 -4.29 13.72 -23.53
N ILE A 888 -4.37 12.53 -24.13
CA ILE A 888 -4.82 11.36 -23.39
C ILE A 888 -3.90 11.10 -22.19
N VAL A 889 -2.59 11.09 -22.44
CA VAL A 889 -1.64 10.73 -21.37
C VAL A 889 -1.66 11.78 -20.26
N VAL A 890 -1.58 13.06 -20.63
CA VAL A 890 -1.52 14.13 -19.65
C VAL A 890 -2.80 14.17 -18.83
N VAL A 891 -3.95 13.98 -19.47
CA VAL A 891 -5.19 14.02 -18.73
C VAL A 891 -5.34 12.81 -17.82
N GLN A 892 -4.82 11.65 -18.22
CA GLN A 892 -4.87 10.50 -17.33
C GLN A 892 -4.05 10.76 -16.07
N TRP A 893 -2.84 11.30 -16.23
CA TRP A 893 -2.03 11.60 -15.05
C TRP A 893 -2.64 12.70 -14.18
N ALA A 894 -3.16 13.75 -14.82
CA ALA A 894 -3.78 14.84 -14.05
C ALA A 894 -5.03 14.37 -13.34
N ASP A 895 -5.82 13.49 -13.97
CA ASP A 895 -6.98 12.93 -13.31
C ASP A 895 -6.58 12.08 -12.12
N LEU A 896 -5.49 11.32 -12.26
CA LEU A 896 -4.97 10.58 -11.11
C LEU A 896 -4.67 11.52 -9.94
N VAL A 897 -3.93 12.60 -10.21
CA VAL A 897 -3.55 13.52 -9.15
C VAL A 897 -4.78 14.18 -8.53
N ILE A 898 -5.72 14.63 -9.37
CA ILE A 898 -6.90 15.32 -8.86
C ILE A 898 -7.78 14.38 -8.04
N CYS A 899 -7.92 13.13 -8.49
CA CYS A 899 -8.71 12.17 -7.73
C CYS A 899 -8.07 11.84 -6.39
N LYS A 900 -6.74 11.76 -6.34
CA LYS A 900 -6.09 11.55 -5.06
C LYS A 900 -6.01 12.81 -4.21
N THR A 901 -6.36 13.97 -4.77
CA THR A 901 -6.42 15.19 -3.99
C THR A 901 -7.83 15.53 -3.52
N ARG A 902 -8.83 15.43 -4.41
CA ARG A 902 -10.18 15.83 -4.04
C ARG A 902 -10.79 14.87 -3.02
N ARG A 903 -10.69 13.57 -3.27
CA ARG A 903 -11.24 12.55 -2.38
C ARG A 903 -10.08 11.82 -1.72
N ASN A 904 -9.81 12.16 -0.46
CA ASN A 904 -8.70 11.59 0.29
C ASN A 904 -7.38 11.75 -0.46
N ARG A 941 5.86 18.67 -31.52
CA ARG A 941 4.56 18.89 -32.14
C ARG A 941 3.47 18.68 -31.10
N MET A 942 3.89 18.58 -29.84
CA MET A 942 2.97 18.35 -28.72
C MET A 942 2.27 19.66 -28.36
N TYR A 943 1.32 20.03 -29.21
CA TYR A 943 0.53 21.23 -28.96
C TYR A 943 -0.16 21.26 -27.59
N PRO A 944 -0.70 20.15 -27.06
CA PRO A 944 -1.33 20.22 -25.74
C PRO A 944 -0.40 20.74 -24.66
N LEU A 945 -1.01 21.15 -23.54
CA LEU A 945 -0.39 21.81 -22.40
C LEU A 945 0.03 23.24 -22.74
N LYS A 946 -0.27 23.73 -23.94
CA LYS A 946 0.11 25.08 -24.32
C LYS A 946 -0.74 26.10 -23.55
N PRO A 947 -0.19 27.27 -23.24
CA PRO A 947 -0.97 28.28 -22.51
C PRO A 947 -1.74 29.23 -23.42
N THR A 948 -1.32 29.38 -24.67
CA THR A 948 -1.84 30.43 -25.54
C THR A 948 -3.24 30.08 -26.01
N TRP A 949 -4.21 30.30 -25.11
CA TRP A 949 -5.61 29.98 -25.35
C TRP A 949 -5.76 28.55 -25.85
N TRP A 950 -5.00 27.65 -25.23
CA TRP A 950 -5.11 26.23 -25.50
C TRP A 950 -5.90 25.56 -24.39
N PHE A 951 -7.18 25.92 -24.31
CA PHE A 951 -8.12 25.16 -23.50
C PHE A 951 -8.60 23.92 -24.23
N CYS A 952 -8.17 23.75 -25.48
CA CYS A 952 -8.43 22.53 -26.24
C CYS A 952 -7.65 21.33 -25.71
N ALA A 953 -6.55 21.58 -25.02
CA ALA A 953 -5.63 20.55 -24.58
C ALA A 953 -6.22 19.82 -23.38
N PHE A 954 -5.37 19.17 -22.62
CA PHE A 954 -5.69 18.60 -21.32
C PHE A 954 -6.72 19.45 -20.56
N PRO A 955 -6.70 20.82 -20.63
CA PRO A 955 -7.82 21.58 -20.06
C PRO A 955 -9.21 21.03 -20.29
N TYR A 956 -9.64 20.78 -21.54
CA TYR A 956 -10.99 20.24 -21.68
C TYR A 956 -11.03 18.74 -21.44
N SER A 957 -10.04 17.99 -21.92
CA SER A 957 -10.08 16.55 -21.75
C SER A 957 -10.21 16.18 -20.28
N LEU A 958 -9.79 17.08 -19.38
CA LEU A 958 -10.01 16.97 -17.94
C LEU A 958 -11.24 17.73 -17.47
N LEU A 959 -11.69 18.72 -18.22
CA LEU A 959 -12.90 19.45 -17.83
C LEU A 959 -14.15 18.61 -18.03
N ILE A 960 -14.20 17.79 -19.08
CA ILE A 960 -15.28 16.83 -19.22
C ILE A 960 -15.24 15.80 -18.09
N PHE A 961 -14.03 15.38 -17.71
CA PHE A 961 -13.85 14.50 -16.57
C PHE A 961 -14.48 15.09 -15.31
N VAL A 962 -14.11 16.32 -14.99
CA VAL A 962 -14.59 16.94 -13.75
C VAL A 962 -16.04 17.38 -13.86
N TYR A 963 -16.57 17.54 -15.07
CA TYR A 963 -17.98 17.85 -15.25
C TYR A 963 -18.87 16.62 -15.19
N ASP A 964 -18.33 15.44 -15.46
CA ASP A 964 -19.10 14.22 -15.29
C ASP A 964 -18.91 13.56 -13.93
N LYS A 965 -17.79 13.85 -13.25
CA LYS A 965 -17.63 13.40 -11.87
C LYS A 965 -18.66 14.02 -10.95
N VAL A 966 -19.33 15.08 -11.37
CA VAL A 966 -20.33 15.75 -10.55
C VAL A 966 -21.72 15.25 -10.90
N ARG A 967 -21.95 14.94 -12.18
CA ARG A 967 -23.25 14.39 -12.55
C ARG A 967 -23.40 12.95 -12.05
N LYS A 968 -22.34 12.15 -12.18
CA LYS A 968 -22.38 10.82 -11.58
C LYS A 968 -22.51 10.90 -10.07
N LEU A 969 -21.98 11.96 -9.46
CA LEU A 969 -22.16 12.19 -8.04
C LEU A 969 -23.61 12.47 -7.69
N ILE A 970 -24.26 13.35 -8.47
CA ILE A 970 -25.61 13.77 -8.15
C ILE A 970 -26.61 12.65 -8.41
N ILE A 971 -26.41 11.87 -9.48
CA ILE A 971 -27.35 10.79 -9.74
C ILE A 971 -27.32 9.76 -8.62
N ARG A 972 -26.15 9.53 -8.03
CA ARG A 972 -25.98 8.75 -6.79
C ARG A 972 -26.54 7.34 -6.94
N ARG A 973 -25.89 6.57 -7.81
CA ARG A 973 -26.20 5.15 -7.92
C ARG A 973 -25.74 4.44 -6.64
N ARG A 974 -26.67 3.85 -5.91
CA ARG A 974 -26.36 3.26 -4.62
C ARG A 974 -25.71 1.88 -4.74
N PRO A 975 -26.24 0.95 -5.55
CA PRO A 975 -25.56 -0.36 -5.58
C PRO A 975 -24.17 -0.31 -6.20
N GLU A 980 -21.66 0.90 -4.52
CA GLU A 980 -21.72 2.19 -5.18
C GLU A 980 -20.48 2.47 -6.00
N LYS A 981 -20.59 2.31 -7.32
CA LYS A 981 -19.55 2.82 -8.23
C LYS A 981 -19.93 4.20 -8.75
N GLU A 982 -20.26 5.09 -7.81
CA GLU A 982 -20.20 6.52 -8.07
C GLU A 982 -18.77 7.02 -7.98
N THR A 983 -17.95 6.34 -7.18
CA THR A 983 -16.50 6.45 -7.31
C THR A 983 -16.06 5.67 -8.54
N TYR A 984 -14.88 6.03 -9.06
CA TYR A 984 -14.52 5.81 -10.45
C TYR A 984 -15.47 6.57 -11.36
N TYR A 985 -15.97 7.68 -10.86
CA TYR A 985 -16.84 8.61 -11.58
C TYR A 985 -16.39 8.91 -13.01
N THR B 25 -28.24 -19.86 -25.41
CA THR B 25 -27.97 -20.22 -24.02
C THR B 25 -29.07 -19.71 -23.10
N GLY B 26 -29.92 -20.61 -22.65
CA GLY B 26 -31.01 -20.28 -21.74
C GLY B 26 -32.37 -20.54 -22.38
N GLU B 27 -33.39 -20.37 -21.54
CA GLU B 27 -34.76 -20.56 -22.00
C GLU B 27 -35.12 -19.56 -23.09
N PHE B 28 -34.72 -18.29 -22.91
CA PHE B 28 -34.92 -17.27 -23.93
C PHE B 28 -33.70 -17.06 -24.81
N LEU B 29 -32.63 -17.82 -24.58
CA LEU B 29 -31.36 -17.68 -25.30
C LEU B 29 -30.73 -16.30 -25.12
N GLY B 30 -31.12 -15.58 -24.07
CA GLY B 30 -30.61 -14.25 -23.82
C GLY B 30 -30.45 -14.00 -22.33
N ARG B 31 -29.82 -12.86 -22.03
CA ARG B 31 -29.54 -12.47 -20.65
C ARG B 31 -30.51 -11.40 -20.13
N THR B 32 -31.60 -11.14 -20.85
CA THR B 32 -32.54 -10.09 -20.48
C THR B 32 -33.43 -10.57 -19.33
N ALA B 33 -32.83 -10.61 -18.14
CA ALA B 33 -33.55 -10.99 -16.93
C ALA B 33 -34.13 -9.72 -16.28
N LYS B 34 -35.07 -9.10 -17.01
CA LYS B 34 -35.69 -7.84 -16.67
C LYS B 34 -34.68 -6.70 -16.77
N SER B 35 -33.44 -7.05 -17.09
CA SER B 35 -32.39 -6.07 -17.33
C SER B 35 -32.32 -5.76 -18.83
N TRP B 36 -31.25 -5.10 -19.25
CA TRP B 36 -30.98 -4.70 -20.62
C TRP B 36 -31.95 -3.63 -21.12
N GLY B 37 -32.95 -3.27 -20.35
CA GLY B 37 -33.76 -2.11 -20.65
C GLY B 37 -33.34 -0.97 -19.76
N LEU B 38 -33.14 -1.28 -18.47
CA LEU B 38 -32.60 -0.28 -17.55
C LEU B 38 -31.16 0.08 -17.92
N ILE B 39 -30.37 -0.91 -18.33
CA ILE B 39 -29.01 -0.62 -18.78
C ILE B 39 -29.02 0.27 -20.01
N LEU B 40 -29.89 -0.03 -20.97
CA LEU B 40 -29.99 0.79 -22.17
C LEU B 40 -30.43 2.21 -21.84
N LEU B 41 -31.40 2.36 -20.94
CA LEU B 41 -31.84 3.69 -20.54
C LEU B 41 -30.72 4.46 -19.85
N PHE B 42 -29.99 3.79 -18.94
CA PHE B 42 -28.92 4.48 -18.24
C PHE B 42 -27.82 4.92 -19.19
N TYR B 43 -27.43 4.06 -20.14
CA TYR B 43 -26.39 4.47 -21.06
C TYR B 43 -26.88 5.52 -22.04
N LEU B 44 -28.16 5.48 -22.40
CA LEU B 44 -28.73 6.54 -23.23
C LEU B 44 -28.64 7.89 -22.52
N VAL B 45 -29.00 7.93 -21.24
CA VAL B 45 -28.93 9.19 -20.50
C VAL B 45 -27.48 9.63 -20.30
N PHE B 46 -26.60 8.69 -19.97
CA PHE B 46 -25.20 9.04 -19.73
C PHE B 46 -24.54 9.58 -20.99
N TYR B 47 -24.75 8.92 -22.13
CA TYR B 47 -24.17 9.39 -23.37
C TYR B 47 -24.88 10.62 -23.92
N GLY B 48 -26.14 10.83 -23.59
CA GLY B 48 -26.77 12.10 -23.92
C GLY B 48 -26.15 13.25 -23.16
N PHE B 49 -25.89 13.06 -21.86
CA PHE B 49 -25.20 14.08 -21.08
C PHE B 49 -23.79 14.33 -21.61
N LEU B 50 -23.07 13.26 -21.95
CA LEU B 50 -21.72 13.39 -22.46
C LEU B 50 -21.70 14.09 -23.82
N ALA B 51 -22.62 13.73 -24.71
CA ALA B 51 -22.72 14.40 -26.01
C ALA B 51 -23.11 15.86 -25.85
N ALA B 52 -23.97 16.18 -24.88
CA ALA B 52 -24.31 17.57 -24.63
C ALA B 52 -23.09 18.36 -24.20
N LEU B 53 -22.30 17.81 -23.28
CA LEU B 53 -21.08 18.50 -22.85
C LEU B 53 -20.13 18.69 -24.01
N PHE B 54 -19.91 17.64 -24.81
CA PHE B 54 -18.98 17.71 -25.92
C PHE B 54 -19.44 18.73 -26.95
N SER B 55 -20.72 18.72 -27.30
CA SER B 55 -21.25 19.67 -28.29
C SER B 55 -21.16 21.10 -27.79
N PHE B 56 -21.48 21.34 -26.52
CA PHE B 56 -21.39 22.71 -26.01
C PHE B 56 -19.95 23.19 -26.00
N THR B 57 -19.00 22.33 -25.62
CA THR B 57 -17.60 22.74 -25.63
C THR B 57 -17.11 22.99 -27.06
N MET B 58 -17.52 22.16 -28.01
CA MET B 58 -17.15 22.39 -29.40
C MET B 58 -17.71 23.70 -29.91
N TRP B 59 -18.96 24.00 -29.59
CA TRP B 59 -19.56 25.26 -30.03
C TRP B 59 -18.84 26.45 -29.41
N VAL B 60 -18.56 26.39 -28.11
CA VAL B 60 -17.90 27.51 -27.45
C VAL B 60 -16.46 27.67 -27.91
N MET B 61 -15.83 26.60 -28.40
CA MET B 61 -14.52 26.73 -29.02
C MET B 61 -14.62 27.32 -30.42
N LEU B 62 -15.64 26.93 -31.17
CA LEU B 62 -15.82 27.46 -32.52
C LEU B 62 -16.15 28.94 -32.51
N GLN B 63 -16.81 29.42 -31.44
CA GLN B 63 -17.11 30.85 -31.35
C GLN B 63 -15.87 31.71 -31.26
N THR B 64 -14.73 31.13 -30.90
CA THR B 64 -13.48 31.88 -30.78
C THR B 64 -12.71 31.97 -32.09
N LEU B 65 -13.23 31.39 -33.16
CA LEU B 65 -12.55 31.37 -34.45
C LEU B 65 -13.18 32.37 -35.41
N ASN B 66 -12.34 32.90 -36.30
CA ASN B 66 -12.81 33.80 -37.34
C ASN B 66 -13.56 33.01 -38.41
N ASP B 67 -14.40 33.73 -39.15
CA ASP B 67 -15.11 33.14 -40.28
C ASP B 67 -14.55 33.56 -41.62
N GLU B 68 -13.42 34.26 -41.63
CA GLU B 68 -12.86 34.79 -42.86
C GLU B 68 -11.40 34.42 -43.11
N VAL B 69 -10.63 34.11 -42.08
CA VAL B 69 -9.20 33.84 -42.23
C VAL B 69 -8.78 32.85 -41.16
N PRO B 70 -7.97 31.84 -41.49
CA PRO B 70 -7.58 30.85 -40.49
C PRO B 70 -6.75 31.48 -39.38
N LYS B 71 -6.84 30.88 -38.19
CA LYS B 71 -6.05 31.35 -37.07
C LYS B 71 -4.57 31.15 -37.32
N TYR B 72 -4.19 30.00 -37.88
CA TYR B 72 -2.80 29.69 -38.19
C TYR B 72 -2.65 29.45 -39.68
N ARG B 73 -1.67 30.11 -40.30
CA ARG B 73 -1.42 29.97 -41.73
C ARG B 73 0.02 29.56 -41.99
N ASP B 74 0.66 28.91 -41.02
CA ASP B 74 2.05 28.50 -41.16
C ASP B 74 2.21 27.06 -41.64
N GLN B 75 1.12 26.32 -41.78
CA GLN B 75 1.18 24.96 -42.32
C GLN B 75 0.95 24.91 -43.82
N ILE B 76 0.52 26.01 -44.41
CA ILE B 76 0.35 26.13 -45.86
C ILE B 76 1.07 27.40 -46.29
N PRO B 77 2.40 27.42 -46.25
CA PRO B 77 3.13 28.67 -46.48
C PRO B 77 3.31 29.01 -47.96
N SER B 78 3.42 27.98 -48.78
CA SER B 78 3.74 28.11 -50.20
C SER B 78 2.74 27.32 -51.02
N PRO B 79 2.39 27.79 -52.22
CA PRO B 79 1.36 27.10 -53.00
C PRO B 79 1.89 25.87 -53.70
N GLY B 80 1.08 24.82 -53.70
CA GLY B 80 1.33 23.67 -54.52
C GLY B 80 0.86 23.90 -55.94
N LEU B 81 0.86 22.83 -56.71
CA LEU B 81 0.39 22.87 -58.08
C LEU B 81 -0.50 21.65 -58.32
N MET B 82 -1.44 21.79 -59.24
CA MET B 82 -2.37 20.70 -59.50
C MET B 82 -2.89 20.80 -60.93
N VAL B 83 -3.29 19.66 -61.47
CA VAL B 83 -3.78 19.55 -62.84
C VAL B 83 -5.25 19.21 -62.83
N PHE B 84 -5.95 19.64 -63.88
CA PHE B 84 -7.37 19.40 -64.05
C PHE B 84 -7.63 18.93 -65.47
N PRO B 85 -8.52 17.94 -65.66
CA PRO B 85 -9.30 17.19 -64.67
C PRO B 85 -8.52 16.10 -63.97
N LYS B 86 -9.02 15.61 -62.84
CA LYS B 86 -8.38 14.51 -62.15
C LYS B 86 -8.66 13.20 -62.87
N PRO B 87 -7.64 12.48 -63.35
CA PRO B 87 -7.90 11.19 -64.00
C PRO B 87 -8.43 10.14 -63.05
N VAL B 88 -8.80 8.98 -63.60
CA VAL B 88 -9.28 7.89 -62.74
C VAL B 88 -8.13 7.30 -61.94
N THR B 89 -6.99 7.06 -62.59
CA THR B 89 -5.83 6.43 -61.96
C THR B 89 -4.69 7.43 -61.88
N ALA B 90 -4.27 7.75 -60.67
CA ALA B 90 -3.13 8.63 -60.39
C ALA B 90 -3.35 9.94 -61.16
N LEU B 91 -2.37 10.45 -61.89
CA LEU B 91 -2.51 11.61 -62.75
C LEU B 91 -2.21 11.23 -64.19
N GLU B 92 -2.69 10.06 -64.61
CA GLU B 92 -2.40 9.51 -65.93
C GLU B 92 -3.61 9.68 -66.82
N TYR B 93 -3.50 10.56 -67.81
CA TYR B 93 -4.55 10.78 -68.78
C TYR B 93 -4.38 9.79 -69.93
N THR B 94 -5.40 8.98 -70.19
CA THR B 94 -5.35 8.02 -71.27
C THR B 94 -6.68 8.04 -72.00
N PHE B 95 -6.64 8.10 -73.32
CA PHE B 95 -7.85 8.09 -74.15
C PHE B 95 -7.46 7.67 -75.56
N SER B 96 -8.45 7.60 -76.43
CA SER B 96 -8.24 7.27 -77.84
C SER B 96 -8.80 8.38 -78.71
N ARG B 97 -8.09 8.69 -79.79
CA ARG B 97 -8.50 9.75 -80.70
C ARG B 97 -9.84 9.45 -81.37
N SER B 98 -10.24 8.17 -81.41
CA SER B 98 -11.44 7.76 -82.12
C SER B 98 -12.66 7.67 -81.21
N ASP B 99 -12.58 6.90 -80.13
CA ASP B 99 -13.73 6.65 -79.28
C ASP B 99 -14.10 7.90 -78.50
N PRO B 100 -15.30 8.45 -78.68
CA PRO B 100 -15.71 9.64 -77.90
C PRO B 100 -16.02 9.34 -76.45
N THR B 101 -16.22 8.07 -76.08
CA THR B 101 -16.50 7.73 -74.69
C THR B 101 -15.24 7.62 -73.85
N SER B 102 -14.06 7.55 -74.49
CA SER B 102 -12.83 7.42 -73.72
C SER B 102 -12.44 8.74 -73.07
N TYR B 103 -12.81 9.86 -73.68
CA TYR B 103 -12.48 11.18 -73.16
C TYR B 103 -13.73 12.00 -72.86
N ALA B 104 -14.88 11.34 -72.69
CA ALA B 104 -16.09 12.07 -72.35
C ALA B 104 -16.00 12.68 -70.95
N GLY B 105 -15.42 11.94 -70.00
CA GLY B 105 -15.28 12.47 -68.66
C GLY B 105 -14.39 13.70 -68.61
N TYR B 106 -13.29 13.69 -69.35
CA TYR B 106 -12.41 14.85 -69.41
C TYR B 106 -13.15 16.06 -69.95
N ILE B 107 -13.92 15.87 -71.01
CA ILE B 107 -14.66 16.97 -71.62
C ILE B 107 -15.69 17.52 -70.65
N GLU B 108 -16.45 16.63 -70.00
CA GLU B 108 -17.49 17.09 -69.08
C GLU B 108 -16.88 17.82 -67.89
N ASP B 109 -15.79 17.31 -67.33
CA ASP B 109 -15.15 17.97 -66.20
C ASP B 109 -14.60 19.33 -66.59
N LEU B 110 -13.94 19.41 -67.75
CA LEU B 110 -13.39 20.69 -68.19
C LEU B 110 -14.50 21.70 -68.46
N LYS B 111 -15.61 21.26 -69.04
CA LYS B 111 -16.69 22.19 -69.33
C LYS B 111 -17.39 22.65 -68.05
N LYS B 112 -17.57 21.75 -67.09
CA LYS B 112 -18.19 22.13 -65.83
C LYS B 112 -17.29 23.09 -65.04
N PHE B 113 -15.98 22.82 -65.02
CA PHE B 113 -15.06 23.67 -64.26
C PHE B 113 -14.96 25.07 -64.86
N LEU B 114 -14.89 25.17 -66.19
CA LEU B 114 -14.66 26.45 -66.85
C LEU B 114 -15.94 27.24 -67.07
N LYS B 115 -17.08 26.74 -66.61
CA LYS B 115 -18.33 27.49 -66.79
C LYS B 115 -18.30 28.86 -66.12
N PRO B 116 -17.89 29.01 -64.85
CA PRO B 116 -17.83 30.36 -64.26
C PRO B 116 -16.78 31.26 -64.87
N TYR B 117 -15.94 30.77 -65.77
CA TYR B 117 -14.96 31.60 -66.46
C TYR B 117 -15.49 32.17 -67.77
N THR B 118 -16.64 31.72 -68.23
CA THR B 118 -17.12 32.08 -69.55
C THR B 118 -17.52 33.56 -69.61
N LEU B 119 -17.87 34.00 -70.81
CA LEU B 119 -18.19 35.41 -71.04
C LEU B 119 -19.41 35.84 -70.25
N GLU B 120 -20.44 34.98 -70.20
CA GLU B 120 -21.70 35.35 -69.57
C GLU B 120 -21.68 35.17 -68.06
N GLU B 121 -20.58 34.69 -67.48
CA GLU B 121 -20.49 34.50 -66.04
C GLU B 121 -19.54 35.46 -65.35
N GLN B 122 -18.63 36.10 -66.08
CA GLN B 122 -17.72 37.08 -65.52
C GLN B 122 -18.21 38.51 -65.73
N LYS B 123 -19.48 38.68 -66.12
CA LYS B 123 -19.99 40.01 -66.42
C LYS B 123 -19.97 40.91 -65.19
N ASN B 124 -20.29 40.36 -64.02
CA ASN B 124 -20.34 41.18 -62.81
C ASN B 124 -18.95 41.54 -62.30
N LEU B 125 -17.93 40.74 -62.64
CA LEU B 125 -16.60 40.99 -62.13
C LEU B 125 -15.98 42.22 -62.79
N THR B 126 -14.89 42.70 -62.20
CA THR B 126 -14.25 43.93 -62.64
C THR B 126 -12.99 43.63 -63.45
N VAL B 127 -12.41 44.67 -64.04
CA VAL B 127 -11.22 44.57 -64.88
C VAL B 127 -10.10 45.34 -64.20
N CYS B 128 -8.96 44.68 -63.99
CA CYS B 128 -7.87 45.24 -63.21
C CYS B 128 -6.64 45.45 -64.07
N PRO B 129 -5.81 46.44 -63.73
CA PRO B 129 -4.54 46.61 -64.44
C PRO B 129 -3.62 45.42 -64.24
N ASP B 130 -2.80 45.14 -65.25
CA ASP B 130 -1.94 43.98 -65.23
C ASP B 130 -0.66 44.24 -64.47
N GLY B 131 0.05 43.16 -64.13
CA GLY B 131 1.39 43.24 -63.59
C GLY B 131 1.52 44.00 -62.29
N ALA B 132 0.54 43.87 -61.39
CA ALA B 132 0.62 44.52 -60.08
C ALA B 132 -0.35 43.83 -59.16
N LEU B 133 0.06 43.63 -57.91
CA LEU B 133 -0.82 43.03 -56.91
C LEU B 133 -2.05 43.91 -56.70
N PHE B 134 -3.23 43.29 -56.74
CA PHE B 134 -4.47 44.01 -56.48
C PHE B 134 -4.75 43.92 -54.98
N GLU B 135 -3.97 44.67 -54.21
CA GLU B 135 -4.08 44.70 -52.76
C GLU B 135 -5.31 45.53 -52.39
N GLN B 136 -6.45 44.85 -52.26
CA GLN B 136 -7.65 45.50 -51.79
C GLN B 136 -7.63 45.61 -50.27
N LYS B 137 -8.30 46.64 -49.75
CA LYS B 137 -8.39 46.84 -48.31
C LYS B 137 -9.69 47.59 -48.03
N GLY B 138 -10.71 46.86 -47.60
CA GLY B 138 -12.01 47.43 -47.36
C GLY B 138 -13.12 46.45 -47.71
N PRO B 139 -14.26 46.57 -47.05
CA PRO B 139 -15.32 45.56 -47.15
C PRO B 139 -16.07 45.58 -48.49
N VAL B 140 -15.32 45.55 -49.59
CA VAL B 140 -15.90 45.42 -50.92
C VAL B 140 -15.36 44.15 -51.55
N TYR B 141 -14.04 44.10 -51.74
CA TYR B 141 -13.32 42.91 -52.20
C TYR B 141 -13.87 42.41 -53.54
N VAL B 142 -13.71 43.26 -54.55
CA VAL B 142 -14.06 42.89 -55.91
C VAL B 142 -13.00 41.95 -56.47
N ALA B 143 -13.41 41.08 -57.37
CA ALA B 143 -12.52 40.11 -58.00
C ALA B 143 -12.32 40.49 -59.46
N CYS B 144 -11.07 40.39 -59.92
CA CYS B 144 -10.76 40.71 -61.30
C CYS B 144 -11.32 39.63 -62.23
N GLN B 145 -11.16 39.86 -63.52
CA GLN B 145 -11.65 38.93 -64.53
C GLN B 145 -10.50 38.14 -65.10
N PHE B 146 -10.71 36.83 -65.24
CA PHE B 146 -9.81 35.99 -66.01
C PHE B 146 -10.53 35.62 -67.30
N PRO B 147 -10.24 36.28 -68.42
CA PRO B 147 -10.94 35.98 -69.66
C PRO B 147 -10.59 34.58 -70.15
N ILE B 148 -11.61 33.76 -70.39
CA ILE B 148 -11.40 32.40 -70.85
C ILE B 148 -10.74 32.36 -72.22
N SER B 149 -10.72 33.48 -72.94
CA SER B 149 -10.02 33.57 -74.22
C SER B 149 -8.51 33.56 -74.05
N LEU B 150 -8.00 33.72 -72.83
CA LEU B 150 -6.57 33.63 -72.60
C LEU B 150 -6.04 32.22 -72.85
N LEU B 151 -6.91 31.22 -72.80
CA LEU B 151 -6.48 29.84 -72.97
C LEU B 151 -6.27 29.45 -74.43
N GLN B 152 -6.81 30.23 -75.37
CA GLN B 152 -6.44 30.15 -76.78
C GLN B 152 -6.66 28.75 -77.35
N ALA B 153 -7.94 28.39 -77.44
CA ALA B 153 -8.49 27.17 -78.03
C ALA B 153 -8.35 25.98 -77.08
N CYS B 154 -7.73 26.15 -75.92
CA CYS B 154 -7.87 25.16 -74.86
C CYS B 154 -9.13 25.40 -74.02
N SER B 155 -9.91 26.41 -74.36
CA SER B 155 -11.27 26.55 -73.86
C SER B 155 -12.22 25.81 -74.82
N GLY B 156 -13.51 25.88 -74.54
CA GLY B 156 -14.48 25.20 -75.37
C GLY B 156 -15.16 26.11 -76.37
N MET B 157 -14.60 27.30 -76.58
CA MET B 157 -15.23 28.28 -77.46
C MET B 157 -15.03 27.92 -78.93
N ASN B 158 -13.82 27.44 -79.28
CA ASN B 158 -13.59 27.02 -80.65
C ASN B 158 -14.18 25.63 -80.91
N ASP B 159 -13.71 24.63 -80.16
CA ASP B 159 -14.18 23.27 -80.31
C ASP B 159 -14.76 22.77 -78.99
N PRO B 160 -15.97 22.21 -78.99
CA PRO B 160 -16.51 21.67 -77.73
C PRO B 160 -15.61 20.64 -77.08
N ASP B 161 -14.99 19.77 -77.88
CA ASP B 161 -13.93 18.90 -77.37
C ASP B 161 -12.67 19.73 -77.19
N PHE B 162 -12.05 19.61 -76.02
CA PHE B 162 -10.91 20.46 -75.70
C PHE B 162 -9.63 19.91 -76.33
N GLY B 163 -9.67 19.67 -77.64
CA GLY B 163 -8.54 19.14 -78.36
C GLY B 163 -8.36 17.65 -78.25
N TYR B 164 -9.22 16.95 -77.51
CA TYR B 164 -9.06 15.51 -77.36
C TYR B 164 -9.41 14.79 -78.67
N SER B 165 -10.45 15.26 -79.37
CA SER B 165 -10.83 14.62 -80.63
C SER B 165 -9.75 14.80 -81.68
N GLN B 166 -9.13 15.99 -81.74
CA GLN B 166 -8.09 16.25 -82.71
C GLN B 166 -6.79 15.52 -82.41
N GLY B 167 -6.63 14.98 -81.20
CA GLY B 167 -5.38 14.38 -80.80
C GLY B 167 -4.42 15.32 -80.11
N ASN B 168 -4.88 16.48 -79.66
CA ASN B 168 -4.06 17.46 -78.95
C ASN B 168 -4.77 17.83 -77.65
N PRO B 169 -4.69 16.96 -76.64
CA PRO B 169 -5.44 17.21 -75.40
C PRO B 169 -4.99 18.47 -74.68
N CYS B 170 -5.96 19.15 -74.07
CA CYS B 170 -5.71 20.34 -73.26
C CYS B 170 -5.90 20.00 -71.79
N ILE B 171 -4.96 20.44 -70.97
CA ILE B 171 -4.97 20.19 -69.52
C ILE B 171 -4.72 21.50 -68.81
N LEU B 172 -5.48 21.75 -67.74
CA LEU B 172 -5.36 22.97 -66.96
C LEU B 172 -4.41 22.75 -65.79
N VAL B 173 -3.52 23.70 -65.56
CA VAL B 173 -2.63 23.69 -64.41
C VAL B 173 -2.99 24.88 -63.53
N LYS B 174 -3.21 24.61 -62.24
CA LYS B 174 -3.68 25.62 -61.31
C LYS B 174 -2.73 25.69 -60.12
N MET B 175 -2.70 26.87 -59.51
CA MET B 175 -1.88 27.11 -58.33
C MET B 175 -2.80 27.15 -57.11
N ASN B 176 -2.47 26.37 -56.09
CA ASN B 176 -3.33 26.26 -54.92
C ASN B 176 -3.53 27.61 -54.25
N ARG B 177 -4.77 27.90 -53.89
CA ARG B 177 -5.11 29.19 -53.30
C ARG B 177 -4.64 29.27 -51.85
N ILE B 178 -3.99 30.38 -51.50
CA ILE B 178 -3.53 30.65 -50.15
C ILE B 178 -3.98 32.06 -49.79
N ILE B 179 -4.63 32.21 -48.63
CA ILE B 179 -5.15 33.50 -48.22
C ILE B 179 -4.00 34.43 -47.88
N GLY B 180 -3.95 35.58 -48.56
CA GLY B 180 -2.96 36.59 -48.27
C GLY B 180 -1.60 36.39 -48.90
N LEU B 181 -1.42 35.37 -49.73
CA LEU B 181 -0.14 35.13 -50.37
C LEU B 181 0.07 36.14 -51.50
N LYS B 182 1.16 36.89 -51.43
CA LYS B 182 1.52 37.83 -52.48
C LYS B 182 2.80 37.37 -53.15
N PRO B 183 2.74 36.74 -54.32
CA PRO B 183 3.96 36.31 -54.99
C PRO B 183 4.78 37.52 -55.44
N GLU B 184 6.10 37.36 -55.38
CA GLU B 184 7.03 38.40 -55.76
C GLU B 184 7.67 38.05 -57.10
N GLY B 185 8.20 39.08 -57.76
CA GLY B 185 8.74 38.89 -59.10
C GLY B 185 7.62 38.73 -60.12
N VAL B 186 7.88 37.91 -61.12
CA VAL B 186 6.91 37.59 -62.16
C VAL B 186 6.68 36.08 -62.15
N PRO B 187 5.59 35.63 -61.54
CA PRO B 187 5.31 34.19 -61.51
C PRO B 187 5.06 33.65 -62.91
N ARG B 188 5.42 32.38 -63.11
CA ARG B 188 5.30 31.74 -64.40
C ARG B 188 5.35 30.24 -64.20
N ILE B 189 4.57 29.52 -64.99
CA ILE B 189 4.54 28.05 -64.94
C ILE B 189 5.28 27.53 -66.17
N ASP B 190 6.31 26.72 -65.92
CA ASP B 190 7.23 26.24 -66.96
C ASP B 190 7.03 24.74 -67.12
N CYS B 191 6.31 24.34 -68.16
CA CYS B 191 6.04 22.93 -68.43
C CYS B 191 6.93 22.45 -69.58
N VAL B 192 7.67 21.38 -69.33
CA VAL B 192 8.59 20.82 -70.31
C VAL B 192 8.28 19.34 -70.48
N SER B 193 8.13 18.90 -71.72
CA SER B 193 7.88 17.49 -71.99
C SER B 193 9.14 16.67 -71.77
N LYS B 194 8.97 15.49 -71.19
CA LYS B 194 10.08 14.60 -70.93
C LYS B 194 10.17 13.43 -71.91
N ASN B 195 9.15 13.24 -72.75
CA ASN B 195 9.15 12.18 -73.76
C ASN B 195 9.94 12.63 -74.99
N GLU B 196 11.23 12.88 -74.76
CA GLU B 196 12.18 13.39 -75.76
C GLU B 196 11.74 14.73 -76.36
N ASP B 197 10.71 15.36 -75.78
CA ASP B 197 10.22 16.66 -76.24
C ASP B 197 9.86 16.64 -77.72
N ILE B 198 9.33 15.51 -78.18
CA ILE B 198 8.87 15.40 -79.56
C ILE B 198 7.49 16.06 -79.66
N PRO B 199 6.52 15.73 -78.79
CA PRO B 199 5.27 16.52 -78.80
C PRO B 199 5.42 17.80 -77.97
N ASN B 200 5.98 18.83 -78.60
CA ASN B 200 6.23 20.08 -77.91
C ASN B 200 4.95 20.62 -77.27
N VAL B 201 5.00 20.83 -75.96
CA VAL B 201 3.82 21.26 -75.23
C VAL B 201 3.54 22.73 -75.54
N ALA B 202 2.26 23.07 -75.64
CA ALA B 202 1.83 24.45 -75.82
C ALA B 202 1.18 24.91 -74.52
N VAL B 203 1.67 26.01 -73.98
CA VAL B 203 1.23 26.54 -72.69
C VAL B 203 0.57 27.89 -72.92
N TYR B 204 -0.64 28.05 -72.40
CA TYR B 204 -1.38 29.30 -72.52
C TYR B 204 -1.80 29.78 -71.14
N PRO B 205 -1.78 31.08 -70.88
CA PRO B 205 -1.42 32.20 -71.78
C PRO B 205 0.07 32.34 -72.00
N HIS B 206 0.47 32.86 -73.16
CA HIS B 206 1.85 33.20 -73.45
C HIS B 206 2.79 32.04 -73.17
N ASN B 207 3.64 32.18 -72.16
CA ASN B 207 4.53 31.11 -71.72
C ASN B 207 4.17 30.64 -70.31
N GLY B 208 2.88 30.64 -69.98
CA GLY B 208 2.45 30.28 -68.65
C GLY B 208 2.54 31.40 -67.64
N MET B 209 2.49 32.65 -68.10
CA MET B 209 2.66 33.78 -67.21
C MET B 209 1.46 33.90 -66.29
N ILE B 210 1.71 33.86 -64.98
CA ILE B 210 0.67 34.09 -63.98
C ILE B 210 0.69 35.56 -63.64
N ASP B 211 -0.45 36.23 -63.81
CA ASP B 211 -0.53 37.65 -63.57
C ASP B 211 -0.70 37.94 -62.08
N LEU B 212 -0.10 39.05 -61.65
CA LEU B 212 -0.11 39.43 -60.24
C LEU B 212 -1.39 40.12 -59.81
N LYS B 213 -2.30 40.41 -60.72
CA LYS B 213 -3.51 41.14 -60.37
C LYS B 213 -4.56 40.26 -59.72
N TYR B 214 -4.33 38.95 -59.64
CA TYR B 214 -5.24 38.04 -58.96
C TYR B 214 -4.82 37.74 -57.54
N PHE B 215 -3.79 38.43 -57.05
CA PHE B 215 -3.23 38.17 -55.73
C PHE B 215 -3.22 39.46 -54.92
N PRO B 216 -3.42 39.37 -53.60
CA PRO B 216 -3.65 38.15 -52.79
C PRO B 216 -5.08 37.63 -52.82
N TYR B 217 -5.27 36.41 -52.35
CA TYR B 217 -6.59 35.85 -52.11
C TYR B 217 -7.04 36.21 -50.69
N TYR B 218 -8.28 36.67 -50.56
CA TYR B 218 -8.77 37.18 -49.29
C TYR B 218 -9.77 36.26 -48.60
N GLY B 219 -9.95 35.05 -49.11
CA GLY B 219 -10.79 34.06 -48.46
C GLY B 219 -12.05 33.78 -49.22
N LYS B 220 -12.68 32.67 -48.85
CA LYS B 220 -13.92 32.27 -49.49
C LYS B 220 -15.06 33.22 -49.15
N LYS B 221 -15.02 33.81 -47.95
CA LYS B 221 -16.11 34.70 -47.53
C LYS B 221 -15.89 36.12 -48.03
N LEU B 222 -14.68 36.65 -47.90
CA LEU B 222 -14.42 38.02 -48.31
C LEU B 222 -14.35 38.13 -49.83
N HIS B 223 -13.50 37.33 -50.46
CA HIS B 223 -13.29 37.40 -51.91
C HIS B 223 -14.39 36.61 -52.61
N VAL B 224 -15.52 37.27 -52.81
CA VAL B 224 -16.68 36.66 -53.44
C VAL B 224 -16.51 36.71 -54.95
N GLY B 225 -16.84 35.61 -55.61
CA GLY B 225 -16.67 35.50 -57.06
C GLY B 225 -15.23 35.55 -57.51
N TYR B 226 -14.32 34.98 -56.72
CA TYR B 226 -12.90 34.99 -57.07
C TYR B 226 -12.60 33.87 -58.05
N LEU B 227 -12.02 34.22 -59.18
CA LEU B 227 -11.56 33.27 -60.17
C LEU B 227 -10.04 33.32 -60.22
N GLN B 228 -9.40 32.20 -59.92
CA GLN B 228 -7.95 32.13 -59.88
C GLN B 228 -7.38 32.00 -61.29
N PRO B 229 -6.13 32.43 -61.47
CA PRO B 229 -5.50 32.29 -62.79
C PRO B 229 -5.30 30.82 -63.17
N LEU B 230 -5.41 30.56 -64.47
CA LEU B 230 -5.26 29.22 -65.01
C LEU B 230 -4.16 29.22 -66.06
N VAL B 231 -3.54 28.06 -66.23
CA VAL B 231 -2.59 27.81 -67.31
C VAL B 231 -3.05 26.53 -68.01
N ALA B 232 -3.19 26.60 -69.33
CA ALA B 232 -3.66 25.49 -70.13
C ALA B 232 -2.49 24.91 -70.91
N VAL B 233 -2.32 23.59 -70.84
CA VAL B 233 -1.23 22.88 -71.48
C VAL B 233 -1.81 21.97 -72.54
N GLN B 234 -1.37 22.14 -73.78
CA GLN B 234 -1.82 21.31 -74.90
C GLN B 234 -0.63 20.54 -75.45
N VAL B 235 -0.71 19.21 -75.41
CA VAL B 235 0.33 18.34 -75.95
C VAL B 235 -0.14 17.83 -77.29
N SER B 236 0.61 18.13 -78.35
CA SER B 236 0.19 17.82 -79.72
C SER B 236 0.80 16.48 -80.12
N PHE B 237 -0.06 15.47 -80.23
CA PHE B 237 0.38 14.14 -80.65
C PHE B 237 0.31 14.03 -82.16
N ALA B 238 1.48 14.00 -82.80
CA ALA B 238 1.54 13.77 -84.23
C ALA B 238 1.15 12.33 -84.54
N PRO B 239 0.70 12.05 -85.78
CA PRO B 239 0.39 10.66 -86.13
C PRO B 239 1.58 9.73 -86.02
N ASN B 240 2.80 10.23 -86.23
CA ASN B 240 3.98 9.38 -86.15
C ASN B 240 4.22 8.88 -84.73
N ASN B 241 4.05 9.75 -83.73
CA ASN B 241 4.30 9.39 -82.34
C ASN B 241 3.01 9.23 -81.54
N THR B 242 1.89 8.97 -82.20
CA THR B 242 0.63 8.76 -81.50
C THR B 242 0.63 7.39 -80.83
N GLY B 243 0.27 7.36 -79.55
CA GLY B 243 0.30 6.16 -78.75
C GLY B 243 1.42 6.10 -77.73
N LYS B 244 2.25 7.13 -77.63
CA LYS B 244 3.30 7.18 -76.63
C LYS B 244 2.74 7.71 -75.32
N GLU B 245 3.62 7.89 -74.33
CA GLU B 245 3.24 8.37 -73.01
C GLU B 245 4.12 9.57 -72.66
N VAL B 246 3.59 10.76 -72.89
CA VAL B 246 4.34 11.98 -72.65
C VAL B 246 4.25 12.36 -71.18
N THR B 247 5.40 12.53 -70.54
CA THR B 247 5.48 12.98 -69.16
C THR B 247 5.84 14.46 -69.15
N VAL B 248 4.95 15.28 -68.59
CA VAL B 248 5.12 16.73 -68.56
C VAL B 248 5.41 17.14 -67.13
N GLU B 249 6.38 18.05 -66.96
CA GLU B 249 6.80 18.52 -65.65
C GLU B 249 6.66 20.03 -65.61
N CYS B 250 5.77 20.52 -64.76
CA CYS B 250 5.51 21.94 -64.60
C CYS B 250 6.04 22.43 -63.26
N LYS B 251 6.46 23.68 -63.22
CA LYS B 251 7.01 24.29 -62.01
C LYS B 251 6.60 25.76 -61.97
N ILE B 252 6.59 26.33 -60.77
CA ILE B 252 6.33 27.76 -60.61
C ILE B 252 7.65 28.51 -60.78
N ASP B 253 7.97 28.87 -62.01
CA ASP B 253 9.22 29.57 -62.30
C ASP B 253 9.02 31.07 -62.19
N GLY B 254 10.11 31.77 -61.87
CA GLY B 254 10.14 33.21 -61.93
C GLY B 254 9.78 33.93 -60.64
N SER B 255 9.36 33.23 -59.60
CA SER B 255 9.02 33.84 -58.33
C SER B 255 9.80 33.16 -57.22
N ALA B 256 10.68 33.91 -56.56
CA ALA B 256 11.46 33.36 -55.47
C ALA B 256 10.61 33.11 -54.22
N ASN B 257 9.47 33.77 -54.12
CA ASN B 257 8.57 33.57 -52.99
C ASN B 257 8.00 32.15 -52.98
N LEU B 258 7.64 31.63 -54.15
CA LEU B 258 6.92 30.37 -54.29
C LEU B 258 7.91 29.25 -54.54
N LYS B 259 8.05 28.36 -53.57
CA LYS B 259 9.04 27.29 -53.65
C LYS B 259 8.65 26.28 -54.72
N SER B 260 9.66 25.64 -55.32
CA SER B 260 9.44 24.62 -56.32
C SER B 260 10.31 23.40 -56.15
N GLN B 261 11.22 23.38 -55.17
CA GLN B 261 12.06 22.22 -54.90
C GLN B 261 11.80 21.75 -53.48
N ASP B 262 11.47 20.47 -53.33
CA ASP B 262 11.22 19.87 -52.02
C ASP B 262 11.29 18.36 -52.17
N ASP B 263 12.03 17.71 -51.28
CA ASP B 263 12.25 16.28 -51.41
C ASP B 263 10.98 15.49 -51.11
N ARG B 264 10.27 15.84 -50.04
CA ARG B 264 9.10 15.07 -49.65
C ARG B 264 7.89 15.39 -50.51
N ASP B 265 7.54 16.68 -50.62
CA ASP B 265 6.36 17.09 -51.36
C ASP B 265 6.71 17.20 -52.84
N LYS B 266 6.17 16.30 -53.64
CA LYS B 266 6.39 16.31 -55.08
C LYS B 266 5.45 17.26 -55.81
N PHE B 267 4.50 17.88 -55.09
CA PHE B 267 3.54 18.79 -55.69
C PHE B 267 3.68 20.21 -55.16
N LEU B 268 4.72 20.51 -54.41
CA LEU B 268 4.95 21.86 -53.89
C LEU B 268 5.61 22.67 -54.99
N GLY B 269 4.84 23.52 -55.66
CA GLY B 269 5.34 24.25 -56.79
C GLY B 269 5.66 23.40 -58.00
N ARG B 270 5.12 22.19 -58.06
CA ARG B 270 5.40 21.25 -59.13
C ARG B 270 4.17 20.39 -59.38
N VAL B 271 4.12 19.81 -60.57
CA VAL B 271 3.15 18.76 -60.87
C VAL B 271 3.66 18.01 -62.10
N MET B 272 3.55 16.68 -62.05
CA MET B 272 3.94 15.82 -63.14
C MET B 272 2.78 14.91 -63.49
N PHE B 273 2.51 14.78 -64.79
CA PHE B 273 1.42 13.94 -65.26
C PHE B 273 1.84 13.27 -66.55
N LYS B 274 1.17 12.17 -66.87
CA LYS B 274 1.45 11.38 -68.05
C LYS B 274 0.20 11.34 -68.91
N ILE B 275 0.36 11.67 -70.20
CA ILE B 275 -0.74 11.69 -71.14
C ILE B 275 -0.46 10.65 -72.22
N THR B 276 -1.45 9.78 -72.47
CA THR B 276 -1.32 8.70 -73.45
C THR B 276 -2.54 8.74 -74.36
N ALA B 277 -2.33 9.17 -75.60
CA ALA B 277 -3.39 9.22 -76.60
C ALA B 277 -3.26 7.98 -77.48
N ARG B 278 -4.12 6.99 -77.23
CA ARG B 278 -4.11 5.77 -78.03
C ARG B 278 -4.54 6.07 -79.46
N ALA B 279 -3.85 5.46 -80.41
CA ALA B 279 -4.14 5.67 -81.82
C ALA B 279 -5.50 5.09 -82.20
N CYS C 1 -2.16 23.72 42.97
CA CYS C 1 -2.98 24.34 41.93
C CYS C 1 -2.56 25.79 41.74
N GLN C 2 -1.32 25.99 41.27
CA GLN C 2 -0.77 27.32 41.08
C GLN C 2 -0.03 27.39 39.75
N GLU C 3 0.07 28.61 39.22
CA GLU C 3 0.79 28.87 37.98
C GLU C 3 2.18 29.40 38.31
N HIS C 4 3.20 28.80 37.71
CA HIS C 4 4.58 29.12 38.02
C HIS C 4 5.34 29.47 36.74
N ASP C 5 6.29 30.40 36.89
CA ASP C 5 7.12 30.85 35.78
C ASP C 5 8.56 30.41 36.04
N ILE C 6 9.15 29.74 35.06
CA ILE C 6 10.46 29.12 35.25
C ILE C 6 11.57 30.15 35.04
N GLU C 7 12.77 29.83 35.54
CA GLU C 7 13.92 30.71 35.39
C GLU C 7 14.27 30.89 33.92
N THR C 8 14.73 32.11 33.58
CA THR C 8 15.02 32.48 32.20
C THR C 8 16.34 31.84 31.77
N THR C 9 16.24 30.59 31.35
CA THR C 9 17.36 29.86 30.75
C THR C 9 16.97 29.53 29.31
N HIS C 10 17.62 30.21 28.36
CA HIS C 10 17.28 30.11 26.93
C HIS C 10 15.82 30.48 26.69
N GLY C 11 15.29 31.40 27.48
CA GLY C 11 13.90 31.80 27.43
C GLY C 11 13.17 31.46 28.71
N VAL C 12 11.90 31.86 28.75
CA VAL C 12 11.03 31.61 29.89
C VAL C 12 9.77 30.93 29.41
N VAL C 13 9.35 29.89 30.13
CA VAL C 13 8.17 29.11 29.78
C VAL C 13 7.25 29.06 30.99
N HIS C 14 5.97 29.34 30.78
CA HIS C 14 4.98 29.33 31.84
C HIS C 14 4.43 27.92 32.03
N VAL C 15 4.40 27.46 33.28
CA VAL C 15 3.91 26.14 33.61
C VAL C 15 2.81 26.27 34.67
N THR C 16 1.98 25.22 34.75
CA THR C 16 0.87 25.17 35.69
C THR C 16 0.85 23.79 36.33
N ILE C 17 0.98 23.76 37.66
CA ILE C 17 1.00 22.51 38.42
C ILE C 17 -0.28 22.44 39.25
N ARG C 18 -0.94 21.29 39.23
CA ARG C 18 -2.21 21.10 39.90
C ARG C 18 -2.06 20.55 41.32
N GLY C 19 -0.84 20.39 41.80
CA GLY C 19 -0.61 19.89 43.14
C GLY C 19 0.73 19.20 43.23
N LEU C 20 1.24 19.10 44.45
CA LEU C 20 2.53 18.46 44.72
C LEU C 20 2.43 17.48 45.89
N PRO C 21 1.70 16.39 45.71
CA PRO C 21 1.68 15.32 46.73
C PRO C 21 2.62 14.16 46.45
N LYS C 22 3.37 14.20 45.36
CA LYS C 22 4.06 13.00 44.87
C LYS C 22 5.14 12.53 45.84
N GLY C 23 6.15 13.38 46.08
CA GLY C 23 7.29 12.96 46.86
C GLY C 23 8.21 12.04 46.07
N ASN C 24 7.70 10.86 45.70
CA ASN C 24 8.43 9.91 44.88
C ASN C 24 7.70 9.53 43.60
N ARG C 25 6.38 9.59 43.58
CA ARG C 25 5.62 9.25 42.39
C ARG C 25 5.93 10.24 41.26
N PRO C 26 5.93 9.78 40.02
CA PRO C 26 6.18 10.69 38.90
C PRO C 26 4.98 11.60 38.64
N VAL C 27 5.25 12.69 37.94
CA VAL C 27 4.23 13.65 37.58
C VAL C 27 3.85 13.45 36.12
N ILE C 28 2.77 14.11 35.70
CA ILE C 28 2.32 14.01 34.32
C ILE C 28 2.58 15.34 33.61
N LEU C 29 3.72 15.43 32.94
CA LEU C 29 4.01 16.62 32.16
C LEU C 29 3.18 16.63 30.87
N THR C 30 2.98 17.82 30.33
CA THR C 30 2.18 17.98 29.13
C THR C 30 2.81 19.04 28.23
N TYR C 31 2.44 18.98 26.95
CA TYR C 31 2.91 19.95 25.97
C TYR C 31 1.90 19.98 24.83
N HIS C 32 1.26 21.12 24.63
CA HIS C 32 0.21 21.23 23.63
C HIS C 32 0.81 21.28 22.22
N ASP C 33 -0.05 21.46 21.23
CA ASP C 33 0.37 21.48 19.85
C ASP C 33 0.61 22.92 19.39
N ILE C 34 0.93 23.10 18.11
CA ILE C 34 1.22 24.43 17.59
C ILE C 34 -0.07 25.21 17.44
N GLY C 35 -0.06 26.45 17.92
CA GLY C 35 -1.22 27.31 17.84
C GLY C 35 -2.26 27.08 18.91
N LEU C 36 -2.06 26.12 19.80
CA LEU C 36 -3.00 25.78 20.85
C LEU C 36 -2.39 26.13 22.20
N ASN C 37 -3.13 25.81 23.27
CA ASN C 37 -2.65 26.03 24.62
C ASN C 37 -3.23 24.94 25.52
N HIS C 38 -2.67 24.83 26.73
CA HIS C 38 -3.07 23.74 27.61
C HIS C 38 -4.55 23.84 27.99
N LYS C 39 -5.05 25.05 28.21
CA LYS C 39 -6.46 25.23 28.54
C LYS C 39 -7.37 24.79 27.40
N SER C 40 -6.84 24.68 26.18
CA SER C 40 -7.62 24.24 25.04
C SER C 40 -7.22 22.86 24.53
N CYS C 41 -6.13 22.29 25.03
CA CYS C 41 -5.66 20.99 24.59
C CYS C 41 -5.80 19.90 25.64
N PHE C 42 -5.40 20.15 26.89
CA PHE C 42 -5.47 19.15 27.93
C PHE C 42 -6.50 19.46 29.01
N ASN C 43 -6.96 20.70 29.12
CA ASN C 43 -7.97 21.04 30.12
C ASN C 43 -9.29 20.35 29.83
N ALA C 44 -9.67 20.24 28.55
CA ALA C 44 -10.90 19.58 28.17
C ALA C 44 -10.87 18.08 28.36
N PHE C 45 -9.69 17.50 28.65
CA PHE C 45 -9.54 16.07 28.83
C PHE C 45 -9.26 15.67 30.28
N PHE C 46 -8.42 16.43 30.99
CA PHE C 46 -8.10 16.07 32.37
C PHE C 46 -9.27 16.29 33.31
N ASN C 47 -10.21 17.16 32.97
CA ASN C 47 -11.38 17.40 33.79
C ASN C 47 -12.49 16.39 33.54
N PHE C 48 -12.27 15.43 32.63
CA PHE C 48 -13.29 14.45 32.31
C PHE C 48 -13.58 13.56 33.53
N GLU C 49 -14.82 13.08 33.60
CA GLU C 49 -15.25 12.29 34.76
C GLU C 49 -14.43 11.01 34.91
N ASP C 50 -14.13 10.34 33.80
CA ASP C 50 -13.35 9.12 33.87
C ASP C 50 -11.88 9.38 34.19
N MET C 51 -11.39 10.60 33.96
CA MET C 51 -10.00 10.93 34.21
C MET C 51 -9.73 11.33 35.66
N GLN C 52 -10.78 11.54 36.45
CA GLN C 52 -10.59 11.89 37.86
C GLN C 52 -9.89 10.77 38.63
N GLU C 53 -10.04 9.53 38.18
CA GLU C 53 -9.37 8.41 38.83
C GLU C 53 -7.86 8.53 38.73
N ILE C 54 -7.35 9.17 37.68
CA ILE C 54 -5.93 9.31 37.46
C ILE C 54 -5.40 10.64 37.95
N THR C 55 -6.17 11.72 37.74
CA THR C 55 -5.70 13.05 38.10
C THR C 55 -5.48 13.18 39.60
N GLN C 56 -6.34 12.54 40.40
CA GLN C 56 -6.21 12.59 41.85
C GLN C 56 -5.07 11.72 42.38
N HIS C 57 -4.46 10.89 41.52
CA HIS C 57 -3.35 10.03 41.94
C HIS C 57 -1.99 10.50 41.43
N PHE C 58 -1.95 11.42 40.48
CA PHE C 58 -0.70 11.94 39.95
C PHE C 58 -0.75 13.46 39.92
N ALA C 59 0.43 14.07 40.04
CA ALA C 59 0.54 15.51 39.86
C ALA C 59 0.57 15.83 38.37
N VAL C 60 -0.29 16.73 37.93
CA VAL C 60 -0.43 17.06 36.52
C VAL C 60 0.13 18.46 36.30
N CYS C 61 1.13 18.57 35.43
CA CYS C 61 1.69 19.84 35.03
C CYS C 61 1.17 20.22 33.65
N HIS C 62 1.41 21.47 33.25
CA HIS C 62 1.00 21.94 31.93
C HIS C 62 2.05 22.94 31.45
N VAL C 63 3.01 22.45 30.68
CA VAL C 63 4.07 23.28 30.12
C VAL C 63 3.53 23.94 28.85
N ASP C 64 3.45 25.27 28.87
CA ASP C 64 2.93 26.00 27.72
C ASP C 64 4.03 26.23 26.70
N ALA C 65 3.67 26.90 25.61
CA ALA C 65 4.62 27.25 24.56
C ALA C 65 5.57 28.32 25.05
N PRO C 66 6.71 28.51 24.37
CA PRO C 66 7.59 29.65 24.71
C PRO C 66 6.88 31.00 24.58
N GLY C 67 5.72 31.05 23.94
CA GLY C 67 4.90 32.25 23.93
C GLY C 67 4.14 32.39 25.23
N GLN C 68 2.87 32.78 25.15
CA GLN C 68 2.06 33.01 26.34
C GLN C 68 0.69 32.36 26.15
N GLN C 69 0.03 32.10 27.27
CA GLN C 69 -1.34 31.60 27.28
C GLN C 69 -2.35 32.70 27.60
N GLU C 70 -2.13 33.43 28.69
CA GLU C 70 -2.97 34.57 29.05
C GLU C 70 -2.28 35.85 28.58
N GLY C 71 -3.04 36.70 27.89
CA GLY C 71 -2.47 37.89 27.29
C GLY C 71 -1.69 37.57 26.04
N ALA C 72 -1.00 38.58 25.53
CA ALA C 72 -0.22 38.46 24.30
C ALA C 72 0.93 39.46 24.32
N PRO C 73 1.98 39.20 25.09
CA PRO C 73 3.13 40.11 25.07
C PRO C 73 3.88 40.08 23.74
N SER C 74 4.10 38.88 23.18
CA SER C 74 4.79 38.70 21.91
C SER C 74 6.22 39.25 21.95
N PHE C 75 6.89 39.26 20.82
CA PHE C 75 8.24 39.80 20.72
C PHE C 75 8.30 40.79 19.56
N PRO C 76 9.01 41.92 19.74
CA PRO C 76 9.08 42.92 18.66
C PRO C 76 9.70 42.37 17.39
N THR C 77 10.93 41.87 17.48
CA THR C 77 11.60 41.27 16.34
C THR C 77 11.28 39.79 16.20
N GLY C 78 10.61 39.20 17.18
CA GLY C 78 10.31 37.79 17.17
C GLY C 78 11.49 36.95 17.64
N TYR C 79 12.46 36.76 16.75
CA TYR C 79 13.70 36.03 17.04
C TYR C 79 13.42 34.72 17.78
N GLN C 80 12.75 33.81 17.08
CA GLN C 80 12.41 32.52 17.68
C GLN C 80 13.65 31.65 17.75
N TYR C 81 14.59 32.02 18.62
CA TYR C 81 15.77 31.18 18.84
C TYR C 81 15.44 29.79 19.38
N PRO C 82 14.50 29.59 20.33
CA PRO C 82 14.27 28.23 20.80
C PRO C 82 13.57 27.37 19.76
N THR C 83 14.31 26.47 19.12
CA THR C 83 13.75 25.53 18.18
C THR C 83 13.28 24.29 18.96
N MET C 84 12.83 23.26 18.24
CA MET C 84 12.33 22.06 18.89
C MET C 84 13.43 21.38 19.71
N ASP C 85 14.63 21.27 19.15
CA ASP C 85 15.75 20.75 19.91
C ASP C 85 16.09 21.65 21.08
N GLU C 86 15.92 22.97 20.91
CA GLU C 86 16.14 23.90 22.00
C GLU C 86 14.99 23.90 22.99
N LEU C 87 13.76 23.71 22.52
CA LEU C 87 12.62 23.68 23.43
C LEU C 87 12.63 22.43 24.31
N ALA C 88 13.10 21.30 23.76
CA ALA C 88 13.12 20.08 24.55
C ALA C 88 14.09 20.16 25.72
N GLU C 89 15.25 20.79 25.51
CA GLU C 89 16.31 20.77 26.51
C GLU C 89 16.11 21.79 27.62
N MET C 90 15.09 22.64 27.53
CA MET C 90 14.78 23.59 28.61
C MET C 90 13.80 23.01 29.61
N LEU C 91 13.47 21.73 29.49
CA LEU C 91 12.58 21.04 30.42
C LEU C 91 13.29 20.59 31.71
N PRO C 92 14.52 20.09 31.67
CA PRO C 92 15.20 19.70 32.93
C PRO C 92 15.30 20.85 33.92
N PRO C 93 15.59 22.08 33.49
CA PRO C 93 15.49 23.19 34.46
C PRO C 93 14.10 23.38 35.02
N VAL C 94 13.06 23.15 34.22
CA VAL C 94 11.69 23.25 34.73
C VAL C 94 11.45 22.20 35.80
N LEU C 95 11.90 20.97 35.55
CA LEU C 95 11.71 19.90 36.52
C LEU C 95 12.49 20.15 37.80
N THR C 96 13.73 20.66 37.68
CA THR C 96 14.51 20.99 38.86
C THR C 96 13.95 22.20 39.61
N HIS C 97 13.19 23.05 38.92
CA HIS C 97 12.56 24.19 39.57
C HIS C 97 11.27 23.82 40.31
N LEU C 98 10.77 22.60 40.12
CA LEU C 98 9.57 22.13 40.82
C LEU C 98 9.82 20.86 41.60
N SER C 99 11.09 20.45 41.75
CA SER C 99 11.46 19.26 42.51
C SER C 99 10.73 18.01 42.00
N LEU C 100 10.67 17.88 40.67
CA LEU C 100 10.00 16.76 40.04
C LEU C 100 11.02 15.66 39.76
N LYS C 101 10.76 14.46 40.30
CA LYS C 101 11.66 13.34 40.09
C LYS C 101 11.67 12.91 38.63
N SER C 102 10.52 12.48 38.12
CA SER C 102 10.38 12.08 36.73
C SER C 102 8.96 12.41 36.28
N ILE C 103 8.77 12.48 34.96
CA ILE C 103 7.48 12.85 34.38
C ILE C 103 7.02 11.75 33.43
N ILE C 104 5.72 11.48 33.44
CA ILE C 104 5.08 10.68 32.40
C ILE C 104 4.46 11.68 31.44
N GLY C 105 5.24 12.14 30.47
CA GLY C 105 4.78 13.16 29.56
C GLY C 105 3.74 12.64 28.59
N ILE C 106 2.86 13.54 28.17
CA ILE C 106 1.89 13.27 27.11
C ILE C 106 1.77 14.52 26.26
N GLY C 107 2.21 14.43 25.00
CA GLY C 107 2.24 15.58 24.11
C GLY C 107 1.43 15.33 22.86
N VAL C 108 0.94 16.41 22.26
CA VAL C 108 0.12 16.36 21.06
C VAL C 108 0.84 17.13 19.96
N GLY C 109 1.05 16.47 18.83
CA GLY C 109 1.68 17.14 17.70
C GLY C 109 3.10 17.58 18.03
N ALA C 110 3.34 18.88 17.92
CA ALA C 110 4.67 19.41 18.21
C ALA C 110 5.09 19.17 19.65
N GLY C 111 4.13 19.16 20.58
CA GLY C 111 4.45 18.79 21.95
C GLY C 111 4.97 17.36 22.05
N ALA C 112 4.41 16.46 21.25
CA ALA C 112 4.92 15.09 21.21
C ALA C 112 6.36 15.06 20.72
N TYR C 113 6.67 15.85 19.69
CA TYR C 113 8.04 15.93 19.20
C TYR C 113 8.97 16.49 20.27
N ILE C 114 8.53 17.51 20.98
CA ILE C 114 9.36 18.11 22.03
C ILE C 114 9.65 17.09 23.12
N LEU C 115 8.62 16.36 23.55
CA LEU C 115 8.80 15.35 24.59
C LEU C 115 9.70 14.22 24.10
N SER C 116 9.55 13.81 22.84
CA SER C 116 10.40 12.76 22.29
C SER C 116 11.86 13.20 22.25
N ARG C 117 12.11 14.43 21.80
CA ARG C 117 13.48 14.94 21.76
C ARG C 117 14.06 15.07 23.16
N PHE C 118 13.25 15.51 24.12
CA PHE C 118 13.72 15.60 25.51
C PHE C 118 14.05 14.22 26.06
N ALA C 119 13.23 13.22 25.75
CA ALA C 119 13.52 11.85 26.18
C ALA C 119 14.80 11.34 25.55
N LEU C 120 15.01 11.62 24.26
CA LEU C 120 16.24 11.21 23.59
C LEU C 120 17.46 11.87 24.23
N ASN C 121 17.36 13.16 24.54
CA ASN C 121 18.50 13.86 25.13
C ASN C 121 18.76 13.38 26.55
N HIS C 122 17.70 13.14 27.34
CA HIS C 122 17.82 12.76 28.74
C HIS C 122 16.94 11.53 29.00
N PRO C 123 17.43 10.34 28.68
CA PRO C 123 16.63 9.13 28.89
C PRO C 123 16.63 8.65 30.32
N GLU C 124 16.49 9.55 31.28
CA GLU C 124 16.34 9.19 32.69
C GLU C 124 15.26 9.98 33.41
N LEU C 125 14.86 11.15 32.90
CA LEU C 125 13.86 11.99 33.56
C LEU C 125 12.44 11.63 33.18
N VAL C 126 12.25 10.74 32.20
CA VAL C 126 10.92 10.37 31.72
C VAL C 126 10.73 8.87 31.89
N GLU C 127 9.59 8.50 32.47
CA GLU C 127 9.25 7.08 32.65
C GLU C 127 8.41 6.53 31.51
N GLY C 128 7.55 7.35 30.92
CA GLY C 128 6.73 6.91 29.81
C GLY C 128 6.18 8.11 29.07
N LEU C 129 5.81 7.89 27.82
CA LEU C 129 5.31 8.96 26.97
C LEU C 129 4.06 8.51 26.24
N VAL C 130 3.14 9.45 26.04
CA VAL C 130 1.94 9.25 25.23
C VAL C 130 2.02 10.25 24.09
N LEU C 131 2.49 9.80 22.93
CA LEU C 131 2.75 10.68 21.80
C LEU C 131 1.51 10.70 20.91
N ILE C 132 0.76 11.80 20.97
CA ILE C 132 -0.45 11.97 20.17
C ILE C 132 -0.08 12.71 18.89
N ASN C 133 -0.36 12.07 17.75
CA ASN C 133 -0.10 12.66 16.43
C ASN C 133 1.35 13.10 16.29
N VAL C 134 2.28 12.27 16.76
CA VAL C 134 3.70 12.60 16.68
C VAL C 134 4.17 12.52 15.24
N ASP C 135 5.09 13.40 14.87
CA ASP C 135 5.64 13.45 13.51
C ASP C 135 7.13 13.69 13.59
N PRO C 136 7.93 12.62 13.78
CA PRO C 136 9.39 12.73 13.85
C PRO C 136 10.06 12.72 12.47
N CYS C 137 9.53 13.51 11.54
CA CYS C 137 10.08 13.56 10.20
C CYS C 137 9.91 14.96 9.63
N ALA C 138 10.93 15.44 8.92
CA ALA C 138 10.85 16.75 8.28
C ALA C 138 9.91 16.70 7.09
N LYS C 139 9.43 17.88 6.68
CA LYS C 139 8.49 17.95 5.57
C LYS C 139 9.13 17.57 4.24
N GLY C 140 10.45 17.49 4.18
CA GLY C 140 11.11 17.10 2.94
C GLY C 140 10.85 18.11 1.84
N TRP C 141 10.53 17.61 0.65
CA TRP C 141 10.18 18.47 -0.47
C TRP C 141 8.89 18.01 -1.13
N ILE C 142 8.59 16.71 -1.03
CA ILE C 142 7.42 16.15 -1.71
C ILE C 142 6.14 16.80 -1.21
N ASP C 143 6.00 16.90 0.11
CA ASP C 143 4.86 17.61 0.69
C ASP C 143 5.15 19.08 0.92
N TRP C 144 6.43 19.46 0.99
CA TRP C 144 6.79 20.87 1.14
C TRP C 144 6.31 21.70 -0.05
N ALA C 145 6.42 21.14 -1.26
CA ALA C 145 5.95 21.86 -2.45
C ALA C 145 4.46 22.14 -2.36
N ALA C 146 3.68 21.15 -1.95
CA ALA C 146 2.24 21.34 -1.83
C ALA C 146 1.85 22.20 -0.63
N SER C 147 2.72 22.26 0.39
CA SER C 147 2.40 23.04 1.58
C SER C 147 2.46 24.54 1.33
N LYS C 148 3.10 24.99 0.25
CA LYS C 148 3.23 26.41 -0.01
C LYS C 148 2.89 26.83 -1.44
N LEU C 149 2.98 25.94 -2.43
CA LEU C 149 2.73 26.35 -3.81
C LEU C 149 1.24 26.64 -4.02
N SER C 150 0.37 25.72 -3.63
CA SER C 150 -1.07 25.93 -3.75
C SER C 150 -1.64 26.68 -2.56
N GLY C 151 -0.83 27.00 -1.55
CA GLY C 151 -1.30 27.71 -0.39
C GLY C 151 -0.56 29.00 -0.11
N LEU C 152 -0.20 29.73 -1.17
CA LEU C 152 0.47 31.02 -0.99
C LEU C 152 -0.44 31.99 -0.25
N THR C 153 -1.72 32.03 -0.61
CA THR C 153 -2.71 32.88 0.05
C THR C 153 -3.58 31.97 0.92
N THR C 154 -3.15 31.74 2.15
CA THR C 154 -3.87 30.88 3.08
C THR C 154 -3.68 31.41 4.49
N ASN C 155 -4.78 31.60 5.20
CA ASN C 155 -4.73 32.09 6.56
C ASN C 155 -4.07 31.06 7.48
N VAL C 156 -3.42 31.55 8.54
CA VAL C 156 -2.68 30.68 9.43
C VAL C 156 -3.62 29.72 10.17
N VAL C 157 -4.83 30.18 10.49
CA VAL C 157 -5.79 29.29 11.15
C VAL C 157 -6.20 28.16 10.21
N ASP C 158 -6.30 28.45 8.92
CA ASP C 158 -6.57 27.39 7.95
C ASP C 158 -5.43 26.38 7.91
N ILE C 159 -4.19 26.85 7.97
CA ILE C 159 -3.05 25.94 7.98
C ILE C 159 -3.07 25.06 9.22
N ILE C 160 -3.35 25.66 10.39
CA ILE C 160 -3.39 24.89 11.63
C ILE C 160 -4.52 23.86 11.59
N LEU C 161 -5.69 24.25 11.08
CA LEU C 161 -6.80 23.31 11.00
C LEU C 161 -6.50 22.18 10.03
N ALA C 162 -5.83 22.47 8.92
CA ALA C 162 -5.41 21.42 8.00
C ALA C 162 -4.41 20.47 8.68
N HIS C 163 -3.50 21.03 9.48
CA HIS C 163 -2.52 20.20 10.18
C HIS C 163 -3.18 19.30 11.20
N HIS C 164 -4.18 19.82 11.93
CA HIS C 164 -4.81 19.05 13.00
C HIS C 164 -5.93 18.14 12.47
N PHE C 165 -6.94 18.74 11.84
CA PHE C 165 -8.15 18.02 11.47
C PHE C 165 -8.03 17.41 10.08
N GLY C 166 -8.83 16.38 9.83
CA GLY C 166 -8.81 15.70 8.55
C GLY C 166 -9.40 16.54 7.43
N GLN C 167 -9.15 16.08 6.20
CA GLN C 167 -9.58 16.84 5.03
C GLN C 167 -11.09 16.98 4.98
N GLU C 168 -11.82 15.87 5.08
CA GLU C 168 -13.27 15.93 5.06
C GLU C 168 -13.82 16.58 6.32
N GLU C 169 -13.11 16.45 7.44
CA GLU C 169 -13.56 17.06 8.69
C GLU C 169 -13.59 18.57 8.59
N LEU C 170 -12.55 19.17 7.99
CA LEU C 170 -12.58 20.60 7.75
C LEU C 170 -13.46 20.98 6.57
N GLN C 171 -13.64 20.07 5.60
CA GLN C 171 -14.52 20.35 4.47
C GLN C 171 -15.96 20.50 4.92
N ALA C 172 -16.43 19.63 5.82
CA ALA C 172 -17.79 19.66 6.33
C ALA C 172 -17.73 20.00 7.82
N ASN C 173 -18.19 21.20 8.17
CA ASN C 173 -18.12 21.66 9.55
C ASN C 173 -19.14 20.93 10.41
N LEU C 174 -18.70 20.46 11.58
CA LEU C 174 -19.56 19.84 12.57
C LEU C 174 -19.67 20.68 13.84
N ASP C 175 -19.33 21.96 13.74
CA ASP C 175 -19.33 22.95 14.82
C ASP C 175 -18.18 22.73 15.79
N LEU C 176 -17.52 21.57 15.68
CA LEU C 176 -16.26 21.39 16.37
C LEU C 176 -15.14 22.13 15.64
N ILE C 177 -15.19 22.10 14.31
CA ILE C 177 -14.29 22.93 13.51
C ILE C 177 -14.48 24.40 13.87
N GLN C 178 -15.74 24.84 13.97
CA GLN C 178 -16.01 26.23 14.33
C GLN C 178 -15.51 26.56 15.73
N THR C 179 -15.77 25.67 16.69
CA THR C 179 -15.34 25.93 18.06
C THR C 179 -13.81 26.03 18.15
N TYR C 180 -13.09 25.10 17.53
CA TYR C 180 -11.65 25.15 17.62
C TYR C 180 -11.07 26.28 16.76
N ARG C 181 -11.73 26.65 15.67
CA ARG C 181 -11.28 27.80 14.89
C ARG C 181 -11.42 29.09 15.68
N MET C 182 -12.52 29.26 16.40
CA MET C 182 -12.66 30.44 17.24
C MET C 182 -11.69 30.39 18.42
N HIS C 183 -11.40 29.20 18.93
CA HIS C 183 -10.36 29.07 19.96
C HIS C 183 -9.00 29.52 19.43
N ILE C 184 -8.66 29.14 18.20
CA ILE C 184 -7.39 29.54 17.61
C ILE C 184 -7.36 31.04 17.37
N ALA C 185 -8.44 31.58 16.79
CA ALA C 185 -8.47 33.00 16.44
C ALA C 185 -8.40 33.87 17.69
N GLN C 186 -9.23 33.58 18.68
CA GLN C 186 -9.23 34.32 19.93
C GLN C 186 -8.20 33.71 20.88
N ASP C 187 -8.24 34.13 22.14
CA ASP C 187 -7.33 33.62 23.16
C ASP C 187 -5.88 33.85 22.74
N ILE C 188 -5.22 32.80 22.25
CA ILE C 188 -3.85 32.94 21.77
C ILE C 188 -3.82 33.87 20.57
N ASN C 189 -2.84 34.76 20.55
CA ASN C 189 -2.72 35.78 19.52
C ASN C 189 -2.06 35.19 18.27
N GLN C 190 -2.18 35.93 17.16
CA GLN C 190 -1.72 35.41 15.88
C GLN C 190 -0.20 35.46 15.73
N ASP C 191 0.46 36.45 16.33
CA ASP C 191 1.90 36.63 16.11
C ASP C 191 2.69 35.44 16.64
N ASN C 192 2.47 35.07 17.90
CA ASN C 192 3.18 33.94 18.47
C ASN C 192 2.76 32.63 17.80
N LEU C 193 1.51 32.55 17.34
CA LEU C 193 1.07 31.37 16.59
C LEU C 193 1.87 31.21 15.30
N GLN C 194 2.02 32.29 14.54
CA GLN C 194 2.81 32.24 13.32
C GLN C 194 4.26 31.91 13.61
N LEU C 195 4.82 32.50 14.68
CA LEU C 195 6.21 32.23 15.02
C LEU C 195 6.41 30.75 15.40
N PHE C 196 5.47 30.20 16.17
CA PHE C 196 5.54 28.80 16.55
C PHE C 196 5.41 27.89 15.33
N LEU C 197 4.50 28.23 14.41
CA LEU C 197 4.34 27.44 13.20
C LEU C 197 5.60 27.47 12.35
N ASN C 198 6.22 28.66 12.22
CA ASN C 198 7.46 28.76 11.46
C ASN C 198 8.57 27.94 12.12
N SER C 199 8.65 27.97 13.46
CA SER C 199 9.65 27.16 14.15
C SER C 199 9.41 25.67 13.93
N TYR C 200 8.14 25.26 13.97
CA TYR C 200 7.80 23.84 13.81
C TYR C 200 7.95 23.36 12.38
N ASN C 201 7.92 24.27 11.40
CA ASN C 201 8.07 23.85 10.02
C ASN C 201 9.45 23.27 9.73
N GLY C 202 10.44 23.62 10.54
CA GLY C 202 11.77 23.05 10.38
C GLY C 202 11.78 21.57 10.69
N ARG C 203 11.60 21.23 11.96
CA ARG C 203 11.35 19.86 12.42
C ARG C 203 12.44 18.91 11.90
N ARG C 204 13.65 19.12 12.42
CA ARG C 204 14.77 18.26 12.07
C ARG C 204 14.45 16.81 12.39
N ASP C 205 14.87 15.90 11.51
CA ASP C 205 14.48 14.50 11.62
C ASP C 205 14.98 13.90 12.93
N LEU C 206 14.06 13.43 13.75
CA LEU C 206 14.41 12.76 15.00
C LEU C 206 15.10 11.43 14.71
N GLU C 207 16.17 11.17 15.45
CA GLU C 207 16.97 9.96 15.24
C GLU C 207 16.37 8.82 16.05
N ILE C 208 15.58 7.98 15.38
CA ILE C 208 15.00 6.79 15.98
C ILE C 208 15.13 5.65 14.98
N GLU C 209 15.52 4.48 15.45
CA GLU C 209 15.68 3.31 14.60
C GLU C 209 15.30 2.06 15.37
N ARG C 210 14.50 1.21 14.76
CA ARG C 210 14.01 0.01 15.43
C ARG C 210 15.17 -0.97 15.63
N PRO C 211 15.42 -1.43 16.86
CA PRO C 211 16.49 -2.41 17.07
C PRO C 211 16.22 -3.70 16.30
N ILE C 212 17.28 -4.24 15.72
CA ILE C 212 17.24 -5.52 15.04
C ILE C 212 17.83 -6.57 15.96
N LEU C 213 17.32 -7.79 15.86
CA LEU C 213 17.56 -8.79 16.90
C LEU C 213 19.00 -9.30 16.90
N GLY C 214 19.87 -8.60 17.62
CA GLY C 214 21.22 -9.05 17.84
C GLY C 214 22.29 -8.49 16.92
N GLN C 215 21.97 -7.47 16.12
CA GLN C 215 22.95 -6.99 15.16
C GLN C 215 23.25 -5.50 15.29
N ASN C 216 22.23 -4.67 15.55
CA ASN C 216 22.41 -3.23 15.56
C ASN C 216 22.65 -2.67 16.96
N ASP C 217 23.18 -3.48 17.87
CA ASP C 217 23.52 -2.97 19.20
C ASP C 217 24.59 -1.89 19.14
N ASN C 218 25.40 -1.87 18.09
CA ASN C 218 26.42 -0.83 17.96
C ASN C 218 25.80 0.55 17.78
N LYS C 219 24.73 0.64 16.99
CA LYS C 219 24.06 1.91 16.73
C LYS C 219 22.56 1.72 16.92
N SER C 220 22.00 2.34 17.96
CA SER C 220 20.56 2.31 18.19
C SER C 220 20.21 3.49 19.09
N LYS C 221 19.23 4.29 18.68
CA LYS C 221 18.84 5.49 19.41
C LYS C 221 17.33 5.53 19.57
N THR C 222 16.75 4.41 19.99
CA THR C 222 15.32 4.31 20.23
C THR C 222 15.01 4.68 21.68
N LEU C 223 13.81 5.20 21.90
CA LEU C 223 13.40 5.61 23.23
C LEU C 223 13.41 4.43 24.20
N LYS C 224 13.84 4.70 25.43
CA LYS C 224 13.91 3.69 26.48
C LYS C 224 12.69 3.68 27.38
N CYS C 225 11.69 4.52 27.09
CA CYS C 225 10.50 4.64 27.93
C CYS C 225 9.34 3.87 27.31
N SER C 226 8.31 3.64 28.13
CA SER C 226 7.09 3.00 27.67
C SER C 226 6.29 4.01 26.86
N THR C 227 6.16 3.77 25.56
CA THR C 227 5.55 4.71 24.64
C THR C 227 4.14 4.27 24.27
N LEU C 228 3.24 5.24 24.13
CA LEU C 228 1.85 4.98 23.73
C LEU C 228 1.50 5.96 22.62
N LEU C 229 1.58 5.49 21.37
CA LEU C 229 1.26 6.32 20.22
C LEU C 229 -0.24 6.33 19.99
N VAL C 230 -0.84 7.51 19.96
CA VAL C 230 -2.27 7.67 19.76
C VAL C 230 -2.50 8.50 18.52
N VAL C 231 -3.45 8.06 17.69
CA VAL C 231 -3.82 8.80 16.48
C VAL C 231 -5.20 8.32 16.05
N GLY C 232 -6.05 9.27 15.65
CA GLY C 232 -7.34 8.90 15.10
C GLY C 232 -7.21 8.24 13.74
N ASP C 233 -8.18 7.39 13.42
CA ASP C 233 -8.14 6.68 12.15
C ASP C 233 -8.45 7.58 10.96
N ASN C 234 -8.97 8.78 11.18
CA ASN C 234 -9.34 9.67 10.10
C ASN C 234 -8.63 11.01 10.23
N SER C 235 -7.33 10.97 10.52
CA SER C 235 -6.53 12.17 10.66
C SER C 235 -5.43 12.20 9.61
N PRO C 236 -4.95 13.40 9.22
CA PRO C 236 -3.86 13.48 8.25
C PRO C 236 -2.50 13.11 8.80
N ALA C 237 -2.39 12.81 10.10
CA ALA C 237 -1.13 12.46 10.74
C ALA C 237 -0.98 10.96 10.95
N VAL C 238 -1.85 10.14 10.35
CA VAL C 238 -1.75 8.70 10.53
C VAL C 238 -0.43 8.17 10.00
N GLU C 239 -0.03 8.63 8.81
CA GLU C 239 1.23 8.18 8.24
C GLU C 239 2.42 8.57 9.09
N ALA C 240 2.37 9.76 9.69
CA ALA C 240 3.46 10.20 10.56
C ALA C 240 3.59 9.29 11.78
N VAL C 241 2.47 8.92 12.40
CA VAL C 241 2.53 8.07 13.58
C VAL C 241 2.97 6.67 13.21
N VAL C 242 2.50 6.15 12.07
CA VAL C 242 2.93 4.83 11.61
C VAL C 242 4.42 4.83 11.31
N GLU C 243 4.92 5.93 10.74
CA GLU C 243 6.36 6.08 10.57
C GLU C 243 7.08 6.10 11.92
N CYS C 244 6.47 6.73 12.92
CA CYS C 244 7.03 6.68 14.27
C CYS C 244 6.81 5.33 14.93
N ASN C 245 5.74 4.62 14.57
CA ASN C 245 5.54 3.27 15.08
C ASN C 245 6.64 2.34 14.59
N SER C 246 6.97 2.41 13.30
CA SER C 246 8.20 1.82 12.82
C SER C 246 9.39 2.63 13.35
N ARG C 247 10.57 2.05 13.25
CA ARG C 247 11.79 2.67 13.80
C ARG C 247 11.63 2.93 15.29
N LEU C 248 10.88 2.07 15.96
CA LEU C 248 10.63 2.19 17.39
C LEU C 248 10.49 0.78 17.96
N ASN C 249 11.16 0.52 19.08
CA ASN C 249 11.26 -0.80 19.69
C ASN C 249 9.87 -1.36 19.98
N PRO C 250 9.44 -2.41 19.27
CA PRO C 250 8.10 -2.97 19.45
C PRO C 250 7.99 -3.91 20.65
N ILE C 251 8.53 -3.48 21.79
CA ILE C 251 8.47 -4.27 23.01
C ILE C 251 7.84 -3.39 24.10
N ASN C 252 7.99 -2.08 23.96
CA ASN C 252 7.41 -1.13 24.88
C ASN C 252 6.46 -0.14 24.24
N THR C 253 6.67 0.21 22.98
CA THR C 253 5.77 1.13 22.30
C THR C 253 4.42 0.46 22.02
N THR C 254 3.40 1.29 21.84
CA THR C 254 2.07 0.82 21.50
C THR C 254 1.45 1.77 20.49
N LEU C 255 0.82 1.21 19.46
CA LEU C 255 0.13 2.00 18.45
C LEU C 255 -1.38 1.85 18.64
N LEU C 256 -2.07 2.98 18.75
CA LEU C 256 -3.51 3.00 18.95
C LEU C 256 -4.13 3.89 17.87
N LYS C 257 -4.74 3.27 16.87
CA LYS C 257 -5.51 3.97 15.84
C LYS C 257 -6.98 3.84 16.22
N MET C 258 -7.52 4.86 16.87
CA MET C 258 -8.90 4.81 17.35
C MET C 258 -9.88 4.85 16.18
N ALA C 259 -10.94 4.05 16.29
CA ALA C 259 -11.79 3.78 15.14
C ALA C 259 -12.66 4.97 14.77
N ASP C 260 -13.51 5.41 15.70
CA ASP C 260 -14.54 6.41 15.41
C ASP C 260 -14.06 7.84 15.64
N CYS C 261 -12.75 8.08 15.54
CA CYS C 261 -12.21 9.40 15.83
C CYS C 261 -11.39 9.94 14.66
N GLY C 262 -10.69 11.05 14.89
CA GLY C 262 -9.89 11.68 13.86
C GLY C 262 -9.61 13.13 14.20
N GLY C 263 -8.39 13.59 13.92
CA GLY C 263 -8.00 14.94 14.28
C GLY C 263 -7.35 15.01 15.64
N LEU C 264 -8.13 15.38 16.66
CA LEU C 264 -7.63 15.43 18.03
C LEU C 264 -8.33 14.35 18.85
N PRO C 265 -7.69 13.19 19.07
CA PRO C 265 -8.34 12.13 19.86
C PRO C 265 -8.58 12.50 21.31
N GLN C 266 -7.93 13.55 21.81
CA GLN C 266 -8.06 13.90 23.21
C GLN C 266 -9.42 14.52 23.53
N VAL C 267 -10.04 15.17 22.55
CA VAL C 267 -11.32 15.83 22.76
C VAL C 267 -12.47 15.10 22.08
N VAL C 268 -12.24 14.50 20.91
CA VAL C 268 -13.33 13.82 20.19
C VAL C 268 -13.79 12.58 20.94
N GLN C 269 -12.83 11.76 21.40
CA GLN C 269 -13.12 10.52 22.11
C GLN C 269 -12.33 10.50 23.41
N PRO C 270 -12.78 11.24 24.42
CA PRO C 270 -12.02 11.25 25.68
C PRO C 270 -12.20 9.98 26.51
N GLY C 271 -13.37 9.35 26.46
CA GLY C 271 -13.63 8.22 27.32
C GLY C 271 -12.84 6.98 26.96
N LYS C 272 -12.44 6.85 25.70
CA LYS C 272 -11.57 5.75 25.29
C LYS C 272 -10.10 6.09 25.47
N LEU C 273 -9.73 7.35 25.25
CA LEU C 273 -8.34 7.77 25.45
C LEU C 273 -7.95 7.67 26.92
N THR C 274 -8.85 8.05 27.83
CA THR C 274 -8.54 7.95 29.25
C THR C 274 -8.41 6.49 29.69
N GLU C 275 -9.24 5.60 29.13
CA GLU C 275 -9.11 4.18 29.42
C GLU C 275 -7.78 3.63 28.91
N ALA C 276 -7.38 4.03 27.70
CA ALA C 276 -6.10 3.60 27.16
C ALA C 276 -4.95 4.10 28.03
N PHE C 277 -5.02 5.36 28.46
CA PHE C 277 -3.97 5.90 29.32
C PHE C 277 -3.93 5.18 30.66
N LYS C 278 -5.10 4.84 31.21
CA LYS C 278 -5.14 4.12 32.47
C LYS C 278 -4.52 2.73 32.33
N TYR C 279 -4.84 2.02 31.24
CA TYR C 279 -4.23 0.70 31.02
C TYR C 279 -2.73 0.82 30.78
N PHE C 280 -2.30 1.88 30.10
CA PHE C 280 -0.88 2.10 29.85
C PHE C 280 -0.12 2.39 31.14
N LEU C 281 -0.73 3.16 32.04
CA LEU C 281 -0.07 3.47 33.31
C LEU C 281 -0.12 2.28 34.25
N GLN C 282 -1.18 1.47 34.18
CA GLN C 282 -1.34 0.36 35.12
C GLN C 282 -0.31 -0.72 34.90
N GLY C 283 0.17 -0.88 33.67
CA GLY C 283 1.22 -1.84 33.40
C GLY C 283 2.61 -1.39 33.77
N MET C 284 2.75 -0.15 34.20
CA MET C 284 4.02 0.40 34.67
C MET C 284 4.16 0.33 36.18
N GLY C 285 3.30 -0.43 36.85
CA GLY C 285 3.31 -0.53 38.29
C GLY C 285 2.54 0.56 39.01
N TYR C 286 1.90 1.47 38.29
CA TYR C 286 1.14 2.56 38.88
C TYR C 286 -0.35 2.24 38.87
N ILE C 287 -1.08 2.98 39.70
CA ILE C 287 -2.50 2.77 40.01
C ILE C 287 -2.87 1.29 39.97
N PRO C 288 -2.23 0.45 40.79
CA PRO C 288 -2.54 -0.99 40.71
C PRO C 288 -3.90 -1.33 41.28
N SER C 289 -4.30 -0.68 42.36
CA SER C 289 -5.61 -0.91 42.97
C SER C 289 -6.68 -0.03 42.33
N ALA C 290 -6.74 -0.06 41.02
CA ALA C 290 -7.72 0.68 40.25
C ALA C 290 -8.84 -0.26 39.79
N SER C 291 -9.73 0.25 38.96
CA SER C 291 -10.84 -0.53 38.44
C SER C 291 -10.65 -0.74 36.93
N MET C 292 -10.87 -1.96 36.47
CA MET C 292 -10.75 -2.28 35.06
C MET C 292 -12.01 -1.77 34.34
N THR C 293 -11.83 -0.82 33.43
CA THR C 293 -12.95 -0.22 32.74
C THR C 293 -13.66 -1.26 31.87
N ARG C 294 -14.95 -1.04 31.67
CA ARG C 294 -15.88 -1.86 30.89
C ARG C 294 -16.27 -3.15 31.61
N LEU C 295 -15.81 -3.35 32.85
CA LEU C 295 -16.14 -4.56 33.60
C LEU C 295 -17.55 -4.48 34.17
N ALA C 296 -18.52 -4.35 33.25
CA ALA C 296 -19.93 -4.24 33.59
C ALA C 296 -20.17 -3.11 34.60
N ARG C 297 -19.46 -2.00 34.41
CA ARG C 297 -19.57 -0.80 35.23
C ARG C 297 -18.96 -1.01 36.62
N SER C 298 -18.57 -2.24 36.93
CA SER C 298 -18.00 -2.54 38.24
C SER C 298 -17.12 -3.80 38.20
NA NA D . -0.59 -3.20 -23.18
NA NA E . -4.46 0.06 -23.36
PG ACP F . -2.92 -18.18 28.46
O1G ACP F . -4.16 -17.90 29.23
O2G ACP F . -2.96 -19.53 27.72
O3G ACP F . -2.64 -17.09 27.40
PB ACP F . -1.62 -19.46 30.84
O1B ACP F . -2.61 -18.97 31.87
O2B ACP F . -0.22 -19.67 31.46
C3B ACP F . -1.48 -18.21 29.52
PA ACP F . -1.47 -22.10 30.82
O1A ACP F . -0.07 -22.23 30.40
O2A ACP F . -2.32 -23.31 30.46
O3A ACP F . -2.17 -20.83 30.18
O5' ACP F . -1.62 -21.87 32.37
C5' ACP F . -2.25 -22.85 33.22
C4' ACP F . -2.30 -22.31 34.62
O4' ACP F . -1.10 -22.67 35.32
C3' ACP F . -2.35 -20.80 34.72
O3' ACP F . -3.68 -20.32 34.61
C2' ACP F . -1.77 -20.53 36.11
O2' ACP F . -2.77 -20.62 37.13
C1' ACP F . -0.74 -21.67 36.25
N9 ACP F . 0.63 -21.25 35.99
C8 ACP F . 1.05 -20.34 35.05
N7 ACP F . 2.35 -20.14 35.04
C5 ACP F . 2.81 -20.99 36.03
C6 ACP F . 4.10 -21.25 36.53
N6 ACP F . 5.21 -20.68 36.06
N1 ACP F . 4.23 -22.15 37.53
C2 ACP F . 3.12 -22.74 38.01
N3 ACP F . 1.86 -22.56 37.62
C4 ACP F . 1.77 -21.67 36.63
#